data_9NLG
#
_entry.id   9NLG
#
_cell.length_a   70.564
_cell.length_b   77.833
_cell.length_c   80.989
_cell.angle_alpha   63.400
_cell.angle_beta   80.840
_cell.angle_gamma   79.170
#
_symmetry.space_group_name_H-M   'P 1'
#
loop_
_entity.id
_entity.type
_entity.pdbx_description
1 polymer 'HNH endonuclease'
2 non-polymer 'ZINC ION'
3 non-polymer "3'2'-cGAMP"
4 non-polymer GLYCEROL
5 water water
#
_entity_poly.entity_id   1
_entity_poly.type   'polypeptide(L)'
_entity_poly.pdbx_seq_one_letter_code
;MAEKEDAKPASGRFNTNDETKRIVWTQTAGHCELCGTDLTFDYRAGKPMKWGEVAAILPASPKGPRGRADHDAEAHTNDT
ANLMLLCPGCHDKIDRDADGYPENDLSGLHQAYLERIRLAATTPDGGRAIPLIVQSQHFQTINDIPVRDLLTAMSAEGLT
AFDQGIKIAFAAPGPRGRDTTYWQNVKDSVQYELEQQLKRRGGTYGDSPALAVVGLADIPALMMLGQSIGDRSKRLIFSF
HREHLLRWPDQSAEPPSFLFTPPPNGDGPLALVLSISAQVPVRDVTDALPGARIAELSIPEPSYAMVQNRRVIHAFRDAL
QIRLSQLEALTPDPIHVFAAIPAALAIEFGALLTTQHQHTYLIFDRDKENQDRFTQTLQLGPVAQEAM
;
_entity_poly.pdbx_strand_id   A,B,C,D
#
# COMPACT_ATOMS: atom_id res chain seq x y z
N PHE A 14 16.44 -42.25 9.73
CA PHE A 14 15.55 -41.22 10.27
C PHE A 14 15.15 -40.24 9.18
N ASN A 15 14.72 -40.78 8.05
CA ASN A 15 14.34 -39.99 6.88
C ASN A 15 12.84 -40.10 6.65
N THR A 16 12.17 -38.96 6.58
CA THR A 16 10.74 -38.93 6.29
C THR A 16 10.49 -39.57 4.92
N ASN A 17 9.57 -40.53 4.89
CA ASN A 17 9.30 -41.24 3.64
C ASN A 17 8.43 -40.40 2.71
N ASP A 18 8.31 -40.89 1.47
CA ASP A 18 7.65 -40.13 0.42
C ASP A 18 6.17 -39.98 0.69
N GLU A 19 5.54 -41.02 1.24
CA GLU A 19 4.11 -40.95 1.54
C GLU A 19 3.83 -39.81 2.51
N THR A 20 4.66 -39.71 3.56
CA THR A 20 4.47 -38.68 4.58
C THR A 20 4.74 -37.29 3.99
N LYS A 21 5.78 -37.16 3.17
CA LYS A 21 6.02 -35.88 2.53
C LYS A 21 4.82 -35.47 1.70
N ARG A 22 4.19 -36.41 1.00
CA ARG A 22 3.03 -36.08 0.19
C ARG A 22 1.85 -35.65 1.06
N ILE A 23 1.69 -36.28 2.23
CA ILE A 23 0.64 -35.87 3.16
C ILE A 23 0.89 -34.45 3.65
N VAL A 24 2.15 -34.14 3.95
CA VAL A 24 2.50 -32.80 4.42
C VAL A 24 2.14 -31.76 3.36
N TRP A 25 2.53 -32.02 2.12
CA TRP A 25 2.16 -31.11 1.03
C TRP A 25 0.65 -30.99 0.91
N THR A 26 -0.08 -32.10 1.05
CA THR A 26 -1.52 -32.07 0.92
C THR A 26 -2.18 -31.27 2.03
N GLN A 27 -1.87 -31.59 3.30
CA GLN A 27 -2.58 -30.98 4.41
C GLN A 27 -2.30 -29.49 4.55
N THR A 28 -1.23 -28.99 3.94
CA THR A 28 -0.91 -27.58 3.97
C THR A 28 -1.35 -26.84 2.70
N ALA A 29 -1.94 -27.55 1.74
CA ALA A 29 -2.31 -26.99 0.44
C ALA A 29 -1.09 -26.39 -0.27
N GLY A 30 0.09 -26.90 0.05
CA GLY A 30 1.30 -26.49 -0.65
C GLY A 30 1.75 -25.07 -0.43
N HIS A 31 1.43 -24.49 0.72
CA HIS A 31 1.90 -23.17 1.09
C HIS A 31 2.80 -23.26 2.32
N CYS A 32 3.71 -22.30 2.45
CA CYS A 32 4.57 -22.23 3.61
C CYS A 32 3.77 -21.90 4.86
N GLU A 33 3.90 -22.74 5.88
CA GLU A 33 3.09 -22.56 7.07
C GLU A 33 3.47 -21.31 7.86
N LEU A 34 4.67 -20.77 7.64
CA LEU A 34 5.11 -19.62 8.41
C LEU A 34 5.00 -18.28 7.67
N CYS A 35 5.00 -18.28 6.33
CA CYS A 35 4.83 -17.02 5.62
C CYS A 35 3.71 -17.02 4.58
N GLY A 36 3.08 -18.16 4.31
CA GLY A 36 1.94 -18.20 3.41
C GLY A 36 2.25 -18.21 1.92
N THR A 37 3.52 -18.24 1.54
CA THR A 37 3.85 -18.19 0.11
C THR A 37 3.49 -19.52 -0.55
N ASP A 38 3.12 -19.44 -1.84
CA ASP A 38 2.73 -20.60 -2.63
C ASP A 38 3.98 -21.36 -3.07
N LEU A 39 4.13 -22.60 -2.61
CA LEU A 39 5.32 -23.39 -2.88
C LEU A 39 5.15 -24.34 -4.06
N THR A 40 4.07 -24.18 -4.84
CA THR A 40 3.79 -25.06 -5.95
C THR A 40 4.11 -24.44 -7.31
N PHE A 41 4.53 -23.17 -7.34
CA PHE A 41 4.69 -22.44 -8.58
C PHE A 41 5.73 -21.36 -8.35
N ASP A 42 6.51 -21.07 -9.39
CA ASP A 42 7.41 -19.92 -9.40
C ASP A 42 6.79 -18.83 -10.28
N TYR A 43 6.25 -17.80 -9.65
CA TYR A 43 5.55 -16.78 -10.41
C TYR A 43 6.49 -15.86 -11.17
N ARG A 44 7.78 -15.85 -10.83
CA ARG A 44 8.70 -14.94 -11.51
C ARG A 44 8.99 -15.40 -12.94
N ALA A 45 9.28 -16.70 -13.12
CA ALA A 45 9.61 -17.23 -14.43
C ALA A 45 8.51 -18.11 -15.02
N GLY A 46 7.51 -18.50 -14.22
CA GLY A 46 6.34 -19.14 -14.75
C GLY A 46 6.33 -20.66 -14.79
N LYS A 47 7.24 -21.31 -14.07
CA LYS A 47 7.23 -22.77 -14.14
C LYS A 47 6.56 -23.37 -12.90
N PRO A 48 5.69 -24.37 -13.06
CA PRO A 48 5.29 -25.17 -11.89
C PRO A 48 6.54 -25.80 -11.28
N MET A 49 6.68 -25.65 -9.98
CA MET A 49 7.81 -26.25 -9.29
C MET A 49 7.44 -26.39 -7.82
N LYS A 50 7.80 -27.53 -7.25
CA LYS A 50 7.58 -27.85 -5.86
C LYS A 50 8.83 -27.42 -5.12
N TRP A 51 8.86 -26.15 -4.68
CA TRP A 51 10.07 -25.59 -4.12
C TRP A 51 10.01 -25.45 -2.60
N GLY A 52 9.01 -26.04 -1.96
CA GLY A 52 8.97 -26.10 -0.51
C GLY A 52 9.81 -27.24 0.05
N GLU A 53 9.96 -27.25 1.37
CA GLU A 53 10.73 -28.25 2.09
C GLU A 53 9.92 -28.78 3.26
N VAL A 54 9.97 -30.09 3.48
CA VAL A 54 9.35 -30.69 4.65
C VAL A 54 10.34 -30.57 5.79
N ALA A 55 9.94 -29.88 6.85
CA ALA A 55 10.83 -29.48 7.94
C ALA A 55 10.38 -30.10 9.25
N ALA A 56 11.34 -30.64 10.00
CA ALA A 56 11.06 -31.24 11.30
C ALA A 56 11.16 -30.19 12.40
N ILE A 57 10.15 -30.16 13.27
CA ILE A 57 10.22 -29.29 14.44
C ILE A 57 11.25 -29.83 15.43
N LEU A 58 11.01 -31.03 15.92
CA LEU A 58 11.99 -31.73 16.75
C LEU A 58 12.97 -32.47 15.84
N PRO A 59 14.27 -32.26 15.99
CA PRO A 59 15.24 -32.88 15.09
C PRO A 59 15.48 -34.34 15.44
N ALA A 60 16.02 -35.07 14.46
CA ALA A 60 16.35 -36.47 14.70
C ALA A 60 17.49 -36.61 15.69
N SER A 61 18.51 -35.78 15.58
CA SER A 61 19.62 -35.76 16.52
C SER A 61 19.31 -34.84 17.69
N PRO A 62 19.59 -35.24 18.94
CA PRO A 62 19.40 -34.31 20.06
C PRO A 62 20.31 -33.10 19.98
N LYS A 63 21.28 -33.09 19.06
CA LYS A 63 22.16 -31.94 18.87
C LYS A 63 21.65 -30.96 17.83
N GLY A 64 20.59 -31.29 17.10
CA GLY A 64 20.04 -30.40 16.12
C GLY A 64 19.27 -29.26 16.78
N PRO A 65 18.76 -28.35 15.95
CA PRO A 65 17.95 -27.24 16.50
C PRO A 65 16.66 -27.78 17.11
N ARG A 66 16.39 -27.37 18.36
CA ARG A 66 15.30 -27.83 19.19
C ARG A 66 15.52 -29.27 19.68
N GLY A 67 16.73 -29.79 19.52
CA GLY A 67 16.99 -31.15 19.94
C GLY A 67 16.80 -31.34 21.44
N ARG A 68 16.27 -32.51 21.79
CA ARG A 68 16.04 -32.89 23.19
C ARG A 68 16.09 -34.40 23.28
N ALA A 69 16.68 -34.90 24.37
CA ALA A 69 16.86 -36.34 24.51
C ALA A 69 15.52 -37.07 24.56
N ASP A 70 14.55 -36.52 25.30
CA ASP A 70 13.27 -37.22 25.47
C ASP A 70 12.55 -37.46 24.15
N HIS A 71 12.95 -36.80 23.07
CA HIS A 71 12.36 -37.03 21.76
C HIS A 71 12.92 -38.32 21.15
N ASP A 72 12.04 -39.27 20.89
CA ASP A 72 12.40 -40.55 20.26
C ASP A 72 12.28 -40.39 18.75
N ALA A 73 13.40 -40.08 18.10
CA ALA A 73 13.39 -39.84 16.66
C ALA A 73 12.63 -40.91 15.90
N GLU A 74 12.95 -42.18 16.14
CA GLU A 74 12.30 -43.28 15.42
C GLU A 74 10.80 -43.11 15.41
N ALA A 75 10.21 -42.81 16.58
CA ALA A 75 8.76 -42.77 16.72
C ALA A 75 8.11 -41.59 16.01
N HIS A 76 8.88 -40.59 15.55
CA HIS A 76 8.30 -39.38 15.00
C HIS A 76 8.94 -38.97 13.67
N THR A 77 9.68 -39.86 13.03
CA THR A 77 10.26 -39.55 11.73
C THR A 77 9.16 -39.21 10.72
N ASN A 78 8.04 -39.90 10.79
CA ASN A 78 6.94 -39.72 9.85
C ASN A 78 5.67 -39.29 10.58
N ASP A 79 5.83 -38.50 11.63
CA ASP A 79 4.72 -37.98 12.41
C ASP A 79 4.45 -36.56 11.90
N THR A 80 3.32 -36.37 11.21
CA THR A 80 3.05 -35.06 10.61
C THR A 80 2.79 -33.99 11.65
N ALA A 81 2.54 -34.35 12.91
CA ALA A 81 2.49 -33.35 13.97
C ALA A 81 3.86 -32.69 14.18
N ASN A 82 4.92 -33.32 13.70
CA ASN A 82 6.26 -32.80 13.84
C ASN A 82 6.83 -32.23 12.54
N LEU A 83 6.05 -32.22 11.46
CA LEU A 83 6.56 -31.88 10.14
C LEU A 83 5.75 -30.73 9.55
N MET A 84 6.45 -29.66 9.18
CA MET A 84 5.86 -28.48 8.58
C MET A 84 6.30 -28.36 7.13
N LEU A 85 5.44 -27.82 6.29
CA LEU A 85 5.85 -27.42 4.95
C LEU A 85 6.33 -25.97 5.03
N LEU A 86 7.59 -25.75 4.67
CA LEU A 86 8.18 -24.42 4.77
C LEU A 86 8.88 -24.05 3.47
N CYS A 87 8.96 -22.76 3.21
CA CYS A 87 9.82 -22.31 2.14
C CYS A 87 11.27 -22.43 2.58
N PRO A 88 12.19 -22.46 1.63
CA PRO A 88 13.60 -22.63 2.01
C PRO A 88 14.10 -21.56 2.96
N GLY A 89 13.62 -20.33 2.81
CA GLY A 89 14.08 -19.26 3.68
C GLY A 89 13.59 -19.42 5.10
N CYS A 90 12.29 -19.67 5.28
CA CYS A 90 11.79 -19.86 6.64
C CYS A 90 12.43 -21.09 7.30
N HIS A 91 12.64 -22.16 6.52
CA HIS A 91 13.31 -23.33 7.08
C HIS A 91 14.73 -22.97 7.54
N ASP A 92 15.45 -22.20 6.74
N ASP A 92 15.46 -22.22 6.74
CA ASP A 92 16.83 -21.86 7.09
CA ASP A 92 16.83 -21.87 7.10
C ASP A 92 16.87 -21.03 8.36
C ASP A 92 16.85 -21.05 8.39
N LYS A 93 15.92 -20.10 8.51
CA LYS A 93 15.87 -19.27 9.71
C LYS A 93 15.54 -20.08 10.96
N ILE A 94 14.57 -20.99 10.88
CA ILE A 94 14.19 -21.68 12.11
C ILE A 94 15.31 -22.63 12.55
N ASP A 95 16.10 -23.14 11.60
CA ASP A 95 17.21 -24.02 11.95
C ASP A 95 18.44 -23.25 12.42
N ARG A 96 18.57 -21.97 12.05
CA ARG A 96 19.65 -21.13 12.54
C ARG A 96 19.35 -20.44 13.86
N ASP A 97 18.09 -20.46 14.34
CA ASP A 97 17.72 -19.74 15.55
C ASP A 97 16.73 -20.57 16.36
N ALA A 98 17.23 -21.63 17.00
CA ALA A 98 16.36 -22.53 17.75
C ALA A 98 15.71 -21.81 18.94
N ASP A 99 16.47 -20.96 19.63
CA ASP A 99 15.91 -20.24 20.77
C ASP A 99 14.78 -19.32 20.34
N GLY A 100 14.91 -18.71 19.16
CA GLY A 100 13.90 -17.79 18.67
C GLY A 100 12.70 -18.47 18.02
N TYR A 101 12.83 -19.75 17.68
CA TYR A 101 11.72 -20.53 17.12
C TYR A 101 11.61 -21.83 17.90
N PRO A 102 11.18 -21.76 19.15
CA PRO A 102 11.16 -22.96 19.99
C PRO A 102 10.09 -23.95 19.56
N GLU A 103 10.31 -25.20 19.98
CA GLU A 103 9.39 -26.28 19.65
C GLU A 103 7.93 -25.94 19.93
N ASN A 104 7.64 -25.44 21.13
CA ASN A 104 6.23 -25.20 21.49
C ASN A 104 5.61 -24.12 20.61
N ASP A 105 6.38 -23.09 20.29
CA ASP A 105 5.85 -22.02 19.45
C ASP A 105 5.58 -22.52 18.03
N LEU A 106 6.52 -23.28 17.45
CA LEU A 106 6.29 -23.81 16.12
C LEU A 106 5.14 -24.80 16.11
N SER A 107 5.07 -25.69 17.11
CA SER A 107 3.96 -26.63 17.16
C SER A 107 2.62 -25.91 17.21
N GLY A 108 2.54 -24.81 17.98
CA GLY A 108 1.30 -24.07 18.05
C GLY A 108 0.93 -23.41 16.73
N LEU A 109 1.92 -22.84 16.05
CA LEU A 109 1.65 -22.23 14.75
C LEU A 109 1.22 -23.28 13.73
N HIS A 110 1.90 -24.44 13.75
CA HIS A 110 1.59 -25.55 12.87
C HIS A 110 0.16 -26.02 13.05
N GLN A 111 -0.26 -26.25 14.29
CA GLN A 111 -1.62 -26.73 14.51
C GLN A 111 -2.64 -25.66 14.14
N ALA A 112 -2.35 -24.40 14.43
CA ALA A 112 -3.27 -23.33 14.05
C ALA A 112 -3.41 -23.27 12.53
N TYR A 113 -2.30 -23.44 11.80
CA TYR A 113 -2.35 -23.40 10.35
C TYR A 113 -3.22 -24.52 9.79
N LEU A 114 -2.98 -25.75 10.25
CA LEU A 114 -3.75 -26.89 9.77
C LEU A 114 -5.24 -26.73 10.09
N GLU A 115 -5.57 -26.15 11.25
CA GLU A 115 -6.97 -26.00 11.61
C GLU A 115 -7.68 -24.99 10.73
N ARG A 116 -6.99 -23.95 10.27
CA ARG A 116 -7.62 -23.01 9.34
C ARG A 116 -7.95 -23.68 8.03
N ILE A 117 -7.06 -24.56 7.54
CA ILE A 117 -7.32 -25.32 6.33
C ILE A 117 -8.54 -26.21 6.53
N ARG A 118 -8.57 -26.92 7.67
CA ARG A 118 -9.66 -27.85 7.93
C ARG A 118 -11.01 -27.13 7.95
N LEU A 119 -11.08 -25.96 8.61
CA LEU A 119 -12.34 -25.22 8.67
C LEU A 119 -12.76 -24.71 7.31
N ALA A 120 -11.81 -24.26 6.50
CA ALA A 120 -12.13 -23.83 5.15
C ALA A 120 -12.70 -24.99 4.34
N ALA A 121 -12.10 -26.18 4.48
CA ALA A 121 -12.53 -27.34 3.71
C ALA A 121 -13.90 -27.85 4.12
N THR A 122 -14.33 -27.57 5.35
CA THR A 122 -15.57 -28.12 5.89
C THR A 122 -16.69 -27.10 5.95
N THR A 123 -16.46 -25.88 5.49
CA THR A 123 -17.48 -24.84 5.51
C THR A 123 -18.41 -24.99 4.32
N PRO A 124 -19.73 -25.03 4.53
CA PRO A 124 -20.64 -25.11 3.39
C PRO A 124 -20.61 -23.84 2.54
N ASP A 125 -20.79 -24.03 1.23
CA ASP A 125 -20.83 -22.93 0.28
C ASP A 125 -22.06 -22.06 0.54
N GLY A 126 -21.83 -20.75 0.71
CA GLY A 126 -22.93 -19.83 0.92
C GLY A 126 -23.07 -18.77 -0.16
N GLY A 127 -22.37 -18.95 -1.28
CA GLY A 127 -22.54 -18.06 -2.40
C GLY A 127 -21.52 -16.94 -2.42
N ARG A 128 -21.72 -16.03 -3.38
CA ARG A 128 -20.82 -14.92 -3.64
C ARG A 128 -21.32 -13.65 -2.96
N ALA A 129 -20.39 -12.76 -2.63
CA ALA A 129 -20.72 -11.42 -2.18
C ALA A 129 -19.59 -10.48 -2.52
N ILE A 130 -19.94 -9.21 -2.73
CA ILE A 130 -18.98 -8.14 -2.98
C ILE A 130 -18.47 -7.65 -1.64
N PRO A 131 -17.17 -7.76 -1.34
CA PRO A 131 -16.66 -7.16 -0.11
C PRO A 131 -16.66 -5.65 -0.24
N LEU A 132 -17.12 -4.97 0.81
CA LEU A 132 -17.19 -3.51 0.81
C LEU A 132 -16.72 -2.99 2.15
N ILE A 133 -15.63 -2.22 2.14
CA ILE A 133 -15.10 -1.55 3.32
C ILE A 133 -15.25 -0.05 3.11
N VAL A 134 -15.84 0.63 4.09
CA VAL A 134 -15.97 2.08 4.07
C VAL A 134 -15.40 2.62 5.37
N GLN A 135 -14.39 3.48 5.28
CA GLN A 135 -13.72 3.97 6.48
C GLN A 135 -13.45 5.46 6.34
N SER A 136 -13.48 6.17 7.46
CA SER A 136 -13.21 7.59 7.46
C SER A 136 -11.78 7.86 7.88
N GLN A 137 -11.43 9.15 7.85
CA GLN A 137 -10.17 9.64 8.39
C GLN A 137 -10.44 10.77 9.37
N HIS A 138 -11.57 10.76 10.06
CA HIS A 138 -11.89 11.85 10.95
C HIS A 138 -11.37 11.64 12.37
N PHE A 139 -10.85 10.46 12.66
CA PHE A 139 -10.21 10.22 13.94
C PHE A 139 -8.80 10.80 13.92
N GLN A 140 -8.25 11.02 15.11
CA GLN A 140 -6.86 11.43 15.24
C GLN A 140 -5.92 10.25 15.45
N THR A 141 -6.28 9.09 14.92
CA THR A 141 -5.46 7.89 14.90
C THR A 141 -5.61 7.26 13.53
N ILE A 142 -4.70 6.35 13.19
CA ILE A 142 -4.91 5.51 12.02
C ILE A 142 -6.24 4.78 12.17
N ASN A 143 -6.97 4.67 11.06
CA ASN A 143 -8.25 3.95 10.99
C ASN A 143 -8.19 3.08 9.74
N ASP A 144 -8.10 1.76 9.92
CA ASP A 144 -7.84 0.90 8.76
C ASP A 144 -8.36 -0.50 9.02
N ILE A 145 -9.38 -0.91 8.27
CA ILE A 145 -9.95 -2.24 8.33
C ILE A 145 -9.19 -3.12 7.34
N PRO A 146 -8.55 -4.21 7.79
CA PRO A 146 -7.83 -5.07 6.84
C PRO A 146 -8.78 -5.81 5.92
N VAL A 147 -8.45 -5.82 4.64
CA VAL A 147 -9.21 -6.57 3.65
C VAL A 147 -9.23 -8.06 4.00
N ARG A 148 -8.07 -8.60 4.41
CA ARG A 148 -8.02 -10.02 4.73
C ARG A 148 -9.03 -10.39 5.80
N ASP A 149 -9.21 -9.52 6.79
CA ASP A 149 -10.12 -9.86 7.88
C ASP A 149 -11.58 -9.90 7.43
N LEU A 150 -12.00 -8.98 6.55
CA LEU A 150 -13.36 -9.08 6.01
C LEU A 150 -13.54 -10.36 5.20
N LEU A 151 -12.56 -10.67 4.33
CA LEU A 151 -12.65 -11.89 3.53
C LEU A 151 -12.69 -13.13 4.41
N THR A 152 -11.94 -13.11 5.53
CA THR A 152 -11.94 -14.26 6.44
C THR A 152 -13.28 -14.41 7.15
N ALA A 153 -13.87 -13.29 7.59
CA ALA A 153 -15.20 -13.35 8.18
C ALA A 153 -16.22 -13.82 7.15
N MET A 154 -16.11 -13.33 5.92
CA MET A 154 -16.97 -13.83 4.86
C MET A 154 -16.84 -15.34 4.71
N SER A 155 -15.61 -15.84 4.61
CA SER A 155 -15.39 -17.26 4.37
C SER A 155 -15.96 -18.10 5.51
N ALA A 156 -15.85 -17.61 6.74
CA ALA A 156 -16.36 -18.37 7.87
C ALA A 156 -17.87 -18.58 7.79
N GLU A 157 -18.56 -17.70 7.04
CA GLU A 157 -19.98 -17.77 6.76
C GLU A 157 -20.29 -18.37 5.39
N GLY A 158 -19.28 -18.95 4.72
CA GLY A 158 -19.44 -19.56 3.42
C GLY A 158 -19.46 -18.62 2.24
N LEU A 159 -19.14 -17.34 2.45
CA LEU A 159 -19.16 -16.35 1.38
C LEU A 159 -17.77 -16.21 0.77
N THR A 160 -17.71 -16.19 -0.55
CA THR A 160 -16.48 -15.89 -1.27
C THR A 160 -16.74 -14.77 -2.29
N ALA A 161 -15.65 -14.21 -2.79
CA ALA A 161 -15.68 -13.06 -3.67
C ALA A 161 -14.84 -13.35 -4.91
N PHE A 162 -15.20 -12.67 -6.01
CA PHE A 162 -14.43 -12.77 -7.23
C PHE A 162 -13.20 -11.88 -7.21
N ASP A 163 -13.16 -10.88 -6.34
CA ASP A 163 -12.03 -9.98 -6.20
C ASP A 163 -12.01 -9.52 -4.76
N GLN A 164 -10.95 -8.80 -4.38
CA GLN A 164 -10.83 -8.40 -2.99
C GLN A 164 -11.81 -7.30 -2.62
N GLY A 165 -12.50 -6.73 -3.60
CA GLY A 165 -13.64 -5.89 -3.35
C GLY A 165 -13.33 -4.41 -3.36
N ILE A 166 -14.22 -3.66 -2.71
CA ILE A 166 -14.21 -2.21 -2.70
C ILE A 166 -13.74 -1.75 -1.34
N LYS A 167 -12.83 -0.77 -1.32
CA LYS A 167 -12.41 -0.16 -0.07
C LYS A 167 -12.34 1.34 -0.30
N ILE A 168 -13.25 2.08 0.33
CA ILE A 168 -13.35 3.52 0.21
C ILE A 168 -12.89 4.13 1.53
N ALA A 169 -11.93 5.03 1.45
CA ALA A 169 -11.46 5.83 2.58
C ALA A 169 -11.80 7.28 2.29
N PHE A 170 -12.62 7.88 3.15
CA PHE A 170 -13.00 9.27 2.99
C PHE A 170 -11.77 10.18 3.10
N ALA A 171 -11.82 11.30 2.38
CA ALA A 171 -10.85 12.36 2.61
C ALA A 171 -10.93 12.83 4.07
N ALA A 172 -9.77 13.20 4.63
CA ALA A 172 -9.73 13.68 5.99
C ALA A 172 -10.33 15.08 6.08
N PRO A 173 -10.82 15.47 7.26
CA PRO A 173 -11.23 16.86 7.45
C PRO A 173 -10.07 17.81 7.19
N GLY A 174 -10.40 18.98 6.66
CA GLY A 174 -9.43 20.01 6.40
C GLY A 174 -9.19 20.86 7.63
N PRO A 175 -8.58 22.02 7.44
CA PRO A 175 -8.21 22.86 8.60
C PRO A 175 -9.39 23.48 9.33
N ARG A 176 -10.58 23.45 8.75
CA ARG A 176 -11.79 23.97 9.38
C ARG A 176 -12.62 22.89 10.03
N GLY A 177 -12.10 21.67 10.10
CA GLY A 177 -12.86 20.58 10.66
C GLY A 177 -13.82 19.98 9.65
N ARG A 178 -14.89 19.37 10.17
CA ARG A 178 -15.89 18.73 9.32
C ARG A 178 -16.87 19.81 8.85
N ASP A 179 -16.42 20.56 7.85
CA ASP A 179 -17.15 21.70 7.33
C ASP A 179 -18.05 21.26 6.17
N THR A 180 -18.66 22.24 5.48
CA THR A 180 -19.50 21.92 4.34
C THR A 180 -18.74 21.14 3.28
N THR A 181 -17.50 21.55 3.01
CA THR A 181 -16.69 20.85 2.04
C THR A 181 -16.50 19.39 2.42
N TYR A 182 -16.21 19.14 3.70
CA TYR A 182 -16.01 17.78 4.18
C TYR A 182 -17.24 16.93 3.91
N TRP A 183 -18.42 17.43 4.25
CA TRP A 183 -19.62 16.63 4.08
C TRP A 183 -20.00 16.48 2.62
N GLN A 184 -19.67 17.47 1.78
CA GLN A 184 -19.80 17.26 0.35
C GLN A 184 -18.90 16.12 -0.12
N ASN A 185 -17.66 16.07 0.38
CA ASN A 185 -16.78 14.98 0.00
C ASN A 185 -17.36 13.64 0.43
N VAL A 186 -17.91 13.57 1.65
CA VAL A 186 -18.51 12.32 2.11
C VAL A 186 -19.65 11.92 1.19
N LYS A 187 -20.53 12.88 0.87
CA LYS A 187 -21.63 12.60 -0.06
C LYS A 187 -21.11 12.06 -1.38
N ASP A 188 -20.08 12.70 -1.94
CA ASP A 188 -19.51 12.25 -3.20
C ASP A 188 -18.92 10.84 -3.08
N SER A 189 -18.24 10.54 -1.96
CA SER A 189 -17.68 9.21 -1.79
C SER A 189 -18.78 8.14 -1.76
N VAL A 190 -19.87 8.41 -1.07
CA VAL A 190 -20.91 7.40 -0.91
C VAL A 190 -21.82 7.35 -2.15
N GLN A 191 -22.18 8.49 -2.71
CA GLN A 191 -23.20 8.51 -3.75
C GLN A 191 -22.63 8.45 -5.16
N TYR A 192 -21.35 8.78 -5.34
CA TYR A 192 -20.73 8.74 -6.66
C TYR A 192 -19.61 7.70 -6.70
N GLU A 193 -18.59 7.83 -5.86
CA GLU A 193 -17.44 6.91 -5.95
C GLU A 193 -17.87 5.47 -5.72
N LEU A 194 -18.63 5.22 -4.66
CA LEU A 194 -19.09 3.86 -4.40
C LEU A 194 -19.93 3.34 -5.54
N GLU A 195 -20.86 4.16 -6.05
CA GLU A 195 -21.73 3.71 -7.13
C GLU A 195 -20.92 3.33 -8.36
N GLN A 196 -19.88 4.11 -8.67
CA GLN A 196 -19.05 3.79 -9.82
C GLN A 196 -18.34 2.46 -9.64
N GLN A 197 -17.82 2.21 -8.43
CA GLN A 197 -17.08 0.97 -8.21
C GLN A 197 -18.02 -0.23 -8.20
N LEU A 198 -19.24 -0.06 -7.72
CA LEU A 198 -20.20 -1.15 -7.79
C LEU A 198 -20.57 -1.47 -9.23
N LYS A 199 -20.70 -0.43 -10.07
CA LYS A 199 -21.03 -0.65 -11.47
C LYS A 199 -19.96 -1.47 -12.18
N ARG A 200 -18.70 -1.27 -11.81
CA ARG A 200 -17.60 -2.01 -12.42
C ARG A 200 -17.62 -3.50 -12.09
N ARG A 201 -18.42 -3.91 -11.11
CA ARG A 201 -18.53 -5.31 -10.71
C ARG A 201 -19.82 -5.96 -11.20
N GLY A 202 -20.63 -5.24 -11.98
CA GLY A 202 -21.86 -5.84 -12.49
C GLY A 202 -21.61 -7.03 -13.40
N GLY A 203 -20.53 -6.98 -14.17
CA GLY A 203 -20.26 -8.07 -15.11
C GLY A 203 -19.79 -9.34 -14.45
N THR A 204 -19.08 -9.23 -13.32
CA THR A 204 -18.55 -10.41 -12.65
C THR A 204 -19.50 -10.97 -11.60
N TYR A 205 -20.28 -10.12 -10.92
CA TYR A 205 -21.16 -10.56 -9.85
C TYR A 205 -22.62 -10.65 -10.26
N GLY A 206 -23.04 -9.97 -11.33
CA GLY A 206 -24.42 -10.00 -11.76
C GLY A 206 -25.18 -8.73 -11.42
N ASP A 207 -26.49 -8.77 -11.69
CA ASP A 207 -27.31 -7.57 -11.61
C ASP A 207 -27.66 -7.18 -10.17
N SER A 208 -27.84 -8.14 -9.28
CA SER A 208 -28.30 -7.88 -7.92
C SER A 208 -27.46 -8.69 -6.94
N PRO A 209 -26.18 -8.34 -6.81
CA PRO A 209 -25.27 -9.16 -6.00
C PRO A 209 -25.41 -8.89 -4.51
N ALA A 210 -25.05 -9.91 -3.73
CA ALA A 210 -24.91 -9.72 -2.29
C ALA A 210 -23.75 -8.78 -2.00
N LEU A 211 -23.91 -7.99 -0.94
CA LEU A 211 -22.93 -7.00 -0.51
C LEU A 211 -22.54 -7.30 0.93
N ALA A 212 -21.28 -7.61 1.13
CA ALA A 212 -20.72 -7.88 2.46
C ALA A 212 -20.03 -6.61 2.92
N VAL A 213 -20.72 -5.81 3.74
CA VAL A 213 -20.32 -4.43 4.01
C VAL A 213 -19.91 -4.27 5.46
N VAL A 214 -18.78 -3.58 5.68
CA VAL A 214 -18.36 -3.16 7.02
C VAL A 214 -17.93 -1.71 6.95
N GLY A 215 -18.34 -0.93 7.95
CA GLY A 215 -17.98 0.47 8.01
C GLY A 215 -17.36 0.83 9.34
N LEU A 216 -16.45 1.80 9.28
CA LEU A 216 -15.89 2.43 10.48
C LEU A 216 -15.60 3.88 10.05
N ALA A 217 -16.57 4.75 10.24
CA ALA A 217 -16.61 6.07 9.64
C ALA A 217 -17.58 6.92 10.44
N ASP A 218 -17.64 8.21 10.08
CA ASP A 218 -18.53 9.13 10.79
C ASP A 218 -19.93 8.54 10.87
N ILE A 219 -20.56 8.66 12.04
CA ILE A 219 -21.94 8.16 12.19
C ILE A 219 -22.86 8.73 11.11
N PRO A 220 -22.89 10.04 10.85
CA PRO A 220 -23.76 10.53 9.77
C PRO A 220 -23.40 9.94 8.42
N ALA A 221 -22.11 9.73 8.16
CA ALA A 221 -21.69 9.13 6.90
C ALA A 221 -22.17 7.68 6.79
N LEU A 222 -22.08 6.91 7.87
CA LEU A 222 -22.55 5.53 7.82
C LEU A 222 -24.06 5.45 7.63
N MET A 223 -24.79 6.39 8.22
CA MET A 223 -26.22 6.45 7.95
C MET A 223 -26.50 6.76 6.49
N MET A 224 -25.77 7.71 5.91
CA MET A 224 -25.93 7.98 4.49
C MET A 224 -25.58 6.76 3.66
N LEU A 225 -24.51 6.05 4.04
CA LEU A 225 -24.17 4.80 3.35
C LEU A 225 -25.33 3.82 3.39
N GLY A 226 -25.92 3.64 4.57
CA GLY A 226 -27.01 2.68 4.68
C GLY A 226 -28.21 3.10 3.86
N GLN A 227 -28.46 4.40 3.79
CA GLN A 227 -29.56 4.90 2.97
C GLN A 227 -29.30 4.62 1.49
N SER A 228 -28.04 4.71 1.07
CA SER A 228 -27.67 4.50 -0.33
C SER A 228 -27.80 3.04 -0.74
N ILE A 229 -27.43 2.11 0.15
CA ILE A 229 -27.45 0.69 -0.19
C ILE A 229 -28.65 -0.04 0.37
N GLY A 230 -29.54 0.66 1.08
CA GLY A 230 -30.60 0.00 1.83
C GLY A 230 -31.60 -0.75 0.97
N ASP A 231 -31.70 -0.41 -0.30
CA ASP A 231 -32.63 -1.10 -1.20
C ASP A 231 -31.99 -2.31 -1.88
N ARG A 232 -30.84 -2.79 -1.39
CA ARG A 232 -30.25 -4.04 -1.84
C ARG A 232 -30.76 -5.18 -0.97
N SER A 233 -31.41 -6.17 -1.60
CA SER A 233 -32.09 -7.22 -0.84
C SER A 233 -31.13 -8.17 -0.13
N LYS A 234 -29.88 -8.28 -0.58
CA LYS A 234 -28.94 -9.27 -0.06
C LYS A 234 -27.75 -8.60 0.63
N ARG A 235 -28.01 -7.51 1.32
CA ARG A 235 -26.98 -6.86 2.12
C ARG A 235 -26.65 -7.72 3.34
N LEU A 236 -25.36 -7.95 3.57
CA LEU A 236 -24.86 -8.73 4.70
C LEU A 236 -23.92 -7.83 5.50
N ILE A 237 -24.40 -7.37 6.65
CA ILE A 237 -23.64 -6.44 7.46
C ILE A 237 -22.62 -7.20 8.28
N PHE A 238 -21.39 -6.69 8.31
CA PHE A 238 -20.32 -7.14 9.17
C PHE A 238 -19.94 -5.98 10.08
N SER A 239 -19.09 -6.25 11.07
CA SER A 239 -18.80 -5.28 12.12
C SER A 239 -17.34 -5.40 12.55
N PHE A 240 -16.69 -4.24 12.70
CA PHE A 240 -15.36 -4.17 13.27
C PHE A 240 -15.52 -4.06 14.78
N HIS A 241 -14.85 -4.96 15.49
CA HIS A 241 -14.93 -5.07 16.94
C HIS A 241 -13.56 -4.84 17.56
N ARG A 242 -13.52 -4.03 18.63
CA ARG A 242 -12.22 -3.69 19.20
C ARG A 242 -11.45 -4.93 19.67
N GLU A 243 -12.15 -5.96 20.16
CA GLU A 243 -11.43 -7.17 20.55
C GLU A 243 -11.32 -8.17 19.39
N HIS A 244 -12.41 -8.43 18.70
CA HIS A 244 -12.48 -9.54 17.76
C HIS A 244 -12.24 -9.14 16.31
N LEU A 245 -11.95 -7.87 16.05
CA LEU A 245 -11.78 -7.35 14.69
C LEU A 245 -13.02 -7.65 13.86
N LEU A 246 -12.90 -8.43 12.78
CA LEU A 246 -14.07 -8.71 11.95
C LEU A 246 -14.77 -10.01 12.34
N ARG A 247 -14.21 -10.77 13.26
CA ARG A 247 -14.87 -11.98 13.72
C ARG A 247 -16.04 -11.60 14.62
N TRP A 248 -17.18 -12.25 14.42
CA TRP A 248 -18.29 -12.03 15.34
C TRP A 248 -17.88 -12.47 16.75
N PRO A 249 -18.10 -11.64 17.77
CA PRO A 249 -17.65 -12.04 19.12
C PRO A 249 -18.27 -13.33 19.62
N ASP A 250 -19.57 -13.51 19.47
CA ASP A 250 -20.23 -14.68 20.08
C ASP A 250 -21.53 -14.96 19.32
N GLN A 251 -21.49 -15.95 18.43
CA GLN A 251 -22.64 -16.26 17.60
C GLN A 251 -23.83 -16.74 18.42
N SER A 252 -23.62 -17.16 19.67
CA SER A 252 -24.70 -17.66 20.51
C SER A 252 -25.31 -16.61 21.42
N ALA A 253 -24.76 -15.39 21.43
CA ALA A 253 -25.23 -14.38 22.37
C ALA A 253 -26.66 -13.94 22.02
N GLU A 254 -27.46 -13.70 23.05
CA GLU A 254 -28.80 -13.19 22.80
C GLU A 254 -28.80 -11.68 22.71
N PRO A 255 -29.58 -11.08 21.81
CA PRO A 255 -29.62 -9.62 21.75
C PRO A 255 -30.13 -9.04 23.05
N PRO A 256 -29.71 -7.83 23.39
CA PRO A 256 -30.23 -7.16 24.58
C PRO A 256 -31.64 -6.65 24.35
N SER A 257 -32.30 -6.31 25.46
CA SER A 257 -33.53 -5.55 25.37
C SER A 257 -33.22 -4.14 24.90
N PHE A 258 -34.07 -3.61 24.03
CA PHE A 258 -33.97 -2.22 23.57
C PHE A 258 -35.09 -1.44 24.26
N LEU A 259 -34.70 -0.61 25.21
CA LEU A 259 -35.63 0.14 26.04
C LEU A 259 -35.97 1.46 25.36
N PHE A 260 -37.23 1.87 25.44
CA PHE A 260 -37.67 3.09 24.81
C PHE A 260 -38.39 3.97 25.81
N THR A 261 -38.08 5.26 25.80
CA THR A 261 -38.85 6.25 26.55
C THR A 261 -39.47 7.22 25.55
N PRO A 262 -40.79 7.39 25.56
CA PRO A 262 -41.44 8.26 24.57
C PRO A 262 -41.16 9.71 24.85
N PRO A 263 -41.30 10.57 23.85
CA PRO A 263 -41.10 12.00 24.08
C PRO A 263 -42.24 12.58 24.87
N PRO A 264 -42.00 13.66 25.63
CA PRO A 264 -43.10 14.36 26.28
C PRO A 264 -43.94 15.12 25.27
N ASN A 265 -45.15 15.48 25.69
CA ASN A 265 -45.98 16.29 24.82
C ASN A 265 -45.46 17.73 24.78
N GLY A 266 -45.87 18.45 23.76
CA GLY A 266 -45.42 19.81 23.54
C GLY A 266 -45.09 20.04 22.08
N ASP A 267 -44.61 21.23 21.73
CA ASP A 267 -44.29 21.56 20.35
C ASP A 267 -42.79 21.75 20.11
N GLY A 268 -41.96 21.46 21.10
CA GLY A 268 -40.53 21.56 20.94
C GLY A 268 -40.00 20.61 19.88
N PRO A 269 -38.82 20.89 19.35
CA PRO A 269 -38.26 20.00 18.32
C PRO A 269 -38.08 18.59 18.86
N LEU A 270 -38.41 17.62 18.02
CA LEU A 270 -38.39 16.22 18.42
C LEU A 270 -37.00 15.66 18.23
N ALA A 271 -36.45 15.07 19.28
CA ALA A 271 -35.12 14.48 19.26
C ALA A 271 -35.22 12.99 19.51
N LEU A 272 -34.55 12.22 18.66
CA LEU A 272 -34.36 10.79 18.88
C LEU A 272 -32.94 10.59 19.38
N VAL A 273 -32.80 10.08 20.59
CA VAL A 273 -31.51 9.84 21.23
C VAL A 273 -31.30 8.34 21.28
N LEU A 274 -30.15 7.88 20.75
CA LEU A 274 -29.81 6.46 20.72
C LEU A 274 -28.61 6.27 21.65
N SER A 275 -28.84 5.56 22.76
CA SER A 275 -27.83 5.36 23.81
C SER A 275 -27.52 3.87 23.84
N ILE A 276 -26.67 3.44 22.90
CA ILE A 276 -26.37 2.03 22.70
C ILE A 276 -24.90 1.73 23.00
N SER A 277 -23.99 2.49 22.38
CA SER A 277 -22.58 2.43 22.72
C SER A 277 -22.29 3.06 24.07
N ALA A 278 -23.06 4.07 24.42
CA ALA A 278 -22.85 4.85 25.62
C ALA A 278 -24.13 5.61 25.90
N GLN A 279 -24.20 6.18 27.10
CA GLN A 279 -25.34 6.99 27.50
C GLN A 279 -25.14 8.41 27.01
N VAL A 280 -26.01 8.87 26.11
CA VAL A 280 -25.97 10.25 25.64
C VAL A 280 -26.53 11.14 26.75
N PRO A 281 -25.77 12.10 27.28
CA PRO A 281 -26.32 12.96 28.34
C PRO A 281 -27.38 13.90 27.80
N VAL A 282 -28.51 13.96 28.51
CA VAL A 282 -29.61 14.83 28.08
C VAL A 282 -29.14 16.27 27.94
N ARG A 283 -28.27 16.72 28.84
CA ARG A 283 -27.80 18.10 28.80
C ARG A 283 -27.14 18.45 27.48
N ASP A 284 -26.47 17.48 26.84
CA ASP A 284 -25.80 17.77 25.57
C ASP A 284 -26.80 17.89 24.44
N VAL A 285 -27.91 17.16 24.54
CA VAL A 285 -28.97 17.27 23.54
C VAL A 285 -29.67 18.62 23.66
N THR A 286 -30.08 19.00 24.87
CA THR A 286 -30.81 20.24 25.03
C THR A 286 -29.91 21.45 24.81
N ASP A 287 -28.61 21.32 25.10
CA ASP A 287 -27.68 22.40 24.76
C ASP A 287 -27.69 22.68 23.27
N ALA A 288 -27.67 21.61 22.45
CA ALA A 288 -27.59 21.76 21.00
C ALA A 288 -28.93 22.07 20.37
N LEU A 289 -30.02 21.67 21.03
CA LEU A 289 -31.37 21.77 20.47
C LEU A 289 -32.27 22.24 21.61
N PRO A 290 -32.23 23.53 21.92
CA PRO A 290 -32.99 24.02 23.09
C PRO A 290 -34.46 23.69 22.97
N GLY A 291 -35.04 23.24 24.08
CA GLY A 291 -36.43 22.87 24.11
C GLY A 291 -36.73 21.48 23.56
N ALA A 292 -35.71 20.70 23.24
CA ALA A 292 -35.93 19.42 22.59
C ALA A 292 -36.87 18.54 23.41
N ARG A 293 -37.73 17.80 22.71
CA ARG A 293 -38.56 16.75 23.30
C ARG A 293 -37.88 15.42 22.97
N ILE A 294 -37.35 14.76 24.00
CA ILE A 294 -36.42 13.66 23.79
C ILE A 294 -37.16 12.33 23.88
N ALA A 295 -37.07 11.55 22.82
CA ALA A 295 -37.37 10.13 22.83
C ALA A 295 -36.03 9.39 22.80
N GLU A 296 -35.89 8.37 23.65
CA GLU A 296 -34.61 7.69 23.76
C GLU A 296 -34.77 6.19 23.59
N LEU A 297 -33.93 5.61 22.74
CA LEU A 297 -33.78 4.15 22.63
C LEU A 297 -32.44 3.77 23.23
N SER A 298 -32.43 2.83 24.15
CA SER A 298 -31.22 2.47 24.86
C SER A 298 -31.16 0.96 25.08
N ILE A 299 -30.01 0.50 25.57
CA ILE A 299 -29.91 -0.85 26.10
C ILE A 299 -29.59 -0.74 27.59
N PRO A 300 -29.81 -1.82 28.35
CA PRO A 300 -29.59 -1.74 29.81
C PRO A 300 -28.17 -1.35 30.20
N GLU A 301 -27.17 -1.79 29.45
CA GLU A 301 -25.77 -1.55 29.78
C GLU A 301 -25.08 -1.08 28.51
N PRO A 302 -25.16 0.22 28.21
CA PRO A 302 -24.51 0.74 26.99
C PRO A 302 -23.04 0.36 26.96
N SER A 303 -22.57 -0.08 25.78
CA SER A 303 -21.22 -0.64 25.69
C SER A 303 -20.74 -0.65 24.26
N TYR A 304 -19.47 -0.26 24.07
CA TYR A 304 -18.85 -0.33 22.75
C TYR A 304 -18.80 -1.76 22.20
N ALA A 305 -18.85 -2.76 23.07
CA ALA A 305 -18.62 -4.16 22.69
C ALA A 305 -19.90 -4.88 22.27
N MET A 306 -21.04 -4.21 22.20
CA MET A 306 -22.31 -4.93 22.23
C MET A 306 -22.68 -5.64 20.93
N VAL A 307 -22.00 -5.37 19.82
CA VAL A 307 -22.36 -6.02 18.55
C VAL A 307 -21.76 -7.43 18.55
N GLN A 308 -22.45 -8.37 19.21
CA GLN A 308 -21.89 -9.71 19.41
C GLN A 308 -22.11 -10.63 18.22
N ASN A 309 -23.10 -10.35 17.37
CA ASN A 309 -23.42 -11.16 16.21
C ASN A 309 -24.44 -10.36 15.38
N ARG A 310 -24.74 -10.87 14.19
CA ARG A 310 -25.63 -10.13 13.29
C ARG A 310 -27.05 -10.10 13.84
N ARG A 311 -27.44 -11.10 14.64
CA ARG A 311 -28.77 -11.07 15.25
C ARG A 311 -28.96 -9.85 16.14
N VAL A 312 -27.90 -9.40 16.82
CA VAL A 312 -27.99 -8.16 17.61
C VAL A 312 -28.35 -6.99 16.70
N ILE A 313 -27.72 -6.92 15.53
CA ILE A 313 -27.97 -5.86 14.57
C ILE A 313 -29.42 -5.90 14.10
N HIS A 314 -29.91 -7.09 13.78
CA HIS A 314 -31.30 -7.23 13.33
C HIS A 314 -32.28 -6.86 14.42
N ALA A 315 -31.95 -7.21 15.68
CA ALA A 315 -32.82 -6.86 16.79
C ALA A 315 -32.89 -5.36 16.99
N PHE A 316 -31.75 -4.67 16.84
CA PHE A 316 -31.75 -3.21 16.85
C PHE A 316 -32.64 -2.67 15.76
N ARG A 317 -32.50 -3.21 14.54
CA ARG A 317 -33.30 -2.75 13.41
C ARG A 317 -34.77 -2.85 13.72
N ASP A 318 -35.20 -3.99 14.25
CA ASP A 318 -36.63 -4.18 14.51
C ASP A 318 -37.12 -3.27 15.63
N ALA A 319 -36.31 -3.07 16.67
CA ALA A 319 -36.69 -2.14 17.72
C ALA A 319 -36.82 -0.73 17.17
N LEU A 320 -35.87 -0.32 16.33
CA LEU A 320 -35.87 1.03 15.79
C LEU A 320 -37.05 1.24 14.86
N GLN A 321 -37.37 0.24 14.04
CA GLN A 321 -38.46 0.36 13.08
C GLN A 321 -39.76 0.75 13.76
N ILE A 322 -40.06 0.13 14.89
CA ILE A 322 -41.24 0.46 15.67
C ILE A 322 -41.22 1.92 16.10
N ARG A 323 -40.08 2.36 16.63
CA ARG A 323 -40.02 3.69 17.22
C ARG A 323 -40.01 4.77 16.16
N LEU A 324 -39.38 4.53 15.01
CA LEU A 324 -39.42 5.53 13.94
C LEU A 324 -40.86 5.74 13.46
N SER A 325 -41.64 4.67 13.35
CA SER A 325 -43.05 4.82 13.01
C SER A 325 -43.77 5.66 14.06
N GLN A 326 -43.54 5.35 15.33
CA GLN A 326 -44.17 6.07 16.43
C GLN A 326 -43.84 7.56 16.38
N LEU A 327 -42.58 7.90 16.13
CA LEU A 327 -42.17 9.30 16.14
C LEU A 327 -42.67 10.03 14.89
N GLU A 328 -42.63 9.39 13.73
CA GLU A 328 -43.10 10.04 12.51
C GLU A 328 -44.59 10.34 12.58
N ALA A 329 -45.33 9.55 13.37
CA ALA A 329 -46.76 9.79 13.52
C ALA A 329 -47.03 11.00 14.42
N LEU A 330 -46.05 11.42 15.21
CA LEU A 330 -46.26 12.52 16.15
C LEU A 330 -46.14 13.88 15.47
N THR A 331 -45.41 14.00 14.37
CA THR A 331 -45.08 15.31 13.82
C THR A 331 -44.74 15.19 12.35
N PRO A 332 -45.04 16.22 11.55
CA PRO A 332 -44.51 16.30 10.18
C PRO A 332 -43.15 16.97 10.09
N ASP A 333 -42.64 17.52 11.18
CA ASP A 333 -41.38 18.25 11.19
C ASP A 333 -40.22 17.28 11.32
N PRO A 334 -38.99 17.73 11.05
CA PRO A 334 -37.85 16.82 11.08
C PRO A 334 -37.62 16.23 12.46
N ILE A 335 -37.02 15.04 12.45
CA ILE A 335 -36.56 14.37 13.67
C ILE A 335 -35.05 14.59 13.77
N HIS A 336 -34.60 15.01 14.95
CA HIS A 336 -33.21 15.36 15.19
C HIS A 336 -32.54 14.19 15.92
N VAL A 337 -31.46 13.66 15.34
CA VAL A 337 -30.88 12.40 15.79
C VAL A 337 -29.60 12.67 16.56
N PHE A 338 -29.50 12.08 17.76
CA PHE A 338 -28.33 12.18 18.63
C PHE A 338 -27.96 10.75 19.00
N ALA A 339 -26.92 10.19 18.36
CA ALA A 339 -26.65 8.77 18.44
C ALA A 339 -25.24 8.47 18.93
N ALA A 340 -25.15 7.70 20.00
CA ALA A 340 -23.93 7.01 20.40
C ALA A 340 -24.20 5.53 20.12
N ILE A 341 -23.87 5.09 18.91
CA ILE A 341 -24.19 3.73 18.46
C ILE A 341 -23.00 3.15 17.73
N PRO A 342 -22.87 1.82 17.74
CA PRO A 342 -21.82 1.17 16.96
C PRO A 342 -21.98 1.41 15.47
N ALA A 343 -20.86 1.28 14.74
CA ALA A 343 -20.84 1.62 13.32
C ALA A 343 -21.80 0.75 12.52
N ALA A 344 -21.87 -0.54 12.80
CA ALA A 344 -22.77 -1.42 12.07
C ALA A 344 -24.23 -1.03 12.28
N LEU A 345 -24.56 -0.50 13.47
CA LEU A 345 -25.93 -0.08 13.71
C LEU A 345 -26.23 1.24 13.00
N ALA A 346 -25.22 2.09 12.81
CA ALA A 346 -25.44 3.32 12.05
C ALA A 346 -25.78 3.01 10.59
N ILE A 347 -25.11 2.03 10.00
CA ILE A 347 -25.46 1.61 8.65
C ILE A 347 -26.90 1.11 8.61
N GLU A 348 -27.29 0.27 9.56
CA GLU A 348 -28.65 -0.27 9.54
C GLU A 348 -29.70 0.81 9.77
N PHE A 349 -29.42 1.79 10.62
CA PHE A 349 -30.32 2.93 10.80
C PHE A 349 -30.59 3.59 9.45
N GLY A 350 -29.53 3.88 8.70
CA GLY A 350 -29.70 4.52 7.42
C GLY A 350 -30.51 3.68 6.43
N ALA A 351 -30.31 2.36 6.46
CA ALA A 351 -31.03 1.50 5.53
C ALA A 351 -32.54 1.53 5.79
N LEU A 352 -32.94 1.77 7.04
CA LEU A 352 -34.37 1.93 7.31
C LEU A 352 -34.95 3.15 6.60
N LEU A 353 -34.13 4.13 6.25
CA LEU A 353 -34.57 5.38 5.65
C LEU A 353 -34.66 5.33 4.13
N THR A 354 -34.18 4.27 3.50
CA THR A 354 -34.20 4.20 2.05
C THR A 354 -35.62 4.27 1.52
N THR A 355 -36.53 3.54 2.15
CA THR A 355 -37.92 3.49 1.69
C THR A 355 -38.91 3.41 2.86
N GLN A 356 -38.57 2.65 3.90
CA GLN A 356 -39.53 2.39 4.96
C GLN A 356 -39.89 3.64 5.74
N HIS A 357 -38.99 4.64 5.77
CA HIS A 357 -39.18 5.82 6.62
C HIS A 357 -38.70 7.07 5.88
N GLN A 358 -39.63 7.69 5.16
CA GLN A 358 -39.34 8.81 4.27
C GLN A 358 -39.50 10.16 4.93
N HIS A 359 -39.27 10.24 6.24
CA HIS A 359 -39.27 11.49 6.99
C HIS A 359 -37.91 12.17 6.86
N THR A 360 -37.87 13.45 7.17
CA THR A 360 -36.59 14.16 7.21
C THR A 360 -35.90 13.95 8.55
N TYR A 361 -34.64 13.53 8.51
CA TYR A 361 -33.83 13.31 9.71
C TYR A 361 -32.60 14.21 9.64
N LEU A 362 -32.44 15.02 10.69
CA LEU A 362 -31.28 15.90 10.83
C LEU A 362 -30.32 15.26 11.82
N ILE A 363 -29.16 14.84 11.34
CA ILE A 363 -28.22 14.06 12.15
C ILE A 363 -27.27 15.04 12.84
N PHE A 364 -27.27 15.01 14.16
CA PHE A 364 -26.30 15.75 14.94
C PHE A 364 -25.12 14.85 15.28
N ASP A 365 -23.97 15.45 15.53
CA ASP A 365 -22.80 14.67 15.88
C ASP A 365 -21.87 15.50 16.74
N ARG A 366 -21.04 14.80 17.52
CA ARG A 366 -20.04 15.45 18.36
C ARG A 366 -19.05 16.24 17.50
N ASP A 367 -18.70 17.43 17.97
CA ASP A 367 -17.90 18.39 17.21
C ASP A 367 -16.64 18.72 18.00
N LYS A 368 -15.50 18.17 17.56
CA LYS A 368 -14.23 18.43 18.22
C LYS A 368 -13.86 19.89 18.16
N GLU A 369 -14.32 20.60 17.15
CA GLU A 369 -14.02 22.01 17.00
C GLU A 369 -14.88 22.90 17.89
N ASN A 370 -15.90 22.34 18.54
CA ASN A 370 -16.81 23.08 19.41
C ASN A 370 -16.95 22.37 20.75
N GLN A 371 -15.81 21.99 21.34
CA GLN A 371 -15.74 21.51 22.72
C GLN A 371 -16.67 20.33 22.97
N ASP A 372 -16.78 19.46 21.96
CA ASP A 372 -17.54 18.22 22.01
C ASP A 372 -19.04 18.43 22.01
N ARG A 373 -19.52 19.65 21.77
CA ARG A 373 -20.94 19.86 21.61
C ARG A 373 -21.45 19.10 20.38
N PHE A 374 -22.72 18.70 20.45
CA PHE A 374 -23.42 18.23 19.25
C PHE A 374 -23.68 19.41 18.31
N THR A 375 -23.44 19.21 17.02
CA THR A 375 -23.80 20.17 16.00
C THR A 375 -24.44 19.43 14.83
N GLN A 376 -25.28 20.14 14.07
CA GLN A 376 -26.00 19.53 12.96
C GLN A 376 -25.04 19.22 11.81
N THR A 377 -25.16 18.02 11.24
CA THR A 377 -24.30 17.59 10.13
C THR A 377 -25.18 17.35 8.90
N LEU A 378 -25.45 16.09 8.55
CA LEU A 378 -26.18 15.79 7.32
C LEU A 378 -27.68 15.77 7.56
N GLN A 379 -28.43 16.11 6.52
CA GLN A 379 -29.86 15.87 6.46
C GLN A 379 -30.11 14.64 5.61
N LEU A 380 -30.87 13.69 6.14
CA LEU A 380 -31.22 12.48 5.44
C LEU A 380 -32.73 12.45 5.24
N GLY A 381 -33.16 11.75 4.20
CA GLY A 381 -34.57 11.59 3.95
C GLY A 381 -34.89 11.70 2.49
N PRO A 382 -36.16 12.02 2.16
CA PRO A 382 -36.63 12.07 0.78
C PRO A 382 -36.06 13.27 0.01
N SER B 11 -21.93 -42.13 -14.81
CA SER B 11 -21.79 -43.10 -15.88
C SER B 11 -20.31 -43.36 -16.19
N GLY B 12 -19.70 -42.47 -16.99
CA GLY B 12 -18.30 -42.63 -17.32
C GLY B 12 -17.37 -42.13 -16.23
N ARG B 13 -16.08 -42.40 -16.42
CA ARG B 13 -15.03 -41.96 -15.51
C ARG B 13 -14.08 -41.02 -16.25
N PHE B 14 -13.67 -39.95 -15.58
CA PHE B 14 -12.71 -39.01 -16.13
C PHE B 14 -11.31 -39.47 -15.74
N ASN B 15 -10.46 -39.73 -16.74
CA ASN B 15 -9.12 -40.21 -16.49
C ASN B 15 -8.14 -39.06 -16.34
N THR B 16 -7.26 -39.16 -15.35
CA THR B 16 -6.20 -38.20 -15.14
C THR B 16 -4.89 -38.94 -14.93
N ASN B 17 -3.79 -38.26 -15.30
CA ASN B 17 -2.47 -38.78 -15.03
C ASN B 17 -2.06 -38.43 -13.60
N ASP B 18 -0.88 -38.89 -13.19
CA ASP B 18 -0.51 -38.78 -11.78
C ASP B 18 -0.11 -37.35 -11.42
N GLU B 19 0.56 -36.64 -12.33
CA GLU B 19 0.88 -35.24 -12.09
C GLU B 19 -0.39 -34.44 -11.80
N THR B 20 -1.45 -34.71 -12.56
CA THR B 20 -2.70 -33.99 -12.35
C THR B 20 -3.32 -34.33 -11.01
N LYS B 21 -3.26 -35.60 -10.60
CA LYS B 21 -3.78 -35.98 -9.29
C LYS B 21 -3.05 -35.25 -8.17
N ARG B 22 -1.72 -35.15 -8.27
CA ARG B 22 -0.97 -34.51 -7.19
C ARG B 22 -1.30 -33.02 -7.08
N ILE B 23 -1.48 -32.35 -8.22
CA ILE B 23 -1.87 -30.94 -8.19
C ILE B 23 -3.24 -30.77 -7.54
N VAL B 24 -4.20 -31.64 -7.91
CA VAL B 24 -5.56 -31.51 -7.40
C VAL B 24 -5.62 -31.83 -5.92
N TRP B 25 -4.94 -32.90 -5.48
CA TRP B 25 -4.90 -33.21 -4.05
C TRP B 25 -4.35 -32.03 -3.25
N THR B 26 -3.32 -31.38 -3.78
CA THR B 26 -2.67 -30.30 -3.04
C THR B 26 -3.59 -29.09 -2.92
N GLN B 27 -4.16 -28.66 -4.04
CA GLN B 27 -4.96 -27.43 -4.04
C GLN B 27 -6.26 -27.58 -3.27
N THR B 28 -6.73 -28.81 -3.05
CA THR B 28 -7.91 -29.04 -2.24
C THR B 28 -7.58 -29.42 -0.79
N ALA B 29 -6.31 -29.60 -0.44
CA ALA B 29 -5.90 -30.02 0.89
C ALA B 29 -6.48 -31.40 1.22
N GLY B 30 -6.83 -32.16 0.18
CA GLY B 30 -7.18 -33.55 0.36
C GLY B 30 -8.51 -33.79 1.03
N HIS B 31 -9.47 -32.89 0.85
CA HIS B 31 -10.84 -33.10 1.29
C HIS B 31 -11.77 -33.20 0.08
N CYS B 32 -12.86 -33.92 0.26
CA CYS B 32 -13.91 -33.94 -0.75
C CYS B 32 -14.55 -32.55 -0.83
N GLU B 33 -14.67 -32.02 -2.04
CA GLU B 33 -15.17 -30.64 -2.18
C GLU B 33 -16.67 -30.53 -1.96
N LEU B 34 -17.42 -31.63 -2.03
CA LEU B 34 -18.87 -31.56 -1.89
C LEU B 34 -19.34 -31.89 -0.48
N CYS B 35 -18.64 -32.76 0.25
CA CYS B 35 -19.04 -33.07 1.62
C CYS B 35 -17.99 -32.71 2.67
N GLY B 36 -16.78 -32.34 2.28
CA GLY B 36 -15.78 -31.89 3.22
C GLY B 36 -15.00 -32.98 3.92
N THR B 37 -15.27 -34.25 3.63
CA THR B 37 -14.63 -35.32 4.40
C THR B 37 -13.14 -35.36 4.08
N ASP B 38 -12.35 -35.62 5.10
CA ASP B 38 -10.90 -35.68 4.97
C ASP B 38 -10.50 -37.04 4.39
N LEU B 39 -9.93 -37.03 3.19
CA LEU B 39 -9.67 -38.26 2.47
C LEU B 39 -8.33 -38.89 2.83
N THR B 40 -7.62 -38.34 3.82
CA THR B 40 -6.37 -38.95 4.30
C THR B 40 -6.61 -39.89 5.47
N PHE B 41 -7.87 -40.27 5.71
CA PHE B 41 -8.22 -41.05 6.89
C PHE B 41 -7.37 -42.31 7.04
N ASP B 42 -7.10 -43.01 5.93
CA ASP B 42 -6.28 -44.22 6.02
C ASP B 42 -4.91 -43.92 6.59
N TYR B 43 -4.23 -42.90 6.03
CA TYR B 43 -2.92 -42.55 6.53
C TYR B 43 -2.97 -42.18 8.00
N ARG B 44 -4.03 -41.50 8.43
CA ARG B 44 -4.09 -41.09 9.83
C ARG B 44 -4.19 -42.30 10.74
N ALA B 45 -4.74 -43.40 10.24
CA ALA B 45 -4.87 -44.65 10.98
C ALA B 45 -3.61 -45.51 10.93
N GLY B 46 -2.56 -45.04 10.26
CA GLY B 46 -1.33 -45.79 10.13
C GLY B 46 -1.29 -46.75 8.96
N LYS B 47 -2.25 -46.68 8.06
CA LYS B 47 -2.31 -47.56 6.91
C LYS B 47 -1.79 -46.85 5.67
N PRO B 48 -1.46 -47.60 4.62
CA PRO B 48 -0.95 -46.97 3.40
C PRO B 48 -1.98 -46.04 2.80
N MET B 49 -1.49 -44.93 2.24
CA MET B 49 -2.36 -43.95 1.58
C MET B 49 -2.59 -44.40 0.14
N LYS B 50 -3.83 -44.78 -0.18
CA LYS B 50 -4.19 -45.27 -1.51
C LYS B 50 -4.88 -44.16 -2.28
N TRP B 51 -4.08 -43.20 -2.74
CA TRP B 51 -4.62 -41.99 -3.34
C TRP B 51 -5.62 -42.29 -4.44
N GLY B 52 -5.33 -43.28 -5.28
CA GLY B 52 -6.16 -43.55 -6.43
C GLY B 52 -7.44 -44.29 -6.16
N GLU B 53 -7.62 -44.78 -4.92
CA GLU B 53 -8.81 -45.53 -4.56
C GLU B 53 -9.76 -44.77 -3.63
N VAL B 54 -9.25 -43.82 -2.84
CA VAL B 54 -10.10 -43.12 -1.88
C VAL B 54 -10.69 -41.83 -2.44
N ALA B 55 -10.37 -41.47 -3.68
CA ALA B 55 -10.88 -40.24 -4.27
C ALA B 55 -11.05 -40.41 -5.78
N ALA B 56 -11.96 -39.61 -6.33
CA ALA B 56 -12.20 -39.50 -7.76
C ALA B 56 -12.01 -38.05 -8.18
N ILE B 57 -11.43 -37.86 -9.37
CA ILE B 57 -11.17 -36.52 -9.91
C ILE B 57 -12.02 -36.33 -11.15
N LEU B 58 -12.82 -35.27 -11.17
CA LEU B 58 -13.71 -35.01 -12.30
C LEU B 58 -13.80 -33.53 -12.59
N PRO B 59 -14.10 -33.17 -13.84
CA PRO B 59 -14.26 -31.75 -14.18
C PRO B 59 -15.42 -31.12 -13.43
N ALA B 60 -15.26 -29.85 -13.07
CA ALA B 60 -16.31 -29.13 -12.38
C ALA B 60 -17.49 -28.82 -13.28
N SER B 61 -17.30 -28.80 -14.59
CA SER B 61 -18.32 -28.36 -15.50
C SER B 61 -18.64 -29.44 -16.53
N PRO B 62 -19.87 -29.45 -17.06
CA PRO B 62 -20.19 -30.35 -18.17
C PRO B 62 -19.24 -30.14 -19.35
N LYS B 63 -19.14 -31.18 -20.17
CA LYS B 63 -18.23 -31.12 -21.31
C LYS B 63 -18.61 -30.00 -22.26
N GLY B 64 -17.66 -29.12 -22.55
CA GLY B 64 -17.88 -28.05 -23.48
C GLY B 64 -17.54 -28.50 -24.89
N PRO B 65 -17.70 -27.61 -25.88
CA PRO B 65 -17.38 -27.98 -27.27
C PRO B 65 -15.91 -28.23 -27.51
N ARG B 66 -15.03 -27.65 -26.71
CA ARG B 66 -13.59 -27.88 -26.83
C ARG B 66 -13.17 -29.06 -25.95
N ASN B 78 -2.55 -30.11 -17.06
CA ASN B 78 -3.69 -29.84 -17.94
C ASN B 78 -4.48 -28.67 -17.34
N ASP B 79 -5.81 -28.61 -17.53
CA ASP B 79 -6.61 -27.55 -16.91
C ASP B 79 -6.97 -27.96 -15.47
N THR B 80 -5.92 -28.09 -14.64
CA THR B 80 -6.10 -28.60 -13.30
C THR B 80 -6.97 -27.67 -12.45
N ALA B 81 -7.06 -26.39 -12.81
CA ALA B 81 -7.81 -25.46 -11.98
C ALA B 81 -9.31 -25.76 -12.01
N ASN B 82 -9.80 -26.53 -12.99
CA ASN B 82 -11.22 -26.83 -13.12
C ASN B 82 -11.55 -28.29 -12.80
N LEU B 83 -10.63 -29.01 -12.17
CA LEU B 83 -10.86 -30.39 -11.77
C LEU B 83 -11.13 -30.45 -10.27
N MET B 84 -12.12 -31.26 -9.88
CA MET B 84 -12.55 -31.39 -8.49
C MET B 84 -12.05 -32.70 -7.90
N LEU B 85 -11.81 -32.69 -6.58
CA LEU B 85 -11.51 -33.88 -5.80
C LEU B 85 -12.77 -34.28 -5.05
N LEU B 86 -13.27 -35.50 -5.29
CA LEU B 86 -14.45 -36.00 -4.60
C LEU B 86 -14.15 -37.34 -3.94
N CYS B 87 -14.89 -37.61 -2.86
CA CYS B 87 -14.90 -38.95 -2.29
C CYS B 87 -15.72 -39.87 -3.18
N PRO B 88 -15.52 -41.18 -3.07
CA PRO B 88 -16.26 -42.09 -3.97
C PRO B 88 -17.75 -41.94 -3.83
N GLY B 89 -18.25 -41.82 -2.61
CA GLY B 89 -19.68 -41.68 -2.41
C GLY B 89 -20.26 -40.48 -3.15
N CYS B 90 -19.64 -39.31 -2.96
CA CYS B 90 -20.16 -38.12 -3.64
C CYS B 90 -20.01 -38.24 -5.15
N HIS B 91 -18.89 -38.80 -5.61
CA HIS B 91 -18.69 -39.00 -7.05
C HIS B 91 -19.79 -39.87 -7.64
N ASP B 92 -20.15 -40.96 -6.94
CA ASP B 92 -21.15 -41.87 -7.48
C ASP B 92 -22.53 -41.22 -7.53
N LYS B 93 -22.79 -40.21 -6.70
CA LYS B 93 -24.07 -39.51 -6.71
C LYS B 93 -24.17 -38.47 -7.82
N ILE B 94 -23.09 -38.20 -8.54
CA ILE B 94 -23.08 -37.18 -9.58
C ILE B 94 -23.37 -37.86 -10.92
N ASP B 95 -24.47 -37.47 -11.56
CA ASP B 95 -24.74 -37.92 -12.92
C ASP B 95 -23.60 -37.49 -13.83
N ARG B 96 -23.05 -38.43 -14.59
CA ARG B 96 -21.91 -38.19 -15.45
C ARG B 96 -22.18 -38.71 -16.85
N ASP B 97 -21.63 -38.04 -17.85
CA ASP B 97 -21.74 -38.52 -19.22
C ASP B 97 -20.70 -39.62 -19.43
N ALA B 98 -20.53 -40.07 -20.67
CA ALA B 98 -19.73 -41.25 -20.94
C ALA B 98 -18.23 -41.00 -20.79
N ASP B 99 -17.80 -39.75 -20.86
CA ASP B 99 -16.41 -39.37 -20.66
C ASP B 99 -16.12 -38.97 -19.22
N GLY B 100 -17.10 -39.07 -18.34
CA GLY B 100 -16.90 -38.75 -16.94
C GLY B 100 -17.06 -37.30 -16.58
N TYR B 101 -17.66 -36.48 -17.45
CA TYR B 101 -17.97 -35.11 -17.08
C TYR B 101 -19.31 -35.07 -16.34
N PRO B 102 -19.48 -34.12 -15.42
CA PRO B 102 -20.79 -33.97 -14.77
C PRO B 102 -21.83 -33.45 -15.74
N GLU B 103 -23.07 -33.89 -15.55
CA GLU B 103 -24.17 -33.40 -16.37
C GLU B 103 -24.66 -32.04 -15.90
N ASN B 104 -24.33 -31.63 -14.68
CA ASN B 104 -24.72 -30.34 -14.15
C ASN B 104 -23.49 -29.60 -13.66
N ASP B 105 -23.52 -28.28 -13.78
CA ASP B 105 -22.34 -27.47 -13.50
C ASP B 105 -22.11 -27.37 -12.00
N LEU B 106 -20.87 -27.61 -11.58
CA LEU B 106 -20.46 -27.41 -10.20
C LEU B 106 -19.34 -26.38 -10.08
N SER B 107 -19.09 -25.60 -11.13
CA SER B 107 -17.93 -24.71 -11.14
C SER B 107 -18.01 -23.67 -10.02
N GLY B 108 -19.21 -23.18 -9.72
CA GLY B 108 -19.33 -22.18 -8.67
C GLY B 108 -18.90 -22.70 -7.32
N LEU B 109 -19.42 -23.87 -6.94
CA LEU B 109 -19.03 -24.52 -5.70
C LEU B 109 -17.55 -24.86 -5.69
N HIS B 110 -17.04 -25.35 -6.82
CA HIS B 110 -15.64 -25.76 -6.88
C HIS B 110 -14.70 -24.58 -6.73
N GLN B 111 -14.97 -23.50 -7.47
CA GLN B 111 -14.12 -22.32 -7.37
C GLN B 111 -14.19 -21.71 -5.97
N ALA B 112 -15.37 -21.72 -5.36
CA ALA B 112 -15.50 -21.22 -3.99
C ALA B 112 -14.69 -22.08 -3.02
N TYR B 113 -14.73 -23.41 -3.18
CA TYR B 113 -13.92 -24.27 -2.34
C TYR B 113 -12.45 -23.92 -2.45
N LEU B 114 -11.94 -23.79 -3.66
CA LEU B 114 -10.52 -23.48 -3.85
C LEU B 114 -10.17 -22.12 -3.25
N GLU B 115 -11.09 -21.16 -3.37
CA GLU B 115 -10.83 -19.83 -2.81
C GLU B 115 -10.76 -19.88 -1.29
N ARG B 116 -11.63 -20.66 -0.64
CA ARG B 116 -11.57 -20.76 0.82
C ARG B 116 -10.27 -21.40 1.28
N ILE B 117 -9.83 -22.45 0.58
CA ILE B 117 -8.56 -23.07 0.92
C ILE B 117 -7.42 -22.08 0.76
N ARG B 118 -7.40 -21.36 -0.38
CA ARG B 118 -6.34 -20.41 -0.67
C ARG B 118 -6.28 -19.32 0.40
N LEU B 119 -7.44 -18.80 0.79
CA LEU B 119 -7.46 -17.77 1.83
C LEU B 119 -6.89 -18.27 3.14
N ALA B 120 -7.25 -19.50 3.53
CA ALA B 120 -6.67 -20.09 4.74
C ALA B 120 -5.16 -20.29 4.58
N ALA B 121 -4.73 -20.79 3.43
CA ALA B 121 -3.32 -21.13 3.25
C ALA B 121 -2.42 -19.89 3.24
N THR B 122 -2.94 -18.74 2.82
CA THR B 122 -2.14 -17.53 2.79
C THR B 122 -2.25 -16.72 4.08
N THR B 123 -3.06 -17.17 5.03
CA THR B 123 -3.30 -16.41 6.25
C THR B 123 -2.03 -16.02 7.00
N PRO B 124 -0.94 -16.79 6.96
CA PRO B 124 0.27 -16.32 7.65
C PRO B 124 0.76 -14.97 7.16
N ASP B 125 0.52 -14.58 5.91
CA ASP B 125 1.02 -13.26 5.51
C ASP B 125 0.17 -12.13 6.08
N GLY B 126 -0.98 -12.46 6.66
CA GLY B 126 -1.75 -11.50 7.42
C GLY B 126 -1.10 -11.08 8.71
N GLY B 127 0.02 -11.71 9.09
CA GLY B 127 0.74 -11.35 10.29
C GLY B 127 1.87 -10.37 10.09
N ARG B 128 2.07 -9.83 8.87
CA ARG B 128 3.05 -8.78 8.66
C ARG B 128 2.84 -7.69 9.70
N ALA B 129 3.93 -7.26 10.36
CA ALA B 129 3.78 -6.40 11.52
C ALA B 129 4.95 -5.45 11.70
N ILE B 130 4.63 -4.34 12.37
CA ILE B 130 5.62 -3.34 12.79
C ILE B 130 5.84 -3.51 14.29
N PRO B 131 7.05 -3.82 14.75
CA PRO B 131 7.30 -3.81 16.20
C PRO B 131 7.48 -2.39 16.70
N LEU B 132 6.94 -2.11 17.88
CA LEU B 132 7.08 -0.81 18.51
C LEU B 132 7.29 -0.99 20.01
N ILE B 133 8.44 -0.52 20.51
CA ILE B 133 8.75 -0.50 21.93
C ILE B 133 8.89 0.97 22.33
N VAL B 134 8.16 1.40 23.36
CA VAL B 134 8.23 2.78 23.85
C VAL B 134 8.46 2.74 25.35
N GLN B 135 9.51 3.43 25.81
CA GLN B 135 9.84 3.42 27.22
C GLN B 135 10.19 4.83 27.67
N SER B 136 10.03 5.07 28.97
CA SER B 136 10.59 6.28 29.55
C SER B 136 12.10 6.10 29.69
N GLN B 137 12.81 7.23 29.81
CA GLN B 137 14.24 7.16 30.09
C GLN B 137 14.50 6.33 31.35
N HIS B 138 13.67 6.52 32.39
CA HIS B 138 13.84 5.75 33.61
C HIS B 138 13.86 4.24 33.32
N PHE B 139 12.84 3.73 32.63
CA PHE B 139 12.77 2.29 32.45
C PHE B 139 13.74 1.79 31.40
N GLN B 140 14.09 2.62 30.41
CA GLN B 140 15.14 2.25 29.49
C GLN B 140 16.46 2.05 30.22
N THR B 141 16.67 2.79 31.31
CA THR B 141 17.89 2.70 32.08
C THR B 141 17.89 1.48 33.00
N ILE B 142 16.77 1.19 33.66
CA ILE B 142 16.72 0.12 34.65
C ILE B 142 16.08 -1.17 34.16
N ASN B 143 15.34 -1.13 33.05
CA ASN B 143 14.55 -2.28 32.62
C ASN B 143 14.37 -2.21 31.11
N ASP B 144 15.49 -2.14 30.39
CA ASP B 144 15.44 -2.00 28.95
C ASP B 144 14.80 -3.24 28.33
N ILE B 145 13.88 -3.01 27.39
CA ILE B 145 13.25 -4.08 26.63
C ILE B 145 13.95 -4.13 25.27
N PRO B 146 14.73 -5.16 24.98
CA PRO B 146 15.34 -5.28 23.65
C PRO B 146 14.32 -5.74 22.62
N VAL B 147 14.55 -5.32 21.37
N VAL B 147 14.55 -5.32 21.37
CA VAL B 147 13.62 -5.67 20.30
CA VAL B 147 13.63 -5.68 20.29
C VAL B 147 13.48 -7.19 20.20
C VAL B 147 13.47 -7.20 20.22
N ARG B 148 14.55 -7.94 20.49
CA ARG B 148 14.50 -9.41 20.41
C ARG B 148 13.40 -9.98 21.30
N ASP B 149 13.17 -9.37 22.46
CA ASP B 149 12.14 -9.89 23.36
C ASP B 149 10.73 -9.69 22.79
N LEU B 150 10.49 -8.54 22.16
CA LEU B 150 9.19 -8.35 21.52
C LEU B 150 9.07 -9.23 20.29
N LEU B 151 10.14 -9.33 19.49
CA LEU B 151 10.06 -10.09 18.25
C LEU B 151 9.71 -11.55 18.50
N THR B 152 10.32 -12.17 19.52
CA THR B 152 10.03 -13.59 19.74
C THR B 152 8.61 -13.79 20.26
N ALA B 153 8.09 -12.86 21.06
CA ALA B 153 6.70 -12.95 21.48
C ALA B 153 5.75 -12.73 20.30
N MET B 154 6.11 -11.81 19.40
CA MET B 154 5.31 -11.61 18.18
C MET B 154 5.31 -12.88 17.36
N SER B 155 6.50 -13.43 17.10
CA SER B 155 6.63 -14.58 16.21
C SER B 155 5.80 -15.75 16.72
N ALA B 156 5.75 -15.93 18.04
CA ALA B 156 5.01 -17.06 18.62
C ALA B 156 3.53 -16.99 18.32
N GLU B 157 2.98 -15.79 18.15
CA GLU B 157 1.57 -15.67 17.79
C GLU B 157 1.38 -15.23 16.34
N GLY B 158 2.39 -15.47 15.49
CA GLY B 158 2.23 -15.33 14.07
C GLY B 158 2.43 -13.94 13.52
N LEU B 159 2.93 -13.01 14.33
CA LEU B 159 3.21 -11.66 13.87
C LEU B 159 4.67 -11.62 13.42
N THR B 160 4.88 -11.18 12.18
CA THR B 160 6.17 -11.29 11.50
C THR B 160 6.67 -9.93 11.08
N ALA B 161 7.70 -9.45 11.75
CA ALA B 161 8.36 -8.22 11.33
C ALA B 161 9.19 -8.48 10.08
N PHE B 162 9.35 -7.45 9.27
CA PHE B 162 10.08 -7.50 8.02
C PHE B 162 11.13 -6.41 7.91
N ASP B 163 11.30 -5.60 8.94
CA ASP B 163 12.31 -4.56 8.99
C ASP B 163 12.64 -4.34 10.45
N GLN B 164 13.58 -3.44 10.72
CA GLN B 164 13.97 -3.15 12.09
C GLN B 164 12.77 -2.70 12.91
N GLY B 165 12.71 -3.16 14.16
CA GLY B 165 11.68 -2.66 15.06
C GLY B 165 11.93 -1.22 15.46
N ILE B 166 10.83 -0.53 15.79
CA ILE B 166 10.88 0.84 16.30
C ILE B 166 11.07 0.76 17.81
N LYS B 167 12.15 1.36 18.30
CA LYS B 167 12.40 1.43 19.74
C LYS B 167 12.70 2.90 20.05
N ILE B 168 11.81 3.53 20.79
CA ILE B 168 11.92 4.95 21.10
C ILE B 168 11.69 5.16 22.58
N ALA B 169 12.12 6.33 23.04
CA ALA B 169 11.90 6.77 24.41
C ALA B 169 11.08 8.05 24.39
N PHE B 170 10.24 8.22 25.40
CA PHE B 170 9.52 9.47 25.53
C PHE B 170 10.51 10.61 25.76
N ALA B 171 10.27 11.72 25.09
CA ALA B 171 11.18 12.85 25.17
C ALA B 171 11.20 13.42 26.58
N ALA B 172 12.37 13.89 26.99
CA ALA B 172 12.47 14.64 28.24
C ALA B 172 11.70 15.94 28.10
N PRO B 173 10.92 16.33 29.12
CA PRO B 173 10.19 17.60 29.04
C PRO B 173 11.12 18.79 29.02
N GLY B 174 10.69 19.85 28.36
CA GLY B 174 11.40 21.10 28.37
C GLY B 174 11.08 21.93 29.60
N PRO B 175 11.56 23.18 29.59
CA PRO B 175 11.38 24.04 30.78
C PRO B 175 9.94 24.21 31.23
N ARG B 176 8.98 24.21 30.31
CA ARG B 176 7.57 24.36 30.66
C ARG B 176 6.97 23.08 31.23
N GLY B 177 7.76 22.01 31.32
CA GLY B 177 7.26 20.77 31.87
C GLY B 177 6.41 20.02 30.86
N ARG B 178 5.62 19.08 31.39
CA ARG B 178 4.74 18.28 30.54
C ARG B 178 3.40 19.00 30.38
N ASP B 179 3.44 20.08 29.61
CA ASP B 179 2.27 20.90 29.34
C ASP B 179 1.54 20.37 28.11
N THR B 180 0.53 21.12 27.64
CA THR B 180 -0.27 20.65 26.52
C THR B 180 0.58 20.46 25.28
N THR B 181 1.51 21.39 25.03
CA THR B 181 2.37 21.30 23.85
C THR B 181 3.30 20.10 23.95
N TYR B 182 3.88 19.86 25.13
CA TYR B 182 4.73 18.69 25.31
C TYR B 182 4.00 17.43 24.88
N TRP B 183 2.77 17.25 25.40
CA TRP B 183 2.05 16.01 25.12
C TRP B 183 1.64 15.91 23.66
N GLN B 184 1.31 17.03 23.05
CA GLN B 184 0.99 17.01 21.61
C GLN B 184 2.23 16.63 20.81
N ASN B 185 3.40 17.09 21.25
CA ASN B 185 4.64 16.73 20.57
C ASN B 185 4.95 15.24 20.74
N VAL B 186 4.67 14.68 21.92
CA VAL B 186 4.83 13.24 22.08
C VAL B 186 3.96 12.50 21.09
N LYS B 187 2.68 12.90 20.99
CA LYS B 187 1.77 12.23 20.07
C LYS B 187 2.24 12.35 18.63
N ASP B 188 2.70 13.54 18.25
CA ASP B 188 3.17 13.76 16.89
C ASP B 188 4.38 12.88 16.59
N SER B 189 5.28 12.73 17.57
N SER B 189 5.26 12.72 17.58
CA SER B 189 6.49 11.95 17.38
CA SER B 189 6.49 11.95 17.36
C SER B 189 6.16 10.46 17.24
C SER B 189 6.19 10.47 17.25
N VAL B 190 5.25 9.97 18.06
CA VAL B 190 4.85 8.58 17.95
C VAL B 190 4.15 8.34 16.62
N GLN B 191 3.23 9.22 16.25
CA GLN B 191 2.47 9.01 15.02
C GLN B 191 3.35 9.13 13.80
N TYR B 192 4.40 9.96 13.85
CA TYR B 192 5.39 9.98 12.77
C TYR B 192 6.01 8.61 12.60
N GLU B 193 6.45 7.98 13.69
CA GLU B 193 6.95 6.60 13.61
C GLU B 193 5.89 5.65 13.07
N LEU B 194 4.64 5.86 13.46
CA LEU B 194 3.54 5.00 13.03
C LEU B 194 3.18 5.15 11.56
N GLU B 195 3.79 6.08 10.83
CA GLU B 195 3.56 6.12 9.39
C GLU B 195 4.03 4.84 8.70
N GLN B 196 4.91 4.05 9.35
CA GLN B 196 5.27 2.75 8.82
C GLN B 196 4.07 1.80 8.82
N GLN B 197 3.23 1.89 9.86
CA GLN B 197 2.01 1.09 9.94
C GLN B 197 1.03 1.47 8.85
N LEU B 198 0.96 2.76 8.55
CA LEU B 198 0.09 3.24 7.49
C LEU B 198 0.55 2.78 6.12
N LYS B 199 1.87 2.83 5.85
CA LYS B 199 2.37 2.85 4.48
C LYS B 199 3.01 1.57 3.98
N ARG B 200 3.63 0.76 4.83
CA ARG B 200 4.44 -0.37 4.35
C ARG B 200 3.57 -1.60 4.11
N ARG B 201 2.66 -1.42 3.16
CA ARG B 201 1.65 -2.40 2.81
C ARG B 201 2.26 -3.61 2.11
N GLY B 202 1.57 -4.74 2.22
CA GLY B 202 2.08 -5.95 1.61
C GLY B 202 1.12 -7.11 1.78
N GLY B 203 1.67 -8.32 1.65
CA GLY B 203 0.86 -9.51 1.73
C GLY B 203 0.01 -9.71 0.49
N THR B 204 -0.98 -10.59 0.62
CA THR B 204 -1.77 -10.99 -0.54
C THR B 204 -2.64 -9.85 -1.07
N TYR B 205 -3.10 -8.95 -0.18
CA TYR B 205 -4.12 -7.97 -0.53
C TYR B 205 -3.65 -6.52 -0.43
N GLY B 206 -2.38 -6.29 -0.12
CA GLY B 206 -1.92 -4.92 0.04
C GLY B 206 -2.36 -4.28 1.32
N ASP B 207 -2.74 -5.06 2.32
CA ASP B 207 -3.13 -4.53 3.61
C ASP B 207 -1.94 -3.84 4.29
N SER B 208 -2.24 -2.80 5.06
CA SER B 208 -1.27 -2.23 5.97
C SER B 208 -0.86 -3.27 7.01
N PRO B 209 0.39 -3.22 7.47
CA PRO B 209 0.84 -4.19 8.48
C PRO B 209 0.20 -3.91 9.83
N ALA B 210 0.19 -4.95 10.66
CA ALA B 210 -0.27 -4.82 12.03
C ALA B 210 0.75 -4.06 12.85
N LEU B 211 0.28 -3.47 13.95
CA LEU B 211 1.16 -2.87 14.94
C LEU B 211 1.25 -3.81 16.13
N ALA B 212 2.47 -4.11 16.57
CA ALA B 212 2.73 -4.89 17.77
C ALA B 212 3.47 -3.96 18.72
N VAL B 213 2.84 -3.60 19.84
CA VAL B 213 3.33 -2.50 20.67
C VAL B 213 3.43 -2.93 22.12
N VAL B 214 4.53 -2.51 22.77
CA VAL B 214 4.72 -2.69 24.20
C VAL B 214 5.24 -1.38 24.77
N GLY B 215 4.75 -1.02 25.95
CA GLY B 215 5.17 0.19 26.61
C GLY B 215 5.57 -0.06 28.05
N LEU B 216 6.57 0.70 28.50
CA LEU B 216 6.98 0.65 29.91
C LEU B 216 7.45 2.06 30.24
N ALA B 217 6.60 2.82 30.93
CA ALA B 217 6.77 4.23 31.19
C ALA B 217 5.73 4.62 32.24
N ASP B 218 5.80 5.87 32.69
CA ASP B 218 4.78 6.34 33.61
C ASP B 218 3.40 6.26 32.95
N ILE B 219 2.38 6.09 33.79
CA ILE B 219 1.03 5.83 33.27
C ILE B 219 0.54 6.96 32.36
N PRO B 220 0.77 8.24 32.67
CA PRO B 220 0.32 9.29 31.73
C PRO B 220 0.94 9.17 30.35
N ALA B 221 2.24 8.90 30.29
CA ALA B 221 2.90 8.73 29.00
C ALA B 221 2.32 7.55 28.24
N LEU B 222 2.05 6.45 28.95
CA LEU B 222 1.45 5.29 28.32
C LEU B 222 0.05 5.60 27.82
N MET B 223 -0.71 6.42 28.55
CA MET B 223 -2.01 6.84 28.04
C MET B 223 -1.86 7.63 26.74
N MET B 224 -0.83 8.49 26.66
CA MET B 224 -0.62 9.21 25.41
C MET B 224 -0.15 8.28 24.30
N LEU B 225 0.56 7.21 24.63
CA LEU B 225 0.85 6.20 23.60
C LEU B 225 -0.44 5.61 23.08
N GLY B 226 -1.37 5.29 23.99
CA GLY B 226 -2.66 4.80 23.54
C GLY B 226 -3.41 5.81 22.70
N GLN B 227 -3.37 7.08 23.12
CA GLN B 227 -3.97 8.15 22.32
C GLN B 227 -3.38 8.17 20.92
N SER B 228 -2.10 7.82 20.79
CA SER B 228 -1.44 7.89 19.50
C SER B 228 -1.85 6.72 18.60
N ILE B 229 -2.01 5.53 19.16
CA ILE B 229 -2.24 4.34 18.33
C ILE B 229 -3.71 4.07 18.09
N GLY B 230 -4.59 4.49 18.99
CA GLY B 230 -5.99 4.18 18.81
C GLY B 230 -6.29 2.70 18.93
N ASP B 231 -7.52 2.34 18.54
CA ASP B 231 -8.02 0.97 18.63
C ASP B 231 -8.87 0.58 17.43
N ARG B 232 -8.58 1.16 16.26
CA ARG B 232 -9.36 0.97 15.04
C ARG B 232 -8.45 0.59 13.89
N SER B 233 -7.55 -0.36 14.17
CA SER B 233 -6.64 -0.93 13.20
C SER B 233 -6.21 -2.28 13.74
N LYS B 234 -5.57 -3.08 12.89
CA LYS B 234 -5.02 -4.33 13.40
C LYS B 234 -3.81 -4.01 14.28
N ARG B 235 -4.00 -4.11 15.59
CA ARG B 235 -3.01 -3.66 16.55
C ARG B 235 -3.08 -4.61 17.73
N LEU B 236 -1.93 -5.18 18.11
N LEU B 236 -1.93 -5.15 18.11
CA LEU B 236 -1.84 -6.12 19.21
CA LEU B 236 -1.82 -6.11 19.20
C LEU B 236 -0.92 -5.53 20.28
C LEU B 236 -0.91 -5.53 20.27
N ILE B 237 -1.47 -5.33 21.47
CA ILE B 237 -0.67 -4.87 22.60
C ILE B 237 0.02 -6.09 23.21
N PHE B 238 1.30 -5.92 23.55
CA PHE B 238 2.06 -6.85 24.35
C PHE B 238 2.40 -6.21 25.69
N SER B 239 2.78 -7.05 26.65
CA SER B 239 2.92 -6.62 28.04
C SER B 239 4.22 -7.14 28.63
N PHE B 240 5.00 -6.26 29.26
CA PHE B 240 6.17 -6.71 29.97
C PHE B 240 5.74 -7.23 31.35
N HIS B 241 6.14 -8.46 31.66
CA HIS B 241 5.74 -9.14 32.89
C HIS B 241 6.99 -9.43 33.67
N ARG B 242 6.96 -9.12 34.97
CA ARG B 242 8.15 -9.29 35.80
C ARG B 242 8.68 -10.72 35.77
N GLU B 243 7.79 -11.71 35.75
CA GLU B 243 8.21 -13.10 35.72
C GLU B 243 8.38 -13.64 34.30
N HIS B 244 7.46 -13.30 33.38
CA HIS B 244 7.44 -13.91 32.07
C HIS B 244 7.99 -13.02 30.95
N LEU B 245 8.39 -11.80 31.27
CA LEU B 245 8.95 -10.84 30.29
C LEU B 245 7.87 -10.54 29.28
N LEU B 246 8.11 -10.70 27.97
CA LEU B 246 7.10 -10.34 26.98
C LEU B 246 6.22 -11.51 26.56
N ARG B 247 6.42 -12.69 27.13
CA ARG B 247 5.55 -13.85 26.88
C ARG B 247 4.36 -13.77 27.83
N TRP B 248 3.19 -14.15 27.33
CA TRP B 248 1.99 -14.11 28.15
C TRP B 248 2.06 -15.17 29.25
N PRO B 249 1.77 -14.81 30.51
CA PRO B 249 1.84 -15.82 31.58
C PRO B 249 0.97 -17.05 31.36
N ASP B 250 -0.28 -16.89 30.91
CA ASP B 250 -1.19 -18.02 30.87
C ASP B 250 -2.32 -17.71 29.88
N GLN B 251 -2.19 -18.25 28.67
CA GLN B 251 -3.17 -18.00 27.61
C GLN B 251 -4.56 -18.53 27.95
N SER B 252 -4.68 -19.46 28.90
CA SER B 252 -5.96 -20.05 29.24
C SER B 252 -6.67 -19.36 30.39
N ALA B 253 -6.01 -18.41 31.06
CA ALA B 253 -6.57 -17.76 32.22
C ALA B 253 -7.81 -16.95 31.86
N GLU B 254 -8.85 -17.06 32.69
CA GLU B 254 -10.03 -16.23 32.49
C GLU B 254 -9.76 -14.84 33.04
N PRO B 255 -10.25 -13.79 32.39
CA PRO B 255 -10.11 -12.45 32.95
C PRO B 255 -10.81 -12.36 34.28
N PRO B 256 -10.31 -11.52 35.19
CA PRO B 256 -11.01 -11.31 36.46
C PRO B 256 -12.29 -10.52 36.28
N SER B 257 -13.12 -10.57 37.31
CA SER B 257 -14.23 -9.63 37.41
C SER B 257 -13.69 -8.23 37.66
N PHE B 258 -14.28 -7.23 37.00
CA PHE B 258 -13.96 -5.83 37.26
C PHE B 258 -15.09 -5.22 38.07
N LEU B 259 -14.83 -4.96 39.35
CA LEU B 259 -15.82 -4.45 40.29
C LEU B 259 -15.87 -2.93 40.22
N PHE B 260 -17.07 -2.38 40.41
CA PHE B 260 -17.23 -0.93 40.33
C PHE B 260 -18.10 -0.41 41.46
N THR B 261 -17.64 0.65 42.10
CA THR B 261 -18.47 1.40 43.03
C THR B 261 -18.62 2.82 42.47
N PRO B 262 -19.84 3.28 42.21
CA PRO B 262 -20.03 4.65 41.71
C PRO B 262 -19.74 5.66 42.80
N PRO B 263 -19.64 6.94 42.45
CA PRO B 263 -19.31 7.96 43.45
C PRO B 263 -20.53 8.31 44.28
N PRO B 264 -20.34 8.84 45.47
CA PRO B 264 -21.47 9.44 46.20
C PRO B 264 -21.98 10.66 45.45
N ASN B 265 -23.26 10.96 45.61
CA ASN B 265 -23.81 12.15 44.99
C ASN B 265 -23.30 13.39 45.73
N GLY B 266 -23.17 14.49 44.99
CA GLY B 266 -22.60 15.70 45.53
C GLY B 266 -22.05 16.57 44.42
N ASP B 267 -21.51 17.72 44.84
CA ASP B 267 -20.96 18.69 43.89
C ASP B 267 -19.44 18.61 43.78
N GLY B 268 -18.78 17.89 44.68
CA GLY B 268 -17.33 17.82 44.70
C GLY B 268 -16.75 17.27 43.42
N PRO B 269 -15.44 17.39 43.26
CA PRO B 269 -14.79 16.88 42.04
C PRO B 269 -14.91 15.37 41.94
N LEU B 270 -15.19 14.89 40.73
CA LEU B 270 -15.41 13.46 40.50
C LEU B 270 -14.07 12.77 40.25
N ALA B 271 -13.76 11.77 41.07
CA ALA B 271 -12.53 10.99 40.94
C ALA B 271 -12.85 9.56 40.55
N LEU B 272 -12.07 9.03 39.60
CA LEU B 272 -12.09 7.62 39.24
C LEU B 272 -10.77 7.02 39.70
N VAL B 273 -10.84 6.08 40.65
CA VAL B 273 -9.70 5.35 41.15
C VAL B 273 -9.70 3.97 40.49
N LEU B 274 -8.55 3.60 39.90
CA LEU B 274 -8.39 2.28 39.31
C LEU B 274 -7.44 1.48 40.20
N SER B 275 -7.99 0.53 40.94
CA SER B 275 -7.22 -0.30 41.85
C SER B 275 -7.10 -1.69 41.24
N ILE B 276 -6.17 -1.83 40.30
CA ILE B 276 -6.00 -3.06 39.54
C ILE B 276 -4.68 -3.74 39.88
N SER B 277 -3.57 -2.99 39.85
CA SER B 277 -2.29 -3.50 40.29
C SER B 277 -2.18 -3.58 41.80
N ALA B 278 -2.93 -2.73 42.49
CA ALA B 278 -2.86 -2.56 43.93
C ALA B 278 -4.07 -1.72 44.35
N GLN B 279 -4.31 -1.67 45.65
CA GLN B 279 -5.41 -0.88 46.20
C GLN B 279 -4.91 0.53 46.49
N VAL B 280 -5.45 1.51 45.79
CA VAL B 280 -5.11 2.91 46.03
C VAL B 280 -5.80 3.37 47.31
N PRO B 281 -5.07 3.91 48.28
CA PRO B 281 -5.74 4.39 49.51
C PRO B 281 -6.54 5.66 49.24
N VAL B 282 -7.78 5.68 49.75
CA VAL B 282 -8.66 6.82 49.49
C VAL B 282 -8.07 8.12 50.01
N ARG B 283 -7.33 8.07 51.12
CA ARG B 283 -6.83 9.33 51.68
C ARG B 283 -5.83 9.99 50.75
N ASP B 284 -5.08 9.19 49.97
CA ASP B 284 -4.13 9.78 49.04
C ASP B 284 -4.86 10.53 47.94
N VAL B 285 -6.07 10.07 47.60
CA VAL B 285 -6.85 10.73 46.56
C VAL B 285 -7.42 12.05 47.10
N THR B 286 -8.05 12.00 48.27
CA THR B 286 -8.64 13.21 48.83
C THR B 286 -7.56 14.23 49.22
N ASP B 287 -6.38 13.76 49.65
CA ASP B 287 -5.27 14.69 49.90
C ASP B 287 -4.96 15.51 48.65
N ALA B 288 -4.92 14.85 47.49
CA ALA B 288 -4.54 15.51 46.25
C ALA B 288 -5.69 16.27 45.61
N LEU B 289 -6.92 15.91 45.95
CA LEU B 289 -8.12 16.47 45.34
C LEU B 289 -9.16 16.63 46.45
N PRO B 290 -9.08 17.73 47.20
CA PRO B 290 -10.01 17.91 48.32
C PRO B 290 -11.47 17.87 47.89
N GLY B 291 -12.27 17.15 48.67
CA GLY B 291 -13.67 17.02 48.37
C GLY B 291 -14.00 15.96 47.34
N ALA B 292 -13.01 15.16 46.93
CA ALA B 292 -13.22 14.21 45.86
C ALA B 292 -14.37 13.27 46.17
N ARG B 293 -15.22 13.03 45.17
CA ARG B 293 -16.24 12.00 45.18
C ARG B 293 -15.65 10.82 44.41
N ILE B 294 -15.39 9.71 45.10
CA ILE B 294 -14.58 8.64 44.55
C ILE B 294 -15.47 7.51 44.02
N ALA B 295 -15.33 7.25 42.73
CA ALA B 295 -15.76 6.01 42.09
C ALA B 295 -14.53 5.13 41.94
N GLU B 296 -14.70 3.82 42.00
CA GLU B 296 -13.55 2.94 41.96
C GLU B 296 -13.82 1.70 41.11
N LEU B 297 -12.88 1.41 40.22
CA LEU B 297 -12.85 0.16 39.46
C LEU B 297 -11.73 -0.70 40.03
N SER B 298 -12.05 -1.94 40.39
CA SER B 298 -11.07 -2.81 41.03
C SER B 298 -11.23 -4.23 40.51
N ILE B 299 -10.31 -5.09 40.92
CA ILE B 299 -10.44 -6.54 40.74
C ILE B 299 -10.39 -7.17 42.12
N PRO B 300 -10.87 -8.41 42.25
CA PRO B 300 -10.94 -9.01 43.59
C PRO B 300 -9.59 -9.08 44.29
N GLU B 301 -8.53 -9.42 43.57
CA GLU B 301 -7.18 -9.51 44.14
C GLU B 301 -6.23 -8.67 43.31
N PRO B 302 -6.14 -7.37 43.59
CA PRO B 302 -5.22 -6.51 42.85
C PRO B 302 -3.80 -7.06 42.89
N SER B 303 -3.13 -7.01 41.74
CA SER B 303 -1.83 -7.65 41.63
C SER B 303 -1.05 -7.10 40.45
N TYR B 304 0.26 -6.88 40.65
CA TYR B 304 1.13 -6.50 39.55
C TYR B 304 1.17 -7.55 38.44
N ALA B 305 0.81 -8.79 38.75
CA ALA B 305 0.96 -9.91 37.83
C ALA B 305 -0.29 -10.20 37.02
N MET B 306 -1.33 -9.34 37.11
CA MET B 306 -2.66 -9.73 36.68
C MET B 306 -2.85 -9.76 35.17
N VAL B 307 -1.93 -9.22 34.37
CA VAL B 307 -2.10 -9.27 32.91
C VAL B 307 -1.66 -10.63 32.40
N GLN B 308 -2.53 -11.64 32.53
CA GLN B 308 -2.16 -13.01 32.22
C GLN B 308 -2.17 -13.29 30.72
N ASN B 309 -2.93 -12.54 29.96
CA ASN B 309 -3.04 -12.70 28.51
C ASN B 309 -3.72 -11.45 27.97
N ARG B 310 -3.80 -11.38 26.64
CA ARG B 310 -4.35 -10.16 26.05
C ARG B 310 -5.85 -10.03 26.32
N ARG B 311 -6.56 -11.14 26.53
CA ARG B 311 -7.98 -11.04 26.85
C ARG B 311 -8.22 -10.25 28.13
N VAL B 312 -7.26 -10.29 29.07
CA VAL B 312 -7.41 -9.48 30.28
C VAL B 312 -7.46 -8.01 29.92
N ILE B 313 -6.65 -7.59 28.95
CA ILE B 313 -6.64 -6.19 28.52
C ILE B 313 -7.98 -5.83 27.86
N HIS B 314 -8.45 -6.69 26.96
CA HIS B 314 -9.74 -6.43 26.33
C HIS B 314 -10.84 -6.36 27.36
N ALA B 315 -10.80 -7.25 28.37
CA ALA B 315 -11.85 -7.28 29.37
C ALA B 315 -11.82 -6.04 30.25
N PHE B 316 -10.62 -5.56 30.58
CA PHE B 316 -10.48 -4.29 31.27
C PHE B 316 -11.12 -3.16 30.47
N ARG B 317 -10.83 -3.12 29.16
CA ARG B 317 -11.37 -2.06 28.33
C ARG B 317 -12.88 -2.07 28.35
N ASP B 318 -13.47 -3.26 28.19
CA ASP B 318 -14.93 -3.37 28.12
C ASP B 318 -15.57 -2.89 29.41
N ALA B 319 -15.04 -3.34 30.55
CA ALA B 319 -15.60 -2.93 31.83
C ALA B 319 -15.39 -1.45 32.06
N LEU B 320 -14.18 -0.95 31.78
CA LEU B 320 -13.88 0.46 31.96
C LEU B 320 -14.85 1.33 31.17
N GLN B 321 -15.06 1.02 29.88
CA GLN B 321 -15.91 1.87 29.06
C GLN B 321 -17.36 1.84 29.53
N ILE B 322 -17.84 0.69 29.99
CA ILE B 322 -19.18 0.61 30.54
C ILE B 322 -19.33 1.59 31.69
N ARG B 323 -18.28 1.71 32.51
CA ARG B 323 -18.34 2.61 33.66
C ARG B 323 -18.03 4.04 33.28
N LEU B 324 -17.15 4.27 32.31
CA LEU B 324 -16.93 5.63 31.85
C LEU B 324 -18.20 6.21 31.24
N SER B 325 -18.97 5.39 30.51
CA SER B 325 -20.26 5.87 30.01
C SER B 325 -21.12 6.36 31.17
N GLN B 326 -21.18 5.59 32.25
CA GLN B 326 -21.98 5.98 33.41
C GLN B 326 -21.45 7.26 34.05
N LEU B 327 -20.13 7.35 34.25
CA LEU B 327 -19.55 8.52 34.91
C LEU B 327 -19.66 9.76 34.05
N GLU B 328 -19.40 9.64 32.74
CA GLU B 328 -19.48 10.81 31.87
C GLU B 328 -20.88 11.39 31.84
N ALA B 329 -21.91 10.55 31.92
CA ALA B 329 -23.27 11.05 31.95
C ALA B 329 -23.60 11.79 33.24
N LEU B 330 -22.88 11.50 34.33
CA LEU B 330 -23.24 12.08 35.62
C LEU B 330 -22.99 13.59 35.67
N THR B 331 -21.96 14.08 34.99
CA THR B 331 -21.55 15.46 35.14
C THR B 331 -20.84 15.90 33.88
N PRO B 332 -20.98 17.17 33.50
CA PRO B 332 -20.12 17.71 32.44
C PRO B 332 -18.69 17.93 32.88
N ASP B 333 -18.44 17.94 34.18
CA ASP B 333 -17.14 18.34 34.70
C ASP B 333 -16.12 17.21 34.51
N PRO B 334 -14.84 17.52 34.69
CA PRO B 334 -13.81 16.53 34.39
C PRO B 334 -13.85 15.35 35.33
N ILE B 335 -13.39 14.22 34.81
CA ILE B 335 -13.13 13.03 35.61
C ILE B 335 -11.65 13.01 35.96
N HIS B 336 -11.36 12.95 37.26
CA HIS B 336 -9.99 13.00 37.76
C HIS B 336 -9.53 11.57 38.04
N VAL B 337 -8.46 11.14 37.36
CA VAL B 337 -8.09 9.72 37.33
C VAL B 337 -6.89 9.47 38.22
N PHE B 338 -7.03 8.45 39.10
CA PHE B 338 -6.00 8.01 40.02
C PHE B 338 -5.82 6.50 39.82
N ALA B 339 -4.78 6.11 39.07
CA ALA B 339 -4.69 4.76 38.53
C ALA B 339 -3.48 4.02 39.07
N ALA B 340 -3.73 2.84 39.63
CA ALA B 340 -2.71 1.84 39.92
C ALA B 340 -3.01 0.68 38.97
N ILE B 341 -2.44 0.73 37.77
CA ILE B 341 -2.78 -0.24 36.72
C ILE B 341 -1.51 -0.65 36.00
N PRO B 342 -1.50 -1.87 35.46
CA PRO B 342 -0.37 -2.30 34.66
C PRO B 342 -0.19 -1.46 33.40
N ALA B 343 1.05 -1.48 32.89
CA ALA B 343 1.40 -0.63 31.77
C ALA B 343 0.53 -0.90 30.56
N ALA B 344 0.29 -2.16 30.23
CA ALA B 344 -0.53 -2.46 29.06
C ALA B 344 -1.94 -1.92 29.22
N LEU B 345 -2.47 -1.91 30.44
CA LEU B 345 -3.81 -1.38 30.65
C LEU B 345 -3.85 0.13 30.50
N ALA B 346 -2.77 0.83 30.86
CA ALA B 346 -2.70 2.26 30.66
C ALA B 346 -2.74 2.60 29.17
N ILE B 347 -2.02 1.85 28.35
CA ILE B 347 -2.09 2.07 26.90
C ILE B 347 -3.53 1.91 26.42
N GLU B 348 -4.20 0.83 26.83
CA GLU B 348 -5.55 0.59 26.33
C GLU B 348 -6.51 1.67 26.82
N PHE B 349 -6.35 2.14 28.06
CA PHE B 349 -7.12 3.28 28.56
C PHE B 349 -7.00 4.47 27.62
N GLY B 350 -5.77 4.85 27.26
CA GLY B 350 -5.59 5.96 26.34
C GLY B 350 -6.20 5.69 24.97
N ALA B 351 -6.05 4.46 24.47
CA ALA B 351 -6.60 4.15 23.15
C ALA B 351 -8.13 4.21 23.15
N LEU B 352 -8.75 3.83 24.26
CA LEU B 352 -10.21 3.84 24.34
C LEU B 352 -10.77 5.23 24.10
N LEU B 353 -10.10 6.26 24.61
CA LEU B 353 -10.55 7.65 24.55
C LEU B 353 -10.11 8.34 23.27
N THR B 354 -10.24 7.67 22.13
CA THR B 354 -9.85 8.23 20.84
C THR B 354 -11.02 8.31 19.87
N THR B 355 -12.25 8.17 20.36
CA THR B 355 -13.42 8.48 19.56
C THR B 355 -13.46 9.98 19.26
N GLN B 356 -14.34 10.35 18.34
CA GLN B 356 -14.65 11.77 18.14
C GLN B 356 -15.14 12.38 19.45
N HIS B 357 -16.08 11.72 20.10
CA HIS B 357 -16.52 12.14 21.42
C HIS B 357 -15.35 12.21 22.37
N GLN B 358 -15.27 13.31 23.12
CA GLN B 358 -14.22 13.54 24.10
C GLN B 358 -14.81 14.20 25.34
N HIS B 359 -14.80 13.49 26.46
CA HIS B 359 -15.01 14.06 27.79
C HIS B 359 -13.66 14.49 28.36
N THR B 360 -13.67 15.48 29.26
CA THR B 360 -12.43 15.95 29.86
C THR B 360 -11.97 14.98 30.96
N TYR B 361 -10.74 14.48 30.82
CA TYR B 361 -10.10 13.66 31.84
C TYR B 361 -8.84 14.35 32.33
N LEU B 362 -8.65 14.37 33.64
CA LEU B 362 -7.46 14.95 34.27
C LEU B 362 -6.73 13.81 34.96
N ILE B 363 -5.57 13.44 34.42
CA ILE B 363 -4.84 12.26 34.88
C ILE B 363 -3.83 12.70 35.95
N PHE B 364 -3.92 12.09 37.11
CA PHE B 364 -2.98 12.29 38.21
C PHE B 364 -1.97 11.14 38.23
N ASP B 365 -0.77 11.47 38.69
CA ASP B 365 0.28 10.46 38.83
C ASP B 365 1.11 10.81 40.07
N ARG B 366 1.62 9.79 40.72
CA ARG B 366 2.36 9.97 41.95
C ARG B 366 3.75 10.51 41.65
N ASP B 367 4.18 11.47 42.47
CA ASP B 367 5.49 12.11 42.36
C ASP B 367 6.39 11.55 43.46
N LYS B 368 7.30 10.66 43.08
CA LYS B 368 8.21 10.05 44.06
C LYS B 368 9.04 11.11 44.78
N GLU B 369 9.30 12.24 44.14
CA GLU B 369 10.08 13.32 44.72
C GLU B 369 9.22 14.32 45.49
N ASN B 370 7.96 13.99 45.72
CA ASN B 370 7.07 14.78 46.55
C ASN B 370 6.23 13.84 47.42
N GLN B 371 6.90 12.93 48.10
CA GLN B 371 6.28 12.04 49.07
C GLN B 371 5.23 11.14 48.44
N ASP B 372 5.42 10.83 47.16
CA ASP B 372 4.51 9.98 46.38
C ASP B 372 3.11 10.56 46.25
N ARG B 373 2.98 11.88 46.41
CA ARG B 373 1.68 12.53 46.29
C ARG B 373 1.20 12.55 44.84
N PHE B 374 -0.09 12.30 44.67
CA PHE B 374 -0.68 12.41 43.34
C PHE B 374 -0.66 13.87 42.87
N THR B 375 -0.21 14.09 41.64
CA THR B 375 -0.16 15.39 41.02
C THR B 375 -0.77 15.30 39.63
N GLN B 376 -1.56 16.31 39.26
CA GLN B 376 -2.19 16.32 37.95
C GLN B 376 -1.11 16.51 36.89
N THR B 377 -1.11 15.62 35.88
CA THR B 377 0.01 15.51 34.95
C THR B 377 -0.40 15.60 33.48
N LEU B 378 -1.65 15.24 33.16
CA LEU B 378 -2.08 15.16 31.78
C LEU B 378 -3.56 15.49 31.69
N GLN B 379 -3.93 16.27 30.68
CA GLN B 379 -5.34 16.53 30.39
C GLN B 379 -5.70 15.95 29.03
N LEU B 380 -6.80 15.20 28.99
CA LEU B 380 -7.38 14.68 27.76
C LEU B 380 -8.74 15.32 27.54
N GLY B 381 -9.09 15.58 26.28
CA GLY B 381 -10.39 16.12 25.94
C GLY B 381 -10.47 17.63 25.97
N PRO B 382 -11.71 18.19 25.93
CA PRO B 382 -11.91 19.65 25.91
C PRO B 382 -11.27 20.39 27.08
N PHE C 14 36.82 -27.28 -6.81
CA PHE C 14 35.56 -26.69 -7.25
C PHE C 14 34.77 -26.12 -6.07
N ASN C 15 35.43 -26.04 -4.91
CA ASN C 15 34.86 -25.44 -3.72
C ASN C 15 35.36 -23.99 -3.62
N THR C 16 34.46 -23.04 -3.81
CA THR C 16 34.80 -21.64 -3.63
C THR C 16 35.40 -21.43 -2.24
N ASN C 17 36.52 -20.70 -2.18
CA ASN C 17 37.23 -20.55 -0.91
C ASN C 17 36.61 -19.40 -0.09
N ASP C 18 37.06 -19.32 1.17
CA ASP C 18 36.47 -18.38 2.11
C ASP C 18 36.73 -16.93 1.70
N GLU C 19 37.92 -16.65 1.17
CA GLU C 19 38.20 -15.29 0.71
C GLU C 19 37.18 -14.84 -0.32
N THR C 20 36.89 -15.71 -1.29
CA THR C 20 35.95 -15.36 -2.35
C THR C 20 34.54 -15.24 -1.82
N LYS C 21 34.14 -16.13 -0.92
CA LYS C 21 32.82 -16.00 -0.30
C LYS C 21 32.71 -14.68 0.45
N ARG C 22 33.78 -14.30 1.16
CA ARG C 22 33.75 -13.02 1.85
C ARG C 22 33.61 -11.86 0.87
N ILE C 23 34.27 -11.95 -0.28
CA ILE C 23 34.14 -10.89 -1.27
C ILE C 23 32.72 -10.85 -1.82
N VAL C 24 32.13 -12.02 -2.07
CA VAL C 24 30.74 -12.06 -2.58
C VAL C 24 29.80 -11.39 -1.58
N TRP C 25 29.91 -11.74 -0.30
CA TRP C 25 29.09 -11.09 0.71
C TRP C 25 29.35 -9.59 0.74
N THR C 26 30.61 -9.19 0.60
CA THR C 26 30.96 -7.77 0.67
C THR C 26 30.37 -6.99 -0.49
N GLN C 27 30.61 -7.45 -1.73
CA GLN C 27 30.27 -6.64 -2.89
C GLN C 27 28.76 -6.58 -3.13
N THR C 28 28.00 -7.49 -2.50
CA THR C 28 26.54 -7.47 -2.54
C THR C 28 25.92 -6.82 -1.31
N ALA C 29 26.74 -6.38 -0.35
CA ALA C 29 26.25 -5.83 0.90
C ALA C 29 25.29 -6.81 1.59
N GLY C 30 25.50 -8.11 1.38
CA GLY C 30 24.77 -9.11 2.12
C GLY C 30 23.28 -9.17 1.84
N HIS C 31 22.85 -8.77 0.65
CA HIS C 31 21.46 -8.88 0.22
C HIS C 31 21.35 -9.83 -0.96
N CYS C 32 20.15 -10.41 -1.13
CA CYS C 32 19.90 -11.29 -2.27
C CYS C 32 19.88 -10.47 -3.55
N GLU C 33 20.71 -10.85 -4.53
CA GLU C 33 20.79 -10.09 -5.76
C GLU C 33 19.54 -10.17 -6.61
N LEU C 34 18.67 -11.14 -6.37
CA LEU C 34 17.47 -11.32 -7.19
C LEU C 34 16.20 -10.79 -6.53
N CYS C 35 16.12 -10.73 -5.20
CA CYS C 35 14.94 -10.17 -4.55
C CYS C 35 15.22 -9.06 -3.54
N GLY C 36 16.48 -8.78 -3.23
CA GLY C 36 16.81 -7.65 -2.39
C GLY C 36 16.63 -7.86 -0.91
N THR C 37 16.34 -9.08 -0.45
CA THR C 37 16.13 -9.29 0.97
C THR C 37 17.47 -9.29 1.71
N ASP C 38 17.43 -8.84 2.97
CA ASP C 38 18.61 -8.77 3.81
C ASP C 38 18.97 -10.18 4.30
N LEU C 39 20.16 -10.64 3.92
CA LEU C 39 20.61 -11.98 4.28
C LEU C 39 21.56 -11.98 5.48
N THR C 40 21.65 -10.87 6.21
CA THR C 40 22.49 -10.77 7.39
C THR C 40 21.71 -10.82 8.70
N PHE C 41 20.38 -10.92 8.63
CA PHE C 41 19.54 -10.72 9.81
C PHE C 41 18.19 -11.35 9.53
N ASP C 42 17.58 -11.91 10.58
CA ASP C 42 16.23 -12.44 10.54
C ASP C 42 15.32 -11.47 11.28
N TYR C 43 14.54 -10.68 10.53
CA TYR C 43 13.70 -9.67 11.14
C TYR C 43 12.55 -10.27 11.95
N ARG C 44 12.16 -11.52 11.69
CA ARG C 44 11.00 -12.06 12.40
C ARG C 44 11.31 -12.34 13.86
N ALA C 45 12.45 -12.97 14.16
CA ALA C 45 12.81 -13.29 15.53
C ALA C 45 13.99 -12.50 16.06
N GLY C 46 14.72 -11.78 15.20
CA GLY C 46 15.66 -10.78 15.65
C GLY C 46 17.08 -11.23 15.87
N LYS C 47 17.48 -12.36 15.29
CA LYS C 47 18.84 -12.85 15.45
C LYS C 47 19.68 -12.47 14.24
N PRO C 48 20.88 -11.92 14.43
CA PRO C 48 21.81 -11.80 13.30
C PRO C 48 22.20 -13.19 12.81
N MET C 49 22.10 -13.40 11.52
CA MET C 49 22.41 -14.70 10.93
C MET C 49 22.72 -14.50 9.45
N LYS C 50 23.73 -15.22 8.97
CA LYS C 50 24.10 -15.20 7.56
C LYS C 50 23.36 -16.34 6.88
N TRP C 51 22.15 -16.06 6.38
CA TRP C 51 21.28 -17.09 5.82
C TRP C 51 21.24 -17.05 4.29
N GLY C 52 22.20 -16.35 3.66
CA GLY C 52 22.32 -16.38 2.22
C GLY C 52 23.23 -17.49 1.72
N GLU C 53 23.22 -17.70 0.41
CA GLU C 53 23.97 -18.75 -0.25
C GLU C 53 24.76 -18.16 -1.42
N VAL C 54 26.03 -18.55 -1.53
CA VAL C 54 26.83 -18.20 -2.69
C VAL C 54 26.47 -19.17 -3.81
N ALA C 55 25.95 -18.64 -4.92
CA ALA C 55 25.39 -19.46 -5.98
C ALA C 55 26.16 -19.28 -7.28
N ALA C 56 26.43 -20.39 -7.95
CA ALA C 56 27.15 -20.37 -9.22
C ALA C 56 26.17 -20.23 -10.37
N ILE C 57 26.43 -19.27 -11.25
CA ILE C 57 25.64 -19.16 -12.47
C ILE C 57 25.92 -20.35 -13.38
N LEU C 58 27.17 -20.49 -13.81
CA LEU C 58 27.58 -21.70 -14.54
C LEU C 58 28.03 -22.75 -13.53
N PRO C 59 27.45 -23.95 -13.57
CA PRO C 59 27.79 -24.96 -12.57
C PRO C 59 29.10 -25.66 -12.89
N ALA C 60 29.68 -26.28 -11.87
CA ALA C 60 30.93 -26.99 -12.05
C ALA C 60 30.75 -28.22 -12.95
N SER C 61 29.60 -28.88 -12.85
CA SER C 61 29.28 -30.02 -13.70
C SER C 61 28.49 -29.57 -14.92
N PRO C 62 28.86 -29.99 -16.13
CA PRO C 62 28.05 -29.66 -17.30
C PRO C 62 26.64 -30.20 -17.24
N LYS C 63 26.36 -31.14 -16.34
CA LYS C 63 25.03 -31.69 -16.15
C LYS C 63 24.19 -30.86 -15.18
N GLY C 64 24.76 -29.81 -14.59
CA GLY C 64 24.02 -28.96 -13.69
C GLY C 64 23.17 -27.95 -14.44
N PRO C 65 22.43 -27.15 -13.68
CA PRO C 65 21.60 -26.11 -14.30
C PRO C 65 22.48 -25.06 -14.96
N ARG C 66 22.19 -24.76 -16.23
CA ARG C 66 22.98 -23.89 -17.10
C ARG C 66 24.32 -24.50 -17.46
N GLY C 67 24.52 -25.78 -17.19
CA GLY C 67 25.80 -26.40 -17.47
C GLY C 67 26.11 -26.39 -18.96
N ARG C 68 27.40 -26.30 -19.26
CA ARG C 68 27.87 -26.32 -20.64
C ARG C 68 29.25 -26.94 -20.67
N ALA C 69 29.53 -27.66 -21.75
CA ALA C 69 30.77 -28.44 -21.81
C ALA C 69 32.00 -27.55 -21.88
N ASP C 70 31.89 -26.36 -22.46
CA ASP C 70 33.03 -25.48 -22.64
C ASP C 70 33.33 -24.63 -21.42
N HIS C 71 32.76 -24.97 -20.26
CA HIS C 71 33.01 -24.22 -19.03
C HIS C 71 34.08 -24.96 -18.22
N ASP C 72 35.25 -24.31 -18.10
CA ASP C 72 36.33 -24.83 -17.27
C ASP C 72 36.02 -24.45 -15.83
N ALA C 73 35.39 -25.39 -15.11
CA ALA C 73 34.96 -25.11 -13.74
C ALA C 73 36.14 -24.74 -12.86
N GLU C 74 37.27 -25.43 -13.00
CA GLU C 74 38.43 -25.13 -12.17
C GLU C 74 38.83 -23.67 -12.31
N ALA C 75 38.73 -23.14 -13.53
CA ALA C 75 39.13 -21.77 -13.80
C ALA C 75 38.21 -20.74 -13.18
N HIS C 76 36.97 -21.12 -12.82
CA HIS C 76 35.97 -20.17 -12.38
C HIS C 76 35.41 -20.46 -10.99
N THR C 77 36.02 -21.40 -10.25
CA THR C 77 35.56 -21.69 -8.90
C THR C 77 35.49 -20.43 -8.04
N ASN C 78 36.49 -19.55 -8.17
CA ASN C 78 36.60 -18.33 -7.37
C ASN C 78 36.46 -17.08 -8.24
N ASP C 79 35.67 -17.19 -9.30
CA ASP C 79 35.42 -16.08 -10.21
C ASP C 79 34.12 -15.41 -9.78
N THR C 80 34.23 -14.21 -9.19
CA THR C 80 33.03 -13.56 -8.65
C THR C 80 32.08 -13.11 -9.75
N ALA C 81 32.52 -13.05 -11.01
CA ALA C 81 31.58 -12.84 -12.10
C ALA C 81 30.60 -13.99 -12.24
N ASN C 82 30.94 -15.16 -11.70
CA ASN C 82 30.10 -16.34 -11.78
C ASN C 82 29.36 -16.64 -10.50
N LEU C 83 29.49 -15.80 -9.47
CA LEU C 83 29.04 -16.12 -8.13
C LEU C 83 28.10 -15.03 -7.63
N MET C 84 26.87 -15.40 -7.33
CA MET C 84 25.86 -14.47 -6.84
C MET C 84 25.55 -14.80 -5.39
N LEU C 85 25.20 -13.78 -4.61
CA LEU C 85 24.64 -14.02 -3.28
C LEU C 85 23.12 -14.06 -3.41
N LEU C 86 22.53 -15.19 -3.04
CA LEU C 86 21.10 -15.37 -3.18
C LEU C 86 20.50 -15.87 -1.87
N CYS C 87 19.22 -15.59 -1.68
CA CYS C 87 18.50 -16.23 -0.61
C CYS C 87 18.22 -17.68 -1.00
N PRO C 88 17.90 -18.53 -0.03
CA PRO C 88 17.67 -19.95 -0.35
C PRO C 88 16.54 -20.14 -1.33
N GLY C 89 15.48 -19.32 -1.23
CA GLY C 89 14.36 -19.47 -2.15
C GLY C 89 14.71 -19.13 -3.58
N CYS C 90 15.36 -17.98 -3.79
CA CYS C 90 15.76 -17.61 -5.15
C CYS C 90 16.76 -18.61 -5.71
N HIS C 91 17.68 -19.10 -4.87
CA HIS C 91 18.66 -20.06 -5.36
C HIS C 91 17.98 -21.34 -5.80
N ASP C 92 17.02 -21.82 -5.01
N ASP C 92 17.02 -21.82 -5.02
CA ASP C 92 16.29 -23.03 -5.36
CA ASP C 92 16.32 -23.05 -5.39
C ASP C 92 15.58 -22.87 -6.70
C ASP C 92 15.57 -22.88 -6.70
N LYS C 93 14.92 -21.72 -6.90
CA LYS C 93 14.20 -21.49 -8.14
C LYS C 93 15.13 -21.49 -9.36
N ILE C 94 16.28 -20.82 -9.27
CA ILE C 94 17.11 -20.73 -10.46
C ILE C 94 17.70 -22.11 -10.78
N ASP C 95 17.87 -22.96 -9.76
CA ASP C 95 18.40 -24.29 -10.03
C ASP C 95 17.32 -25.27 -10.47
N ARG C 96 16.04 -24.96 -10.22
CA ARG C 96 14.94 -25.80 -10.66
C ARG C 96 14.41 -25.44 -12.04
N ASP C 97 14.75 -24.26 -12.58
CA ASP C 97 14.25 -23.81 -13.88
C ASP C 97 15.39 -23.13 -14.64
N ALA C 98 16.34 -23.93 -15.13
CA ALA C 98 17.47 -23.35 -15.85
C ALA C 98 17.03 -22.63 -17.11
N ASP C 99 15.99 -23.11 -17.80
CA ASP C 99 15.54 -22.44 -19.01
C ASP C 99 14.95 -21.06 -18.70
N GLY C 100 14.26 -20.94 -17.56
CA GLY C 100 13.68 -19.66 -17.17
C GLY C 100 14.66 -18.69 -16.55
N TYR C 101 15.82 -19.18 -16.13
CA TYR C 101 16.87 -18.34 -15.54
C TYR C 101 18.19 -18.66 -16.25
N PRO C 102 18.32 -18.28 -17.51
CA PRO C 102 19.51 -18.66 -18.28
C PRO C 102 20.74 -17.85 -17.89
N GLU C 103 21.90 -18.38 -18.29
CA GLU C 103 23.20 -17.81 -17.91
C GLU C 103 23.30 -16.33 -18.25
N ASN C 104 22.95 -15.95 -19.48
CA ASN C 104 23.14 -14.57 -19.89
C ASN C 104 22.24 -13.63 -19.10
N ASP C 105 21.02 -14.07 -18.77
CA ASP C 105 20.12 -13.21 -18.01
C ASP C 105 20.58 -13.06 -16.57
N LEU C 106 21.03 -14.15 -15.93
CA LEU C 106 21.54 -14.03 -14.58
C LEU C 106 22.81 -13.17 -14.55
N SER C 107 23.70 -13.34 -15.53
CA SER C 107 24.90 -12.54 -15.55
C SER C 107 24.58 -11.05 -15.68
N GLY C 108 23.60 -10.71 -16.51
CA GLY C 108 23.20 -9.31 -16.66
C GLY C 108 22.63 -8.73 -15.37
N LEU C 109 21.75 -9.48 -14.73
CA LEU C 109 21.20 -9.04 -13.44
C LEU C 109 22.31 -8.92 -12.39
N HIS C 110 23.22 -9.88 -12.36
CA HIS C 110 24.34 -9.85 -11.43
C HIS C 110 25.17 -8.59 -11.59
N GLN C 111 25.56 -8.28 -12.83
CA GLN C 111 26.43 -7.13 -13.05
C GLN C 111 25.71 -5.82 -12.77
N ALA C 112 24.41 -5.76 -13.10
CA ALA C 112 23.63 -4.57 -12.81
C ALA C 112 23.49 -4.35 -11.32
N TYR C 113 23.29 -5.43 -10.57
CA TYR C 113 23.19 -5.32 -9.12
C TYR C 113 24.48 -4.78 -8.53
N LEU C 114 25.62 -5.35 -8.94
CA LEU C 114 26.90 -4.94 -8.39
C LEU C 114 27.20 -3.48 -8.70
N GLU C 115 26.83 -3.02 -9.89
CA GLU C 115 27.10 -1.64 -10.29
C GLU C 115 26.27 -0.66 -9.46
N ARG C 116 25.02 -1.00 -9.14
CA ARG C 116 24.23 -0.13 -8.28
C ARG C 116 24.87 0.05 -6.91
N ILE C 117 25.41 -1.04 -6.33
CA ILE C 117 26.12 -0.93 -5.06
C ILE C 117 27.33 -0.03 -5.21
N ARG C 118 28.15 -0.28 -6.24
CA ARG C 118 29.37 0.49 -6.41
C ARG C 118 29.06 1.97 -6.56
N LEU C 119 28.04 2.31 -7.36
CA LEU C 119 27.68 3.71 -7.57
C LEU C 119 27.18 4.37 -6.28
N ALA C 120 26.40 3.64 -5.49
CA ALA C 120 25.96 4.19 -4.21
C ALA C 120 27.16 4.45 -3.30
N ALA C 121 28.13 3.52 -3.28
CA ALA C 121 29.25 3.66 -2.35
C ALA C 121 30.18 4.81 -2.73
N THR C 122 30.24 5.15 -4.02
CA THR C 122 31.13 6.21 -4.48
C THR C 122 30.45 7.55 -4.59
N THR C 123 29.18 7.66 -4.23
CA THR C 123 28.47 8.92 -4.31
C THR C 123 28.88 9.82 -3.15
N PRO C 124 29.36 11.03 -3.39
CA PRO C 124 29.66 11.92 -2.26
C PRO C 124 28.38 12.28 -1.51
N ASP C 125 28.53 12.43 -0.19
CA ASP C 125 27.40 12.79 0.65
C ASP C 125 26.89 14.17 0.30
N GLY C 126 25.57 14.32 0.29
CA GLY C 126 24.96 15.59 -0.06
C GLY C 126 24.00 16.11 0.99
N GLY C 127 24.01 15.49 2.17
CA GLY C 127 23.16 15.93 3.26
C GLY C 127 21.83 15.22 3.29
N ARG C 128 21.04 15.60 4.29
CA ARG C 128 19.70 15.06 4.49
C ARG C 128 18.65 15.91 3.78
N ALA C 129 17.53 15.27 3.42
CA ALA C 129 16.40 15.98 2.82
C ALA C 129 15.10 15.24 3.10
N ILE C 130 14.01 16.00 3.18
CA ILE C 130 12.68 15.43 3.33
C ILE C 130 12.16 15.03 1.95
N PRO C 131 11.86 13.76 1.69
CA PRO C 131 11.22 13.39 0.42
C PRO C 131 9.76 13.81 0.40
N LEU C 132 9.33 14.40 -0.72
CA LEU C 132 7.96 14.87 -0.86
C LEU C 132 7.46 14.53 -2.25
N ILE C 133 6.41 13.72 -2.31
CA ILE C 133 5.69 13.39 -3.52
C ILE C 133 4.30 14.01 -3.43
N VAL C 134 3.90 14.76 -4.45
CA VAL C 134 2.56 15.32 -4.53
C VAL C 134 1.96 14.88 -5.85
N GLN C 135 0.82 14.20 -5.80
CA GLN C 135 0.21 13.71 -7.04
C GLN C 135 -1.30 13.86 -6.96
N SER C 136 -1.91 14.05 -8.12
CA SER C 136 -3.34 14.23 -8.21
C SER C 136 -4.00 12.93 -8.66
N GLN C 137 -5.33 12.97 -8.71
CA GLN C 137 -6.13 11.90 -9.27
C GLN C 137 -7.05 12.44 -10.36
N HIS C 138 -6.63 13.49 -11.07
CA HIS C 138 -7.53 14.13 -12.03
C HIS C 138 -7.44 13.54 -13.43
N PHE C 139 -6.52 12.62 -13.65
CA PHE C 139 -6.40 11.91 -14.92
C PHE C 139 -7.41 10.77 -15.00
N GLN C 140 -7.64 10.31 -16.23
CA GLN C 140 -8.47 9.13 -16.45
C GLN C 140 -7.63 7.85 -16.50
N THR C 141 -6.40 7.91 -15.99
CA THR C 141 -5.53 6.76 -15.84
C THR C 141 -4.95 6.80 -14.42
N ILE C 142 -4.40 5.67 -13.98
CA ILE C 142 -3.64 5.67 -12.74
C ILE C 142 -2.51 6.68 -12.81
N ASN C 143 -2.27 7.38 -11.71
CA ASN C 143 -1.19 8.34 -11.58
C ASN C 143 -0.47 8.04 -10.26
N ASP C 144 0.74 7.52 -10.32
CA ASP C 144 1.38 7.06 -9.09
C ASP C 144 2.90 7.11 -9.23
N ILE C 145 3.51 8.01 -8.46
CA ILE C 145 4.96 8.14 -8.42
C ILE C 145 5.51 7.19 -7.36
N PRO C 146 6.36 6.22 -7.73
CA PRO C 146 6.90 5.30 -6.72
C PRO C 146 7.81 6.01 -5.73
N VAL C 147 7.62 5.70 -4.45
CA VAL C 147 8.49 6.24 -3.40
C VAL C 147 9.94 5.83 -3.66
N ARG C 148 10.18 4.56 -4.02
CA ARG C 148 11.54 4.10 -4.20
C ARG C 148 12.27 4.96 -5.24
N ASP C 149 11.55 5.39 -6.28
CA ASP C 149 12.23 6.10 -7.35
C ASP C 149 12.65 7.50 -6.93
N LEU C 150 11.86 8.19 -6.10
CA LEU C 150 12.32 9.46 -5.56
C LEU C 150 13.54 9.25 -4.66
N LEU C 151 13.48 8.27 -3.76
CA LEU C 151 14.61 8.02 -2.86
C LEU C 151 15.87 7.68 -3.64
N THR C 152 15.73 6.94 -4.75
CA THR C 152 16.89 6.57 -5.54
C THR C 152 17.47 7.76 -6.28
N ALA C 153 16.62 8.65 -6.81
CA ALA C 153 17.11 9.89 -7.41
C ALA C 153 17.78 10.77 -6.37
N MET C 154 17.22 10.81 -5.16
CA MET C 154 17.85 11.55 -4.09
C MET C 154 19.23 10.98 -3.80
N SER C 155 19.31 9.66 -3.67
CA SER C 155 20.58 9.03 -3.31
C SER C 155 21.64 9.25 -4.38
N ALA C 156 21.24 9.31 -5.64
CA ALA C 156 22.20 9.55 -6.71
C ALA C 156 22.86 10.91 -6.61
N GLU C 157 22.22 11.86 -5.91
CA GLU C 157 22.80 13.17 -5.63
C GLU C 157 23.31 13.27 -4.20
N GLY C 158 23.50 12.13 -3.51
CA GLY C 158 24.00 12.12 -2.16
C GLY C 158 23.00 12.47 -1.08
N LEU C 159 21.72 12.57 -1.39
CA LEU C 159 20.72 12.92 -0.41
C LEU C 159 20.09 11.67 0.20
N THR C 160 19.93 11.69 1.53
CA THR C 160 19.26 10.63 2.26
C THR C 160 18.23 11.23 3.19
N ALA C 161 17.34 10.38 3.68
CA ALA C 161 16.24 10.80 4.53
C ALA C 161 16.14 9.88 5.74
N PHE C 162 15.46 10.38 6.77
CA PHE C 162 15.22 9.59 7.97
C PHE C 162 13.96 8.74 7.88
N ASP C 163 13.16 8.93 6.84
CA ASP C 163 11.96 8.14 6.61
C ASP C 163 11.70 8.18 5.12
N GLN C 164 10.77 7.34 4.65
CA GLN C 164 10.50 7.30 3.22
C GLN C 164 9.78 8.55 2.73
N GLY C 165 9.33 9.41 3.63
CA GLY C 165 8.93 10.75 3.26
C GLY C 165 7.43 10.95 3.22
N ILE C 166 7.07 12.08 2.64
CA ILE C 166 5.68 12.51 2.54
C ILE C 166 5.17 12.16 1.16
N LYS C 167 3.99 11.57 1.09
CA LYS C 167 3.30 11.33 -0.18
C LYS C 167 1.85 11.77 -0.03
N ILE C 168 1.50 12.83 -0.76
CA ILE C 168 0.16 13.42 -0.74
C ILE C 168 -0.51 13.11 -2.06
N ALA C 169 -1.67 12.47 -1.99
CA ALA C 169 -2.50 12.19 -3.16
C ALA C 169 -3.78 13.00 -3.01
N PHE C 170 -4.02 13.92 -3.94
CA PHE C 170 -5.25 14.70 -3.88
C PHE C 170 -6.46 13.79 -4.02
N ALA C 171 -7.55 14.19 -3.36
CA ALA C 171 -8.84 13.57 -3.64
C ALA C 171 -9.20 13.71 -5.10
N ALA C 172 -9.84 12.67 -5.65
CA ALA C 172 -10.27 12.69 -7.03
C ALA C 172 -11.41 13.70 -7.22
N PRO C 173 -11.59 14.20 -8.45
CA PRO C 173 -12.77 15.02 -8.73
C PRO C 173 -14.04 14.23 -8.46
N GLY C 174 -15.05 14.91 -7.93
CA GLY C 174 -16.34 14.31 -7.74
C GLY C 174 -17.15 14.29 -9.03
N PRO C 175 -18.46 14.04 -8.91
CA PRO C 175 -19.28 13.87 -10.12
C PRO C 175 -19.46 15.14 -10.94
N ARG C 176 -19.12 16.30 -10.40
CA ARG C 176 -19.22 17.58 -11.09
C ARG C 176 -17.88 18.02 -11.69
N GLY C 177 -16.88 17.14 -11.72
CA GLY C 177 -15.58 17.52 -12.23
C GLY C 177 -14.79 18.32 -11.20
N ARG C 178 -13.86 19.14 -11.71
CA ARG C 178 -13.03 19.98 -10.86
C ARG C 178 -13.81 21.24 -10.49
N ASP C 179 -14.69 21.09 -9.48
CA ASP C 179 -15.58 22.15 -9.07
C ASP C 179 -14.96 22.95 -7.92
N THR C 180 -15.74 23.86 -7.33
CA THR C 180 -15.24 24.64 -6.20
C THR C 180 -14.81 23.73 -5.06
N THR C 181 -15.56 22.65 -4.80
CA THR C 181 -15.17 21.72 -3.75
C THR C 181 -13.82 21.07 -4.05
N TYR C 182 -13.61 20.70 -5.31
CA TYR C 182 -12.36 20.06 -5.70
C TYR C 182 -11.18 20.97 -5.40
N TRP C 183 -11.28 22.24 -5.80
CA TRP C 183 -10.16 23.15 -5.61
C TRP C 183 -9.98 23.52 -4.15
N GLN C 184 -11.07 23.50 -3.35
CA GLN C 184 -10.91 23.66 -1.92
C GLN C 184 -10.13 22.49 -1.32
N ASN C 185 -10.41 21.27 -1.81
CA ASN C 185 -9.65 20.11 -1.35
C ASN C 185 -8.18 20.23 -1.74
N VAL C 186 -7.90 20.68 -2.97
CA VAL C 186 -6.51 20.89 -3.39
C VAL C 186 -5.83 21.89 -2.46
N LYS C 187 -6.48 23.02 -2.19
CA LYS C 187 -5.91 24.00 -1.29
C LYS C 187 -5.63 23.41 0.08
N ASP C 188 -6.56 22.60 0.59
CA ASP C 188 -6.38 22.00 1.91
C ASP C 188 -5.23 20.98 1.89
N SER C 189 -5.09 20.23 0.80
CA SER C 189 -4.00 19.26 0.73
C SER C 189 -2.65 19.95 0.76
N VAL C 190 -2.53 21.07 0.06
CA VAL C 190 -1.25 21.75 -0.07
C VAL C 190 -0.96 22.63 1.14
N GLN C 191 -1.96 23.32 1.67
CA GLN C 191 -1.72 24.31 2.70
C GLN C 191 -1.91 23.78 4.11
N TYR C 192 -2.65 22.70 4.28
CA TYR C 192 -2.89 22.12 5.60
C TYR C 192 -2.26 20.74 5.73
N GLU C 193 -2.65 19.79 4.89
CA GLU C 193 -2.13 18.43 5.03
C GLU C 193 -0.61 18.44 4.96
N LEU C 194 -0.04 19.10 3.94
CA LEU C 194 1.40 19.12 3.79
C LEU C 194 2.07 19.78 5.00
N GLU C 195 1.51 20.89 5.47
CA GLU C 195 2.14 21.59 6.60
C GLU C 195 2.12 20.70 7.83
N GLN C 196 1.05 19.94 8.04
CA GLN C 196 0.98 19.06 9.19
C GLN C 196 2.02 17.96 9.09
N GLN C 197 2.22 17.41 7.88
CA GLN C 197 3.20 16.36 7.71
C GLN C 197 4.62 16.89 7.89
N LEU C 198 4.88 18.10 7.43
CA LEU C 198 6.20 18.69 7.64
C LEU C 198 6.43 19.01 9.11
N LYS C 199 5.38 19.39 9.82
CA LYS C 199 5.50 19.74 11.23
C LYS C 199 5.92 18.54 12.07
N ARG C 200 5.33 17.38 11.81
CA ARG C 200 5.73 16.16 12.50
C ARG C 200 7.22 15.86 12.38
N ARG C 201 7.87 16.37 11.33
CA ARG C 201 9.26 16.08 11.06
C ARG C 201 10.18 17.18 11.56
N GLY C 202 9.65 18.16 12.27
CA GLY C 202 10.46 19.30 12.68
C GLY C 202 11.67 18.90 13.48
N GLY C 203 11.48 18.02 14.46
CA GLY C 203 12.60 17.64 15.31
C GLY C 203 13.59 16.74 14.60
N THR C 204 13.11 15.77 13.83
CA THR C 204 13.99 14.79 13.21
C THR C 204 14.92 15.45 12.20
N TYR C 205 14.41 16.38 11.39
CA TYR C 205 15.20 17.02 10.34
C TYR C 205 15.73 18.39 10.72
N GLY C 206 15.30 18.95 11.85
CA GLY C 206 15.77 20.26 12.25
C GLY C 206 14.88 21.38 11.75
N ASP C 207 15.42 22.59 11.83
CA ASP C 207 14.58 23.78 11.65
C ASP C 207 14.26 24.04 10.18
N SER C 208 15.28 24.14 9.33
CA SER C 208 15.11 24.55 7.94
C SER C 208 15.64 23.45 7.01
N PRO C 209 15.00 22.28 7.01
CA PRO C 209 15.55 21.14 6.28
C PRO C 209 15.39 21.29 4.76
N ALA C 210 16.26 20.56 4.05
CA ALA C 210 16.12 20.49 2.60
C ALA C 210 14.88 19.71 2.25
N LEU C 211 14.28 20.06 1.11
CA LEU C 211 13.03 19.46 0.66
C LEU C 211 13.26 18.93 -0.75
N ALA C 212 13.12 17.61 -0.92
CA ALA C 212 13.30 16.95 -2.21
C ALA C 212 11.91 16.63 -2.75
N VAL C 213 11.44 17.43 -3.70
CA VAL C 213 10.02 17.44 -4.04
C VAL C 213 9.84 17.07 -5.51
N VAL C 214 8.88 16.20 -5.77
CA VAL C 214 8.43 15.89 -7.12
C VAL C 214 6.91 15.93 -7.15
N GLY C 215 6.36 16.53 -8.20
CA GLY C 215 4.92 16.59 -8.36
C GLY C 215 4.47 16.06 -9.70
N LEU C 216 3.28 15.48 -9.70
CA LEU C 216 2.58 15.12 -10.93
C LEU C 216 1.09 15.30 -10.62
N ALA C 217 0.61 16.53 -10.87
CA ALA C 217 -0.69 16.96 -10.39
C ALA C 217 -1.15 18.12 -11.25
N ASP C 218 -2.38 18.59 -10.96
CA ASP C 218 -2.96 19.70 -11.72
C ASP C 218 -1.96 20.85 -11.78
N ILE C 219 -1.81 21.45 -12.97
CA ILE C 219 -0.88 22.58 -13.08
C ILE C 219 -1.19 23.66 -12.04
N PRO C 220 -2.43 24.13 -11.89
CA PRO C 220 -2.68 25.16 -10.86
C PRO C 220 -2.32 24.70 -9.47
N ALA C 221 -2.49 23.40 -9.18
CA ALA C 221 -2.15 22.87 -7.87
C ALA C 221 -0.65 22.85 -7.65
N LEU C 222 0.11 22.46 -8.67
CA LEU C 222 1.56 22.48 -8.56
C LEU C 222 2.09 23.90 -8.40
N MET C 223 1.43 24.86 -9.04
CA MET C 223 1.83 26.25 -8.85
C MET C 223 1.54 26.71 -7.43
N MET C 224 0.40 26.31 -6.89
CA MET C 224 0.10 26.63 -5.50
C MET C 224 1.10 25.95 -4.56
N LEU C 225 1.42 24.69 -4.84
CA LEU C 225 2.47 23.98 -4.09
C LEU C 225 3.77 24.77 -4.11
N GLY C 226 4.18 25.22 -5.30
CA GLY C 226 5.39 26.01 -5.41
C GLY C 226 5.34 27.27 -4.58
N GLN C 227 4.21 27.97 -4.59
CA GLN C 227 4.10 29.19 -3.80
C GLN C 227 4.25 28.88 -2.32
N SER C 228 3.71 27.73 -1.88
CA SER C 228 3.78 27.38 -0.46
C SER C 228 5.19 27.04 -0.01
N ILE C 229 6.09 26.61 -0.91
CA ILE C 229 7.44 26.22 -0.54
C ILE C 229 8.50 27.14 -1.14
N GLY C 230 8.10 28.24 -1.76
CA GLY C 230 9.05 29.07 -2.49
C GLY C 230 10.03 29.83 -1.62
N ASP C 231 9.71 30.04 -0.34
CA ASP C 231 10.63 30.71 0.56
C ASP C 231 11.59 29.74 1.25
N ARG C 232 11.46 28.44 0.98
CA ARG C 232 12.35 27.48 1.61
C ARG C 232 13.76 27.60 1.05
N SER C 233 14.73 27.49 1.93
CA SER C 233 16.10 27.24 1.50
C SER C 233 16.26 25.75 1.21
N LYS C 234 17.15 25.43 0.30
CA LYS C 234 17.46 24.03 -0.01
C LYS C 234 16.23 23.31 -0.54
N ARG C 235 15.46 23.99 -1.40
CA ARG C 235 14.40 23.31 -2.14
C ARG C 235 15.03 22.67 -3.37
N LEU C 236 14.84 21.35 -3.51
CA LEU C 236 15.47 20.57 -4.57
C LEU C 236 14.35 19.91 -5.37
N ILE C 237 14.04 20.48 -6.53
CA ILE C 237 12.95 19.93 -7.35
C ILE C 237 13.49 18.73 -8.13
N PHE C 238 12.72 17.65 -8.13
CA PHE C 238 12.92 16.48 -8.99
C PHE C 238 11.75 16.42 -9.96
N SER C 239 11.85 15.50 -10.92
CA SER C 239 10.92 15.48 -12.04
C SER C 239 10.59 14.05 -12.45
N PHE C 240 9.31 13.76 -12.63
CA PHE C 240 8.87 12.53 -13.25
C PHE C 240 8.93 12.68 -14.76
N HIS C 241 9.62 11.76 -15.42
CA HIS C 241 9.86 11.78 -16.85
C HIS C 241 9.29 10.52 -17.48
N ARG C 242 8.58 10.66 -18.61
CA ARG C 242 7.94 9.51 -19.23
C ARG C 242 8.93 8.41 -19.61
N GLU C 243 10.16 8.75 -19.96
CA GLU C 243 11.13 7.71 -20.26
C GLU C 243 11.94 7.32 -19.02
N HIS C 244 12.47 8.30 -18.30
CA HIS C 244 13.46 8.04 -17.27
C HIS C 244 12.90 7.99 -15.86
N LEU C 245 11.59 8.13 -15.70
CA LEU C 245 10.92 8.14 -14.38
C LEU C 245 11.54 9.25 -13.55
N LEU C 246 12.15 8.96 -12.40
CA LEU C 246 12.71 10.01 -11.58
C LEU C 246 14.18 10.29 -11.88
N ARG C 247 14.82 9.48 -12.73
CA ARG C 247 16.19 9.76 -13.10
C ARG C 247 16.26 10.96 -14.04
N TRP C 248 17.21 11.86 -13.80
CA TRP C 248 17.41 12.95 -14.75
C TRP C 248 17.80 12.37 -16.10
N PRO C 249 17.13 12.78 -17.20
CA PRO C 249 17.49 12.20 -18.50
C PRO C 249 18.95 12.36 -18.89
N ASP C 250 19.54 13.54 -18.70
CA ASP C 250 20.87 13.81 -19.23
C ASP C 250 21.46 14.99 -18.48
N GLN C 251 22.35 14.69 -17.52
CA GLN C 251 22.94 15.75 -16.70
C GLN C 251 23.78 16.73 -17.50
N SER C 252 24.24 16.34 -18.70
N SER C 252 24.23 16.34 -18.69
CA SER C 252 25.08 17.19 -19.52
CA SER C 252 25.08 17.19 -19.52
C SER C 252 24.30 18.07 -20.49
C SER C 252 24.31 18.07 -20.49
N ALA C 253 22.98 17.91 -20.57
CA ALA C 253 22.21 18.63 -21.56
C ALA C 253 22.21 20.13 -21.31
N GLU C 254 22.31 20.91 -22.40
CA GLU C 254 22.28 22.36 -22.28
C GLU C 254 20.83 22.84 -22.22
N PRO C 255 20.51 23.76 -21.31
CA PRO C 255 19.13 24.25 -21.24
C PRO C 255 18.76 24.93 -22.55
N PRO C 256 17.48 24.88 -22.92
CA PRO C 256 17.07 25.55 -24.15
C PRO C 256 16.99 27.05 -23.95
N SER C 257 16.95 27.77 -25.07
CA SER C 257 16.60 29.18 -25.03
C SER C 257 15.12 29.30 -24.71
N PHE C 258 14.77 30.26 -23.85
CA PHE C 258 13.37 30.56 -23.56
C PHE C 258 13.01 31.80 -24.36
N LEU C 259 12.32 31.58 -25.47
CA LEU C 259 11.89 32.63 -26.38
C LEU C 259 10.72 33.39 -25.79
N PHE C 260 10.69 34.70 -26.00
CA PHE C 260 9.64 35.54 -25.44
C PHE C 260 9.09 36.47 -26.49
N THR C 261 7.76 36.45 -26.63
CA THR C 261 7.02 37.41 -27.44
C THR C 261 6.34 38.39 -26.49
N PRO C 262 6.68 39.66 -26.49
CA PRO C 262 6.03 40.61 -25.59
C PRO C 262 4.59 40.85 -26.01
N PRO C 263 3.74 41.32 -25.10
CA PRO C 263 2.33 41.52 -25.43
C PRO C 263 2.15 42.70 -26.36
N PRO C 264 1.05 42.73 -27.10
CA PRO C 264 0.71 43.94 -27.85
C PRO C 264 0.28 45.05 -26.89
N ASN C 265 0.49 46.29 -27.31
CA ASN C 265 -0.02 47.40 -26.53
C ASN C 265 -1.55 47.43 -26.61
N GLY C 266 -2.18 47.89 -25.54
CA GLY C 266 -3.62 47.94 -25.48
C GLY C 266 -4.11 47.97 -24.05
N ASP C 267 -5.44 47.94 -23.92
CA ASP C 267 -6.09 47.94 -22.62
C ASP C 267 -6.79 46.61 -22.31
N GLY C 268 -6.68 45.62 -23.19
CA GLY C 268 -7.26 44.32 -22.95
C GLY C 268 -6.55 43.56 -21.84
N PRO C 269 -7.19 42.48 -21.34
CA PRO C 269 -6.61 41.74 -20.22
C PRO C 269 -5.30 41.07 -20.61
N LEU C 270 -4.34 41.09 -19.69
CA LEU C 270 -2.99 40.62 -19.95
C LEU C 270 -2.91 39.12 -19.67
N ALA C 271 -2.43 38.36 -20.65
CA ALA C 271 -2.32 36.91 -20.55
C ALA C 271 -0.87 36.50 -20.75
N LEU C 272 -0.38 35.64 -19.86
CA LEU C 272 0.91 34.99 -20.01
C LEU C 272 0.67 33.57 -20.49
N VAL C 273 1.16 33.26 -21.68
CA VAL C 273 1.04 31.93 -22.27
C VAL C 273 2.41 31.27 -22.18
N LEU C 274 2.45 30.08 -21.60
CA LEU C 274 3.68 29.30 -21.46
C LEU C 274 3.58 28.09 -22.37
N SER C 275 4.37 28.06 -23.43
CA SER C 275 4.33 27.01 -24.45
C SER C 275 5.65 26.23 -24.38
N ILE C 276 5.75 25.37 -23.39
CA ILE C 276 7.00 24.65 -23.10
C ILE C 276 6.85 23.16 -23.39
N SER C 277 5.80 22.53 -22.83
CA SER C 277 5.49 21.14 -23.14
C SER C 277 4.93 21.00 -24.55
N ALA C 278 4.17 22.01 -24.98
CA ALA C 278 3.47 22.01 -26.25
C ALA C 278 3.14 23.47 -26.56
N GLN C 279 2.72 23.69 -27.80
CA GLN C 279 2.31 25.02 -28.24
C GLN C 279 0.87 25.28 -27.83
N VAL C 280 0.65 26.26 -26.97
CA VAL C 280 -0.71 26.64 -26.61
C VAL C 280 -1.30 27.42 -27.78
N PRO C 281 -2.43 26.99 -28.35
CA PRO C 281 -2.99 27.73 -29.50
C PRO C 281 -3.58 29.06 -29.06
N VAL C 282 -3.20 30.13 -29.75
CA VAL C 282 -3.74 31.45 -29.42
C VAL C 282 -5.26 31.42 -29.43
N ARG C 283 -5.86 30.67 -30.37
CA ARG C 283 -7.32 30.62 -30.46
C ARG C 283 -7.95 30.18 -29.14
N ASP C 284 -7.28 29.29 -28.42
CA ASP C 284 -7.84 28.78 -27.17
C ASP C 284 -7.72 29.81 -26.04
N VAL C 285 -6.72 30.68 -26.12
CA VAL C 285 -6.55 31.73 -25.13
C VAL C 285 -7.60 32.81 -25.32
N THR C 286 -7.77 33.29 -26.55
CA THR C 286 -8.74 34.37 -26.77
C THR C 286 -10.17 33.88 -26.61
N ASP C 287 -10.43 32.59 -26.88
CA ASP C 287 -11.76 32.05 -26.58
C ASP C 287 -12.07 32.16 -25.10
N ALA C 288 -11.10 31.85 -24.25
CA ALA C 288 -11.31 31.89 -22.81
C ALA C 288 -11.29 33.30 -22.26
N LEU C 289 -10.57 34.20 -22.92
CA LEU C 289 -10.30 35.54 -22.41
C LEU C 289 -10.37 36.50 -23.59
N PRO C 290 -11.57 36.83 -24.04
CA PRO C 290 -11.70 37.64 -25.27
C PRO C 290 -10.93 38.95 -25.16
N GLY C 291 -10.21 39.28 -26.23
CA GLY C 291 -9.43 40.50 -26.27
C GLY C 291 -8.11 40.42 -25.54
N ALA C 292 -7.63 39.21 -25.26
CA ALA C 292 -6.42 39.06 -24.45
C ALA C 292 -5.21 39.68 -25.15
N ARG C 293 -4.39 40.38 -24.35
CA ARG C 293 -3.08 40.83 -24.77
C ARG C 293 -2.08 39.74 -24.38
N ILE C 294 -1.59 39.00 -25.37
CA ILE C 294 -0.86 37.76 -25.12
C ILE C 294 0.64 38.02 -25.14
N ALA C 295 1.30 37.72 -24.03
CA ALA C 295 2.74 37.55 -23.95
C ALA C 295 3.02 36.06 -23.87
N GLU C 296 4.02 35.59 -24.63
CA GLU C 296 4.27 34.16 -24.69
C GLU C 296 5.73 33.84 -24.41
N LEU C 297 5.96 32.91 -23.49
CA LEU C 297 7.27 32.32 -23.25
C LEU C 297 7.24 30.90 -23.78
N SER C 298 8.23 30.54 -24.58
CA SER C 298 8.23 29.26 -25.25
C SER C 298 9.67 28.77 -25.36
N ILE C 299 9.82 27.56 -25.89
CA ILE C 299 11.13 27.06 -26.30
C ILE C 299 11.04 26.75 -27.78
N PRO C 300 12.18 26.62 -28.46
CA PRO C 300 12.15 26.42 -29.91
C PRO C 300 11.39 25.18 -30.34
N GLU C 301 11.43 24.12 -29.54
CA GLU C 301 10.78 22.85 -29.87
C GLU C 301 10.02 22.36 -28.64
N PRO C 302 8.80 22.84 -28.43
CA PRO C 302 8.03 22.39 -27.25
C PRO C 302 7.95 20.88 -27.21
N SER C 303 8.16 20.31 -26.02
CA SER C 303 8.25 18.87 -25.90
C SER C 303 7.98 18.44 -24.46
N TYR C 304 7.20 17.35 -24.31
CA TYR C 304 6.99 16.77 -23.00
C TYR C 304 8.29 16.32 -22.33
N ALA C 305 9.33 16.04 -23.11
CA ALA C 305 10.53 15.40 -22.59
C ALA C 305 11.59 16.40 -22.16
N MET C 306 11.30 17.70 -22.16
CA MET C 306 12.38 18.70 -22.15
C MET C 306 13.06 18.88 -20.80
N VAL C 307 12.53 18.33 -19.70
CA VAL C 307 13.17 18.53 -18.40
C VAL C 307 14.34 17.55 -18.27
N GLN C 308 15.47 17.88 -18.90
CA GLN C 308 16.59 16.96 -19.00
C GLN C 308 17.44 16.91 -17.73
N ASN C 309 17.41 17.95 -16.92
CA ASN C 309 18.18 18.04 -15.69
C ASN C 309 17.70 19.27 -14.93
N ARG C 310 18.20 19.41 -13.69
CA ARG C 310 17.72 20.51 -12.87
C ARG C 310 18.19 21.86 -13.41
N ARG C 311 19.28 21.90 -14.17
CA ARG C 311 19.69 23.18 -14.76
C ARG C 311 18.63 23.70 -15.72
N VAL C 312 17.85 22.82 -16.35
CA VAL C 312 16.76 23.28 -17.20
C VAL C 312 15.73 24.02 -16.37
N ILE C 313 15.42 23.49 -15.17
CA ILE C 313 14.48 24.15 -14.28
C ILE C 313 15.04 25.50 -13.83
N HIS C 314 16.33 25.55 -13.52
CA HIS C 314 16.94 26.81 -13.10
C HIS C 314 16.88 27.84 -14.21
N ALA C 315 17.15 27.41 -15.45
CA ALA C 315 17.10 28.32 -16.59
C ALA C 315 15.70 28.85 -16.81
N PHE C 316 14.69 28.01 -16.56
CA PHE C 316 13.30 28.45 -16.66
C PHE C 316 13.01 29.52 -15.62
N ARG C 317 13.46 29.30 -14.38
CA ARG C 317 13.32 30.31 -13.34
C ARG C 317 13.96 31.62 -13.76
N ASP C 318 15.19 31.55 -14.29
CA ASP C 318 15.90 32.76 -14.68
C ASP C 318 15.13 33.54 -15.75
N ALA C 319 14.60 32.83 -16.75
CA ALA C 319 13.81 33.49 -17.78
C ALA C 319 12.53 34.09 -17.21
N LEU C 320 11.86 33.34 -16.34
CA LEU C 320 10.60 33.82 -15.76
C LEU C 320 10.83 35.06 -14.90
N GLN C 321 11.95 35.09 -14.16
CA GLN C 321 12.29 36.27 -13.39
C GLN C 321 12.22 37.53 -14.24
N ILE C 322 12.86 37.49 -15.40
CA ILE C 322 12.89 38.66 -16.27
C ILE C 322 11.49 38.96 -16.80
N ARG C 323 10.79 37.92 -17.28
CA ARG C 323 9.55 38.15 -18.01
C ARG C 323 8.41 38.50 -17.06
N LEU C 324 8.35 37.89 -15.88
CA LEU C 324 7.34 38.30 -14.92
C LEU C 324 7.56 39.75 -14.49
N SER C 325 8.81 40.15 -14.29
CA SER C 325 9.08 41.54 -13.94
C SER C 325 8.56 42.47 -15.02
N GLN C 326 8.79 42.12 -16.29
CA GLN C 326 8.40 43.01 -17.38
C GLN C 326 6.89 43.07 -17.54
N LEU C 327 6.20 41.94 -17.33
CA LEU C 327 4.74 41.98 -17.42
C LEU C 327 4.15 42.72 -16.22
N GLU C 328 4.71 42.53 -15.04
CA GLU C 328 4.17 43.16 -13.84
C GLU C 328 4.34 44.68 -13.88
N ALA C 329 5.30 45.18 -14.64
CA ALA C 329 5.47 46.62 -14.75
C ALA C 329 4.45 47.24 -15.68
N LEU C 330 3.75 46.44 -16.49
CA LEU C 330 2.83 46.98 -17.47
C LEU C 330 1.46 47.28 -16.89
N THR C 331 1.05 46.59 -15.82
CA THR C 331 -0.30 46.74 -15.33
C THR C 331 -0.38 46.42 -13.85
N PRO C 332 -1.27 47.08 -13.12
CA PRO C 332 -1.58 46.65 -11.75
C PRO C 332 -2.61 45.53 -11.70
N ASP C 333 -3.22 45.19 -12.83
CA ASP C 333 -4.30 44.22 -12.90
C ASP C 333 -3.76 42.79 -12.88
N PRO C 334 -4.61 41.81 -12.58
CA PRO C 334 -4.16 40.41 -12.55
C PRO C 334 -3.61 39.99 -13.90
N ILE C 335 -2.70 39.02 -13.86
CA ILE C 335 -2.15 38.40 -15.05
C ILE C 335 -2.79 37.02 -15.20
N HIS C 336 -3.26 36.71 -16.40
CA HIS C 336 -3.99 35.48 -16.67
C HIS C 336 -3.04 34.48 -17.31
N VAL C 337 -2.89 33.31 -16.68
CA VAL C 337 -1.85 32.36 -17.04
C VAL C 337 -2.45 31.17 -17.78
N PHE C 338 -1.86 30.84 -18.93
CA PHE C 338 -2.27 29.71 -19.77
C PHE C 338 -1.02 28.89 -20.06
N ALA C 339 -0.89 27.73 -19.42
CA ALA C 339 0.39 27.03 -19.39
C ALA C 339 0.25 25.59 -19.87
N ALA C 340 1.05 25.23 -20.87
CA ALA C 340 1.35 23.84 -21.21
C ALA C 340 2.82 23.67 -20.83
N ILE C 341 3.07 23.25 -19.60
CA ILE C 341 4.43 23.16 -19.06
C ILE C 341 4.58 21.89 -18.27
N PRO C 342 5.81 21.37 -18.18
CA PRO C 342 6.07 20.20 -17.35
C PRO C 342 5.79 20.47 -15.87
N ALA C 343 5.50 19.38 -15.16
CA ALA C 343 5.10 19.49 -13.77
C ALA C 343 6.16 20.19 -12.92
N ALA C 344 7.44 19.86 -13.14
CA ALA C 344 8.50 20.48 -12.36
C ALA C 344 8.56 21.99 -12.58
N LEU C 345 8.26 22.44 -13.81
CA LEU C 345 8.26 23.87 -14.09
C LEU C 345 7.04 24.56 -13.51
N ALA C 346 5.92 23.83 -13.36
CA ALA C 346 4.78 24.39 -12.67
C ALA C 346 5.12 24.70 -11.21
N ILE C 347 5.84 23.78 -10.54
CA ILE C 347 6.27 24.05 -9.17
C ILE C 347 7.18 25.27 -9.16
N GLU C 348 8.14 25.32 -10.08
CA GLU C 348 9.10 26.42 -10.10
C GLU C 348 8.39 27.75 -10.35
N PHE C 349 7.43 27.77 -11.26
CA PHE C 349 6.64 28.98 -11.49
C PHE C 349 6.01 29.47 -10.19
N GLY C 350 5.34 28.56 -9.46
CA GLY C 350 4.72 28.96 -8.21
C GLY C 350 5.71 29.47 -7.18
N ALA C 351 6.91 28.87 -7.14
CA ALA C 351 7.92 29.28 -6.17
C ALA C 351 8.34 30.73 -6.36
N LEU C 352 8.24 31.25 -7.59
CA LEU C 352 8.58 32.65 -7.82
C LEU C 352 7.53 33.61 -7.28
N LEU C 353 6.35 33.13 -6.94
CA LEU C 353 5.28 34.00 -6.46
C LEU C 353 5.28 34.18 -4.95
N THR C 354 6.13 33.45 -4.21
CA THR C 354 6.12 33.54 -2.76
C THR C 354 6.63 34.91 -2.31
N THR C 355 7.79 35.33 -2.82
CA THR C 355 8.36 36.63 -2.49
C THR C 355 8.92 37.37 -3.70
N GLN C 356 9.38 36.69 -4.75
CA GLN C 356 10.04 37.37 -5.85
C GLN C 356 9.06 38.19 -6.68
N HIS C 357 7.84 37.69 -6.84
CA HIS C 357 6.86 38.31 -7.73
C HIS C 357 5.49 38.26 -7.05
N GLN C 358 5.19 39.32 -6.31
CA GLN C 358 3.96 39.40 -5.52
C GLN C 358 2.94 40.20 -6.34
N HIS C 359 2.34 39.49 -7.29
CA HIS C 359 1.32 40.00 -8.20
C HIS C 359 0.21 38.95 -8.26
N THR C 360 -1.02 39.39 -8.49
CA THR C 360 -2.11 38.43 -8.62
C THR C 360 -2.04 37.71 -9.96
N TYR C 361 -2.07 36.38 -9.93
CA TYR C 361 -2.07 35.56 -11.12
C TYR C 361 -3.31 34.67 -11.09
N LEU C 362 -4.11 34.75 -12.14
CA LEU C 362 -5.30 33.92 -12.28
C LEU C 362 -4.96 32.77 -13.22
N ILE C 363 -4.99 31.55 -12.71
CA ILE C 363 -4.50 30.40 -13.46
C ILE C 363 -5.66 29.77 -14.20
N PHE C 364 -5.55 29.69 -15.52
CA PHE C 364 -6.50 28.96 -16.35
C PHE C 364 -5.97 27.56 -16.59
N ASP C 365 -6.89 26.64 -16.89
CA ASP C 365 -6.49 25.28 -17.18
C ASP C 365 -7.53 24.65 -18.09
N ARG C 366 -7.10 23.63 -18.83
CA ARG C 366 -7.99 22.89 -19.71
C ARG C 366 -9.10 22.25 -18.90
N ASP C 367 -10.34 22.37 -19.39
CA ASP C 367 -11.53 21.96 -18.67
C ASP C 367 -12.18 20.81 -19.44
N LYS C 368 -12.07 19.59 -18.91
CA LYS C 368 -12.65 18.44 -19.59
C LYS C 368 -14.17 18.49 -19.61
N GLU C 369 -14.79 19.29 -18.74
CA GLU C 369 -16.23 19.43 -18.71
C GLU C 369 -16.74 20.49 -19.69
N ASN C 370 -15.83 21.23 -20.32
CA ASN C 370 -16.18 22.27 -21.28
C ASN C 370 -15.37 22.10 -22.54
N GLN C 371 -15.31 20.86 -23.03
CA GLN C 371 -14.80 20.55 -24.37
C GLN C 371 -13.36 21.03 -24.54
N ASP C 372 -12.55 20.86 -23.50
CA ASP C 372 -11.14 21.19 -23.48
C ASP C 372 -10.87 22.70 -23.48
N ARG C 373 -11.90 23.53 -23.36
CA ARG C 373 -11.67 24.96 -23.26
C ARG C 373 -10.92 25.31 -21.98
N PHE C 374 -10.17 26.41 -22.03
CA PHE C 374 -9.56 26.95 -20.83
C PHE C 374 -10.63 27.60 -19.96
N THR C 375 -10.58 27.31 -18.66
CA THR C 375 -11.41 28.01 -17.70
C THR C 375 -10.56 28.40 -16.50
N GLN C 376 -10.97 29.46 -15.81
CA GLN C 376 -10.20 29.95 -14.68
C GLN C 376 -10.34 29.01 -13.49
N THR C 377 -9.22 28.80 -12.78
CA THR C 377 -9.20 27.90 -11.64
C THR C 377 -8.71 28.69 -10.43
N LEU C 378 -7.48 28.51 -9.99
CA LEU C 378 -7.00 29.12 -8.76
C LEU C 378 -6.49 30.53 -9.00
N GLN C 379 -6.58 31.35 -7.96
CA GLN C 379 -5.94 32.65 -7.92
C GLN C 379 -4.75 32.55 -6.97
N LEU C 380 -3.58 32.93 -7.47
CA LEU C 380 -2.35 32.84 -6.70
C LEU C 380 -1.76 34.24 -6.56
N GLY C 381 -0.70 34.33 -5.76
CA GLY C 381 -0.06 35.59 -5.49
C GLY C 381 -0.43 36.10 -4.10
N PRO C 382 -0.40 37.43 -3.92
CA PRO C 382 -0.66 37.96 -2.58
C PRO C 382 -2.12 37.90 -2.18
N GLY D 12 45.11 5.27 19.92
CA GLY D 12 44.97 5.87 18.61
C GLY D 12 44.32 4.94 17.59
N ARG D 13 44.28 3.65 17.89
CA ARG D 13 43.77 2.66 16.96
C ARG D 13 42.74 1.76 17.65
N PHE D 14 41.57 1.64 17.02
CA PHE D 14 40.51 0.76 17.48
C PHE D 14 40.68 -0.61 16.85
N ASN D 15 40.69 -1.65 17.68
CA ASN D 15 40.99 -3.01 17.22
C ASN D 15 39.71 -3.83 17.05
N THR D 16 39.69 -4.67 16.03
CA THR D 16 38.55 -5.51 15.70
C THR D 16 39.02 -6.93 15.42
N ASN D 17 38.15 -7.90 15.71
CA ASN D 17 38.41 -9.29 15.37
C ASN D 17 37.81 -9.61 14.00
N ASP D 18 37.95 -10.88 13.56
CA ASP D 18 37.51 -11.24 12.22
C ASP D 18 36.00 -11.10 12.07
N GLU D 19 35.24 -11.53 13.07
CA GLU D 19 33.78 -11.54 12.93
C GLU D 19 33.25 -10.11 12.78
N THR D 20 33.81 -9.19 13.55
CA THR D 20 33.43 -7.78 13.43
C THR D 20 33.79 -7.24 12.05
N LYS D 21 34.96 -7.61 11.54
CA LYS D 21 35.31 -7.22 10.19
C LYS D 21 34.30 -7.74 9.18
N ARG D 22 33.91 -9.01 9.31
CA ARG D 22 32.94 -9.60 8.39
C ARG D 22 31.67 -8.75 8.32
N ILE D 23 31.19 -8.29 9.48
CA ILE D 23 29.93 -7.56 9.53
C ILE D 23 30.09 -6.17 8.92
N VAL D 24 31.17 -5.47 9.29
CA VAL D 24 31.35 -4.10 8.84
C VAL D 24 31.65 -4.05 7.34
N TRP D 25 32.49 -4.96 6.87
CA TRP D 25 32.77 -5.02 5.44
C TRP D 25 31.50 -5.27 4.64
N THR D 26 30.61 -6.13 5.15
CA THR D 26 29.39 -6.44 4.41
C THR D 26 28.44 -5.24 4.38
N GLN D 27 28.24 -4.58 5.52
CA GLN D 27 27.25 -3.50 5.53
C GLN D 27 27.72 -2.26 4.78
N THR D 28 29.04 -2.09 4.56
CA THR D 28 29.60 -0.99 3.80
C THR D 28 29.87 -1.34 2.34
N ALA D 29 29.69 -2.60 1.95
CA ALA D 29 30.08 -3.09 0.62
C ALA D 29 31.56 -2.86 0.34
N GLY D 30 32.37 -2.72 1.39
CA GLY D 30 33.82 -2.68 1.20
C GLY D 30 34.37 -1.43 0.57
N HIS D 31 33.72 -0.29 0.75
CA HIS D 31 34.25 1.00 0.34
C HIS D 31 34.49 1.87 1.57
N CYS D 32 35.46 2.78 1.44
CA CYS D 32 35.67 3.78 2.48
C CYS D 32 34.46 4.70 2.56
N GLU D 33 33.93 4.88 3.77
CA GLU D 33 32.71 5.65 3.94
C GLU D 33 32.93 7.15 3.74
N LEU D 34 34.17 7.61 3.77
CA LEU D 34 34.46 9.04 3.65
C LEU D 34 34.91 9.47 2.27
N CYS D 35 35.63 8.62 1.52
CA CYS D 35 36.05 8.98 0.17
C CYS D 35 35.50 8.06 -0.92
N GLY D 36 34.84 6.97 -0.56
CA GLY D 36 34.20 6.12 -1.55
C GLY D 36 35.10 5.13 -2.25
N THR D 37 36.39 5.11 -1.94
CA THR D 37 37.29 4.20 -2.62
C THR D 37 36.93 2.75 -2.36
N ASP D 38 36.94 1.94 -3.42
CA ASP D 38 36.70 0.51 -3.32
C ASP D 38 37.93 -0.16 -2.71
N LEU D 39 37.79 -0.72 -1.51
CA LEU D 39 38.93 -1.26 -0.80
C LEU D 39 39.21 -2.73 -1.13
N THR D 40 38.50 -3.29 -2.13
CA THR D 40 38.79 -4.64 -2.63
C THR D 40 39.74 -4.61 -3.83
N PHE D 41 40.38 -3.48 -4.10
CA PHE D 41 41.23 -3.34 -5.29
C PHE D 41 42.25 -4.46 -5.41
N ASP D 42 42.85 -4.89 -4.30
CA ASP D 42 43.87 -5.93 -4.37
C ASP D 42 43.27 -7.24 -4.86
N TYR D 43 42.11 -7.62 -4.29
CA TYR D 43 41.47 -8.84 -4.71
C TYR D 43 41.11 -8.78 -6.19
N ARG D 44 40.64 -7.61 -6.66
CA ARG D 44 40.31 -7.48 -8.07
C ARG D 44 41.54 -7.66 -8.94
N ALA D 45 42.71 -7.29 -8.44
CA ALA D 45 43.95 -7.46 -9.17
C ALA D 45 44.51 -8.87 -9.06
N GLY D 46 43.86 -9.75 -8.30
CA GLY D 46 44.32 -11.12 -8.14
C GLY D 46 45.21 -11.35 -6.95
N LYS D 47 45.33 -10.38 -6.06
CA LYS D 47 46.19 -10.49 -4.89
C LYS D 47 45.37 -10.81 -3.65
N PRO D 48 46.02 -11.26 -2.58
CA PRO D 48 45.27 -11.57 -1.35
C PRO D 48 44.56 -10.34 -0.80
N MET D 49 43.39 -10.57 -0.21
CA MET D 49 42.60 -9.51 0.39
C MET D 49 43.05 -9.32 1.83
N LYS D 50 43.69 -8.18 2.11
CA LYS D 50 44.24 -7.88 3.44
C LYS D 50 43.29 -6.92 4.15
N TRP D 51 42.20 -7.49 4.66
CA TRP D 51 41.09 -6.68 5.16
C TRP D 51 41.58 -5.66 6.21
N GLY D 52 42.41 -6.12 7.15
CA GLY D 52 42.86 -5.28 8.24
C GLY D 52 43.91 -4.26 7.90
N GLU D 53 44.47 -4.32 6.69
CA GLU D 53 45.51 -3.39 6.26
C GLU D 53 45.04 -2.40 5.22
N VAL D 54 44.07 -2.78 4.39
CA VAL D 54 43.54 -1.85 3.39
C VAL D 54 42.44 -0.98 3.99
N ALA D 55 42.04 -1.23 5.23
CA ALA D 55 41.01 -0.45 5.88
C ALA D 55 41.22 -0.45 7.38
N ALA D 56 40.65 0.56 8.03
CA ALA D 56 40.57 0.63 9.48
C ALA D 56 39.10 0.75 9.86
N ILE D 57 38.74 0.14 10.98
CA ILE D 57 37.40 0.22 11.55
C ILE D 57 37.48 0.97 12.86
N LEU D 58 36.63 1.99 13.01
CA LEU D 58 36.56 2.73 14.27
C LEU D 58 35.13 3.18 14.51
N PRO D 59 34.75 3.39 15.76
CA PRO D 59 33.39 3.88 16.04
C PRO D 59 33.15 5.23 15.37
N ALA D 60 31.89 5.45 14.99
CA ALA D 60 31.53 6.71 14.36
C ALA D 60 31.42 7.84 15.38
N SER D 61 31.15 7.51 16.65
CA SER D 61 30.91 8.50 17.69
C SER D 61 32.01 8.49 18.74
N PRO D 62 32.28 9.65 19.35
CA PRO D 62 33.25 9.69 20.46
C PRO D 62 32.79 8.86 21.65
N LYS D 63 33.77 8.46 22.46
CA LYS D 63 33.50 7.74 23.70
C LYS D 63 34.81 7.28 24.34
N ASN D 78 31.32 -0.32 19.56
CA ASN D 78 30.61 -1.41 20.24
C ASN D 78 29.63 -2.09 19.28
N ASP D 79 28.41 -1.56 19.22
CA ASP D 79 27.44 -2.03 18.25
C ASP D 79 28.03 -1.95 16.85
N THR D 80 28.04 -3.07 16.13
CA THR D 80 28.62 -3.07 14.79
C THR D 80 27.93 -2.05 13.89
N ALA D 81 26.69 -1.69 14.20
CA ALA D 81 25.96 -0.69 13.43
C ALA D 81 26.61 0.68 13.49
N ASN D 82 27.44 0.96 14.49
CA ASN D 82 28.04 2.28 14.67
C ASN D 82 29.54 2.26 14.40
N LEU D 83 30.05 1.21 13.80
CA LEU D 83 31.45 1.11 13.39
C LEU D 83 31.55 1.49 11.91
N MET D 84 32.55 2.30 11.58
CA MET D 84 32.77 2.76 10.22
C MET D 84 33.97 2.05 9.60
N LEU D 85 33.92 1.90 8.28
CA LEU D 85 35.05 1.39 7.50
C LEU D 85 35.69 2.57 6.77
N LEU D 86 36.98 2.79 7.04
CA LEU D 86 37.72 3.87 6.41
C LEU D 86 38.98 3.32 5.76
N CYS D 87 39.40 3.94 4.66
CA CYS D 87 40.72 3.66 4.12
C CYS D 87 41.78 4.25 5.04
N PRO D 88 43.01 3.73 4.99
CA PRO D 88 44.06 4.27 5.87
C PRO D 88 44.25 5.78 5.76
N GLY D 89 44.25 6.32 4.54
CA GLY D 89 44.43 7.76 4.39
C GLY D 89 43.36 8.57 5.11
N CYS D 90 42.10 8.21 4.91
CA CYS D 90 41.02 8.92 5.59
C CYS D 90 41.10 8.72 7.10
N HIS D 91 41.45 7.50 7.52
CA HIS D 91 41.60 7.23 8.95
C HIS D 91 42.71 8.08 9.56
N ASP D 92 43.78 8.31 8.80
CA ASP D 92 44.89 9.11 9.30
C ASP D 92 44.47 10.55 9.58
N LYS D 93 43.54 11.08 8.81
CA LYS D 93 43.09 12.47 8.97
C LYS D 93 42.10 12.64 10.12
N ILE D 94 41.66 11.55 10.74
CA ILE D 94 40.70 11.63 11.85
C ILE D 94 41.46 11.72 13.16
N ASP D 95 41.22 12.78 13.92
CA ASP D 95 41.74 12.88 15.28
C ASP D 95 41.03 11.87 16.17
N ARG D 96 41.80 11.10 16.93
CA ARG D 96 41.26 10.05 17.78
C ARG D 96 41.81 10.18 19.18
N ASP D 97 41.13 9.52 20.12
CA ASP D 97 41.60 9.43 21.49
C ASP D 97 42.57 8.25 21.58
N ALA D 98 43.02 7.91 22.78
CA ALA D 98 44.00 6.84 22.90
C ALA D 98 43.41 5.47 22.57
N ASP D 99 42.09 5.31 22.72
CA ASP D 99 41.42 4.05 22.44
C ASP D 99 40.98 3.92 20.99
N GLY D 100 41.29 4.91 20.14
CA GLY D 100 40.92 4.86 18.75
C GLY D 100 39.54 5.38 18.43
N TYR D 101 38.79 5.86 19.42
CA TYR D 101 37.51 6.49 19.15
C TYR D 101 37.73 7.87 18.52
N PRO D 102 36.82 8.32 17.66
CA PRO D 102 36.96 9.66 17.08
C PRO D 102 36.71 10.73 18.12
N GLU D 103 37.35 11.88 17.91
CA GLU D 103 37.09 13.04 18.76
C GLU D 103 35.85 13.79 18.29
N ASN D 104 35.64 13.85 16.98
CA ASN D 104 34.49 14.52 16.39
C ASN D 104 33.48 13.49 15.92
N ASP D 105 32.20 13.82 16.03
CA ASP D 105 31.15 12.87 15.68
C ASP D 105 31.09 12.68 14.18
N LEU D 106 30.98 11.42 13.76
CA LEU D 106 30.84 11.05 12.35
C LEU D 106 29.55 10.30 12.08
N SER D 107 28.68 10.17 13.08
CA SER D 107 27.53 9.26 12.97
C SER D 107 26.58 9.67 11.85
N GLY D 108 26.45 10.97 11.60
CA GLY D 108 25.56 11.41 10.53
C GLY D 108 26.01 10.95 9.17
N LEU D 109 27.29 11.17 8.86
CA LEU D 109 27.85 10.69 7.60
C LEU D 109 27.81 9.18 7.53
N HIS D 110 28.12 8.51 8.64
CA HIS D 110 28.10 7.05 8.67
C HIS D 110 26.71 6.51 8.38
N GLN D 111 25.70 7.04 9.08
CA GLN D 111 24.35 6.52 8.89
C GLN D 111 23.84 6.80 7.49
N ALA D 112 24.17 7.98 6.94
CA ALA D 112 23.75 8.29 5.57
C ALA D 112 24.40 7.34 4.58
N TYR D 113 25.68 7.02 4.81
CA TYR D 113 26.37 6.10 3.91
C TYR D 113 25.68 4.75 3.91
N LEU D 114 25.39 4.22 5.10
CA LEU D 114 24.72 2.92 5.19
C LEU D 114 23.37 2.96 4.50
N GLU D 115 22.66 4.08 4.60
CA GLU D 115 21.36 4.18 3.95
C GLU D 115 21.47 4.10 2.44
N ARG D 116 22.47 4.76 1.86
CA ARG D 116 22.65 4.68 0.41
C ARG D 116 22.98 3.26 -0.04
N ILE D 117 23.81 2.54 0.73
CA ILE D 117 24.10 1.15 0.41
C ILE D 117 22.81 0.32 0.50
N ARG D 118 22.06 0.48 1.60
CA ARG D 118 20.83 -0.28 1.79
C ARG D 118 19.85 -0.04 0.64
N LEU D 119 19.71 1.22 0.22
CA LEU D 119 18.77 1.52 -0.84
C LEU D 119 19.17 0.83 -2.14
N ALA D 120 20.45 0.81 -2.43
CA ALA D 120 20.92 0.10 -3.61
C ALA D 120 20.71 -1.41 -3.46
N ALA D 121 21.01 -1.96 -2.28
CA ALA D 121 20.94 -3.40 -2.09
C ALA D 121 19.52 -3.94 -2.16
N THR D 122 18.51 -3.12 -1.79
CA THR D 122 17.12 -3.56 -1.85
C THR D 122 16.45 -3.24 -3.18
N THR D 123 17.18 -2.61 -4.11
CA THR D 123 16.54 -2.22 -5.38
C THR D 123 15.88 -3.38 -6.10
N PRO D 124 16.32 -4.63 -6.01
CA PRO D 124 15.59 -5.70 -6.69
C PRO D 124 14.13 -5.78 -6.28
N ASP D 125 13.76 -5.32 -5.09
CA ASP D 125 12.33 -5.40 -4.72
C ASP D 125 11.51 -4.28 -5.35
N GLY D 126 12.16 -3.30 -5.98
CA GLY D 126 11.47 -2.36 -6.85
C GLY D 126 10.99 -2.95 -8.15
N GLY D 127 11.29 -4.23 -8.39
CA GLY D 127 10.87 -4.92 -9.58
C GLY D 127 9.55 -5.64 -9.47
N ARG D 128 8.87 -5.62 -8.32
CA ARG D 128 7.54 -6.24 -8.21
C ARG D 128 6.67 -5.77 -9.36
N ALA D 129 6.02 -6.71 -10.05
CA ALA D 129 5.38 -6.39 -11.31
C ALA D 129 4.15 -7.24 -11.58
N ILE D 130 3.27 -6.70 -12.41
CA ILE D 130 2.06 -7.36 -12.89
C ILE D 130 2.25 -7.70 -14.36
N PRO D 131 2.19 -8.97 -14.76
CA PRO D 131 2.24 -9.29 -16.19
C PRO D 131 0.87 -9.07 -16.84
N LEU D 132 0.87 -8.43 -18.01
CA LEU D 132 -0.35 -8.16 -18.75
C LEU D 132 -0.13 -8.44 -20.24
N ILE D 133 -0.86 -9.41 -20.78
CA ILE D 133 -0.87 -9.71 -22.21
C ILE D 133 -2.25 -9.38 -22.75
N VAL D 134 -2.30 -8.55 -23.79
CA VAL D 134 -3.57 -8.14 -24.38
C VAL D 134 -3.54 -8.48 -25.85
N GLN D 135 -4.53 -9.25 -26.31
CA GLN D 135 -4.56 -9.63 -27.72
C GLN D 135 -5.98 -9.47 -28.25
N SER D 136 -6.09 -9.52 -29.57
CA SER D 136 -7.36 -9.67 -30.23
C SER D 136 -7.56 -11.15 -30.53
N GLN D 137 -8.83 -11.54 -30.71
CA GLN D 137 -9.08 -12.94 -31.05
C GLN D 137 -8.33 -13.31 -32.32
N HIS D 138 -8.33 -12.41 -33.31
CA HIS D 138 -7.62 -12.71 -34.55
C HIS D 138 -6.17 -13.09 -34.28
N PHE D 139 -5.44 -12.24 -33.54
CA PHE D 139 -4.03 -12.52 -33.34
C PHE D 139 -3.79 -13.59 -32.29
N GLN D 140 -4.75 -13.85 -31.40
CA GLN D 140 -4.63 -15.00 -30.52
C GLN D 140 -4.64 -16.30 -31.30
N THR D 141 -5.39 -16.32 -32.41
CA THR D 141 -5.49 -17.53 -33.23
C THR D 141 -4.19 -17.78 -33.99
N ILE D 142 -3.58 -16.73 -34.53
CA ILE D 142 -2.40 -16.90 -35.36
C ILE D 142 -1.09 -16.77 -34.59
N ASN D 143 -1.10 -16.07 -33.43
CA ASN D 143 0.12 -15.80 -32.67
C ASN D 143 -0.28 -15.62 -31.20
N ASP D 144 -0.58 -16.72 -30.52
CA ASP D 144 -0.89 -16.63 -29.09
C ASP D 144 0.38 -16.40 -28.29
N ILE D 145 0.41 -15.34 -27.50
CA ILE D 145 1.56 -15.03 -26.65
C ILE D 145 1.31 -15.67 -25.29
N PRO D 146 2.13 -16.65 -24.88
CA PRO D 146 1.94 -17.27 -23.56
C PRO D 146 2.55 -16.45 -22.44
N VAL D 147 1.96 -16.57 -21.25
CA VAL D 147 2.47 -15.84 -20.09
C VAL D 147 3.93 -16.15 -19.85
N ARG D 148 4.32 -17.43 -19.98
CA ARG D 148 5.72 -17.82 -19.75
C ARG D 148 6.68 -16.96 -20.54
N ASP D 149 6.32 -16.59 -21.77
CA ASP D 149 7.24 -15.82 -22.60
C ASP D 149 7.39 -14.39 -22.08
N LEU D 150 6.30 -13.79 -21.61
CA LEU D 150 6.41 -12.45 -21.03
C LEU D 150 7.18 -12.51 -19.72
N LEU D 151 6.94 -13.56 -18.91
CA LEU D 151 7.59 -13.65 -17.61
C LEU D 151 9.11 -13.75 -17.75
N THR D 152 9.60 -14.53 -18.71
CA THR D 152 11.04 -14.67 -18.86
C THR D 152 11.68 -13.37 -19.35
N ALA D 153 11.00 -12.64 -20.26
CA ALA D 153 11.49 -11.33 -20.66
C ALA D 153 11.46 -10.35 -19.48
N MET D 154 10.38 -10.37 -18.69
CA MET D 154 10.31 -9.55 -17.48
C MET D 154 11.46 -9.87 -16.53
N SER D 155 11.65 -11.17 -16.25
CA SER D 155 12.65 -11.57 -15.25
C SER D 155 14.04 -11.13 -15.65
N ALA D 156 14.37 -11.22 -16.94
CA ALA D 156 15.69 -10.81 -17.43
C ALA D 156 15.96 -9.34 -17.17
N GLU D 157 14.90 -8.54 -17.05
CA GLU D 157 14.97 -7.11 -16.81
C GLU D 157 14.79 -6.75 -15.34
N GLY D 158 14.69 -7.76 -14.46
CA GLY D 158 14.52 -7.50 -13.05
C GLY D 158 13.09 -7.30 -12.61
N LEU D 159 12.12 -7.57 -13.47
CA LEU D 159 10.70 -7.44 -13.14
C LEU D 159 10.20 -8.79 -12.66
N THR D 160 9.59 -8.80 -11.48
CA THR D 160 9.27 -10.03 -10.76
C THR D 160 7.78 -10.11 -10.47
N ALA D 161 7.10 -10.99 -11.20
CA ALA D 161 5.70 -11.25 -10.90
C ALA D 161 5.58 -12.04 -9.60
N PHE D 162 4.45 -11.83 -8.92
CA PHE D 162 4.17 -12.49 -7.66
C PHE D 162 2.88 -13.29 -7.70
N ASP D 163 2.11 -13.20 -8.78
CA ASP D 163 0.91 -13.99 -8.95
C ASP D 163 0.72 -14.22 -10.43
N GLN D 164 -0.41 -14.85 -10.78
CA GLN D 164 -0.69 -15.21 -12.15
C GLN D 164 -0.76 -13.97 -13.05
N GLY D 165 -0.22 -14.11 -14.26
CA GLY D 165 -0.31 -13.02 -15.21
C GLY D 165 -1.73 -12.84 -15.73
N ILE D 166 -2.02 -11.61 -16.14
CA ILE D 166 -3.30 -11.26 -16.74
C ILE D 166 -3.16 -11.46 -18.24
N LYS D 167 -4.03 -12.28 -18.83
CA LYS D 167 -4.06 -12.48 -20.27
C LYS D 167 -5.51 -12.31 -20.72
N ILE D 168 -5.76 -11.26 -21.51
CA ILE D 168 -7.11 -10.88 -21.89
C ILE D 168 -7.16 -10.59 -23.37
N ALA D 169 -8.37 -10.63 -23.92
CA ALA D 169 -8.63 -10.26 -25.30
C ALA D 169 -9.87 -9.39 -25.34
N PHE D 170 -9.92 -8.50 -26.32
CA PHE D 170 -11.00 -7.54 -26.42
C PHE D 170 -12.31 -8.24 -26.75
N ALA D 171 -13.38 -7.76 -26.14
CA ALA D 171 -14.71 -8.30 -26.40
C ALA D 171 -15.14 -8.04 -27.83
N ALA D 172 -16.02 -8.88 -28.32
CA ALA D 172 -16.59 -8.63 -29.63
C ALA D 172 -17.60 -7.50 -29.55
N PRO D 173 -17.66 -6.62 -30.55
CA PRO D 173 -18.69 -5.58 -30.54
C PRO D 173 -20.08 -6.16 -30.80
N GLY D 174 -21.07 -5.43 -30.32
CA GLY D 174 -22.44 -5.74 -30.62
C GLY D 174 -22.87 -5.11 -31.92
N PRO D 175 -24.18 -5.03 -32.14
CA PRO D 175 -24.68 -4.55 -33.45
C PRO D 175 -24.30 -3.12 -33.76
N ARG D 176 -24.07 -2.27 -32.76
CA ARG D 176 -23.66 -0.90 -33.03
C ARG D 176 -22.17 -0.80 -33.37
N GLY D 177 -21.45 -1.90 -33.32
CA GLY D 177 -20.05 -1.88 -33.68
C GLY D 177 -19.20 -1.38 -32.53
N ARG D 178 -17.96 -1.01 -32.87
CA ARG D 178 -17.03 -0.48 -31.88
C ARG D 178 -17.24 1.03 -31.79
N ASP D 179 -18.31 1.39 -31.09
CA ASP D 179 -18.71 2.77 -30.95
C ASP D 179 -18.19 3.34 -29.63
N THR D 180 -18.61 4.55 -29.30
CA THR D 180 -18.17 5.22 -28.08
C THR D 180 -18.39 4.33 -26.86
N THR D 181 -19.59 3.76 -26.72
CA THR D 181 -19.89 2.91 -25.58
C THR D 181 -19.01 1.66 -25.55
N TYR D 182 -18.81 1.02 -26.72
CA TYR D 182 -17.95 -0.15 -26.77
C TYR D 182 -16.56 0.17 -26.24
N TRP D 183 -15.95 1.24 -26.77
CA TRP D 183 -14.58 1.56 -26.37
C TRP D 183 -14.51 1.98 -24.91
N GLN D 184 -15.56 2.62 -24.40
CA GLN D 184 -15.56 2.99 -22.98
C GLN D 184 -15.66 1.76 -22.10
N ASN D 185 -16.42 0.75 -22.54
CA ASN D 185 -16.49 -0.51 -21.78
C ASN D 185 -15.17 -1.26 -21.83
N VAL D 186 -14.47 -1.22 -22.96
CA VAL D 186 -13.13 -1.80 -23.05
C VAL D 186 -12.22 -1.16 -22.00
N LYS D 187 -12.16 0.17 -22.01
CA LYS D 187 -11.31 0.89 -21.07
C LYS D 187 -11.68 0.57 -19.64
N ASP D 188 -12.98 0.54 -19.33
CA ASP D 188 -13.40 0.26 -17.96
C ASP D 188 -13.00 -1.15 -17.53
N SER D 189 -13.11 -2.13 -18.44
CA SER D 189 -12.79 -3.50 -18.07
C SER D 189 -11.29 -3.70 -17.89
N VAL D 190 -10.48 -3.06 -18.74
CA VAL D 190 -9.04 -3.14 -18.57
C VAL D 190 -8.63 -2.52 -17.25
N GLN D 191 -9.14 -1.31 -16.97
CA GLN D 191 -8.73 -0.63 -15.75
C GLN D 191 -9.19 -1.39 -14.52
N TYR D 192 -10.38 -1.99 -14.56
CA TYR D 192 -10.83 -2.80 -13.43
C TYR D 192 -9.93 -4.01 -13.23
N GLU D 193 -9.57 -4.69 -14.32
CA GLU D 193 -8.70 -5.86 -14.20
C GLU D 193 -7.37 -5.49 -13.56
N LEU D 194 -6.82 -4.33 -13.92
CA LEU D 194 -5.52 -3.92 -13.39
C LEU D 194 -5.62 -3.46 -11.95
N GLU D 195 -6.72 -2.77 -11.61
CA GLU D 195 -6.91 -2.25 -10.27
C GLU D 195 -6.65 -3.31 -9.21
N GLN D 196 -7.23 -4.50 -9.40
CA GLN D 196 -7.10 -5.57 -8.41
C GLN D 196 -5.63 -5.86 -8.12
N GLN D 197 -4.80 -5.87 -9.15
CA GLN D 197 -3.39 -6.18 -8.95
C GLN D 197 -2.61 -4.97 -8.44
N LEU D 198 -2.98 -3.77 -8.88
CA LEU D 198 -2.24 -2.59 -8.43
C LEU D 198 -2.46 -2.29 -6.96
N LYS D 199 -3.56 -2.78 -6.37
CA LYS D 199 -3.77 -2.66 -4.93
C LYS D 199 -2.75 -3.47 -4.14
N ARG D 200 -2.12 -4.46 -4.78
CA ARG D 200 -1.24 -5.41 -4.11
C ARG D 200 0.16 -4.80 -3.95
N ARG D 201 0.18 -3.73 -3.16
CA ARG D 201 1.40 -3.03 -2.81
C ARG D 201 2.35 -3.93 -2.04
N GLY D 202 3.62 -3.59 -2.07
CA GLY D 202 4.62 -4.42 -1.42
C GLY D 202 6.00 -3.81 -1.52
N GLY D 203 7.01 -4.65 -1.34
CA GLY D 203 8.36 -4.14 -1.34
C GLY D 203 8.66 -3.35 -0.06
N THR D 204 9.76 -2.60 -0.12
CA THR D 204 10.28 -1.94 1.07
C THR D 204 9.41 -0.75 1.49
N TYR D 205 8.75 -0.10 0.53
CA TYR D 205 8.10 1.18 0.79
C TYR D 205 6.60 1.17 0.56
N GLY D 206 6.02 0.01 0.26
CA GLY D 206 4.60 -0.08 0.00
C GLY D 206 4.17 0.43 -1.35
N ASP D 207 5.09 0.52 -2.31
CA ASP D 207 4.74 0.97 -3.65
C ASP D 207 3.83 -0.03 -4.34
N SER D 208 2.95 0.48 -5.21
CA SER D 208 2.21 -0.37 -6.11
C SER D 208 3.18 -1.05 -7.09
N PRO D 209 2.87 -2.26 -7.54
CA PRO D 209 3.74 -2.94 -8.49
C PRO D 209 3.73 -2.26 -9.84
N ALA D 210 4.81 -2.49 -10.58
CA ALA D 210 4.93 -2.02 -11.94
C ALA D 210 4.03 -2.86 -12.85
N LEU D 211 3.64 -2.26 -13.97
CA LEU D 211 2.90 -2.97 -15.01
C LEU D 211 3.87 -3.33 -16.13
N ALA D 212 3.88 -4.60 -16.52
CA ALA D 212 4.65 -5.10 -17.64
C ALA D 212 3.62 -5.56 -18.67
N VAL D 213 3.55 -4.87 -19.82
CA VAL D 213 2.43 -5.05 -20.73
C VAL D 213 2.95 -5.30 -22.14
N VAL D 214 2.38 -6.29 -22.82
CA VAL D 214 2.60 -6.51 -24.24
C VAL D 214 1.24 -6.62 -24.91
N GLY D 215 1.13 -6.06 -26.10
CA GLY D 215 -0.11 -6.10 -26.84
C GLY D 215 0.12 -6.62 -28.25
N LEU D 216 -0.84 -7.40 -28.75
CA LEU D 216 -0.82 -7.81 -30.16
C LEU D 216 -2.28 -7.88 -30.56
N ALA D 217 -2.75 -6.81 -31.18
CA ALA D 217 -4.14 -6.66 -31.59
C ALA D 217 -4.17 -5.61 -32.68
N ASP D 218 -5.36 -5.31 -33.18
CA ASP D 218 -5.49 -4.22 -34.15
C ASP D 218 -5.02 -2.91 -33.54
N ILE D 219 -4.50 -2.03 -34.39
CA ILE D 219 -3.91 -0.78 -33.91
C ILE D 219 -4.91 0.04 -33.11
N PRO D 220 -6.17 0.20 -33.52
CA PRO D 220 -7.12 0.98 -32.70
C PRO D 220 -7.31 0.42 -31.30
N ALA D 221 -7.40 -0.90 -31.18
CA ALA D 221 -7.55 -1.51 -29.88
C ALA D 221 -6.31 -1.30 -29.03
N LEU D 222 -5.13 -1.35 -29.65
CA LEU D 222 -3.90 -1.09 -28.91
C LEU D 222 -3.83 0.35 -28.44
N MET D 223 -4.30 1.30 -29.26
CA MET D 223 -4.35 2.67 -28.80
C MET D 223 -5.27 2.81 -27.59
N MET D 224 -6.38 2.07 -27.59
CA MET D 224 -7.26 2.14 -26.43
C MET D 224 -6.66 1.45 -25.22
N LEU D 225 -5.85 0.41 -25.41
CA LEU D 225 -5.07 -0.12 -24.31
C LEU D 225 -4.15 0.96 -23.74
N GLY D 226 -3.48 1.71 -24.60
CA GLY D 226 -2.67 2.83 -24.12
C GLY D 226 -3.48 3.88 -23.39
N GLN D 227 -4.65 4.22 -23.92
CA GLN D 227 -5.56 5.13 -23.24
C GLN D 227 -5.92 4.64 -21.84
N SER D 228 -6.00 3.32 -21.66
CA SER D 228 -6.40 2.75 -20.37
C SER D 228 -5.27 2.81 -19.35
N ILE D 229 -4.03 2.59 -19.79
CA ILE D 229 -2.92 2.46 -18.85
C ILE D 229 -2.19 3.78 -18.61
N GLY D 230 -2.22 4.71 -19.56
CA GLY D 230 -1.51 5.96 -19.43
C GLY D 230 0.01 5.80 -19.41
N ASP D 231 0.67 6.88 -18.98
CA ASP D 231 2.13 6.94 -18.96
C ASP D 231 2.65 7.68 -17.74
N ARG D 232 1.92 7.61 -16.63
CA ARG D 232 2.27 8.35 -15.40
C ARG D 232 2.27 7.41 -14.20
N SER D 233 2.94 6.27 -14.38
CA SER D 233 3.10 5.25 -13.37
C SER D 233 4.28 4.40 -13.81
N LYS D 234 4.75 3.53 -12.90
CA LYS D 234 5.84 2.63 -13.29
C LYS D 234 5.28 1.54 -14.19
N ARG D 235 5.62 1.61 -15.48
CA ARG D 235 5.02 0.75 -16.48
C ARG D 235 6.07 0.50 -17.55
N LEU D 236 6.25 -0.76 -17.93
N LEU D 236 6.25 -0.76 -17.93
CA LEU D 236 7.22 -1.13 -18.95
CA LEU D 236 7.21 -1.15 -18.94
C LEU D 236 6.51 -1.89 -20.05
C LEU D 236 6.50 -1.90 -20.06
N ILE D 237 6.54 -1.33 -21.26
CA ILE D 237 5.98 -1.98 -22.43
C ILE D 237 6.99 -3.01 -22.93
N PHE D 238 6.49 -4.19 -23.29
CA PHE D 238 7.25 -5.19 -24.02
C PHE D 238 6.66 -5.32 -25.41
N SER D 239 7.41 -5.93 -26.32
CA SER D 239 7.05 -5.97 -27.72
C SER D 239 7.23 -7.38 -28.27
N PHE D 240 6.23 -7.87 -29.00
CA PHE D 240 6.38 -9.13 -29.71
C PHE D 240 7.06 -8.88 -31.06
N HIS D 241 8.13 -9.62 -31.32
CA HIS D 241 8.97 -9.47 -32.49
C HIS D 241 8.95 -10.76 -33.28
N ARG D 242 8.81 -10.66 -34.60
CA ARG D 242 8.65 -11.87 -35.42
C ARG D 242 9.86 -12.80 -35.28
N GLU D 243 11.06 -12.23 -35.14
CA GLU D 243 12.25 -13.04 -34.98
C GLU D 243 12.59 -13.32 -33.52
N HIS D 244 12.62 -12.29 -32.67
CA HIS D 244 13.09 -12.44 -31.30
C HIS D 244 11.99 -12.67 -30.29
N LEU D 245 10.72 -12.69 -30.72
CA LEU D 245 9.57 -12.98 -29.85
C LEU D 245 9.50 -11.85 -28.82
N LEU D 246 9.42 -12.15 -27.52
CA LEU D 246 9.28 -11.09 -26.53
C LEU D 246 10.62 -10.57 -26.03
N ARG D 247 11.74 -11.12 -26.50
CA ARG D 247 13.05 -10.59 -26.14
C ARG D 247 13.40 -9.43 -27.05
N TRP D 248 14.07 -8.42 -26.50
CA TRP D 248 14.46 -7.27 -27.30
C TRP D 248 15.52 -7.67 -28.33
N PRO D 249 15.38 -7.27 -29.59
CA PRO D 249 16.38 -7.66 -30.59
C PRO D 249 17.79 -7.18 -30.28
N ASP D 250 17.95 -5.96 -29.78
CA ASP D 250 19.29 -5.39 -29.64
C ASP D 250 19.24 -4.23 -28.66
N GLN D 251 19.64 -4.49 -27.42
CA GLN D 251 19.59 -3.47 -26.38
C GLN D 251 20.53 -2.31 -26.66
N SER D 252 21.53 -2.50 -27.52
CA SER D 252 22.49 -1.43 -27.79
C SER D 252 22.08 -0.53 -28.94
N ALA D 253 21.06 -0.89 -29.70
CA ALA D 253 20.72 -0.15 -30.91
C ALA D 253 20.27 1.27 -30.58
N GLU D 254 20.78 2.23 -31.34
CA GLU D 254 20.30 3.59 -31.23
C GLU D 254 18.94 3.71 -31.91
N PRO D 255 18.05 4.54 -31.38
CA PRO D 255 16.76 4.74 -32.06
C PRO D 255 16.97 5.44 -33.38
N PRO D 256 16.11 5.18 -34.36
CA PRO D 256 16.24 5.86 -35.66
C PRO D 256 15.86 7.32 -35.54
N SER D 257 16.29 8.10 -36.53
CA SER D 257 15.74 9.43 -36.71
C SER D 257 14.30 9.33 -37.19
N PHE D 258 13.48 10.29 -36.80
CA PHE D 258 12.08 10.35 -37.23
C PHE D 258 11.89 11.54 -38.16
N LEU D 259 11.51 11.25 -39.39
CA LEU D 259 11.45 12.23 -40.47
C LEU D 259 10.06 12.81 -40.58
N PHE D 260 9.95 14.13 -40.52
CA PHE D 260 8.66 14.81 -40.50
C PHE D 260 8.40 15.54 -41.80
N THR D 261 7.23 15.31 -42.37
CA THR D 261 6.72 16.05 -43.52
C THR D 261 5.60 16.94 -43.03
N PRO D 262 5.78 18.27 -42.98
CA PRO D 262 4.69 19.12 -42.51
C PRO D 262 3.56 19.14 -43.53
N PRO D 263 2.33 19.42 -43.10
CA PRO D 263 1.21 19.40 -44.02
C PRO D 263 1.21 20.64 -44.89
N PRO D 264 0.78 20.53 -46.14
CA PRO D 264 0.61 21.73 -46.95
C PRO D 264 -0.47 22.64 -46.38
N ASN D 265 -0.36 23.92 -46.68
CA ASN D 265 -1.46 24.83 -46.38
C ASN D 265 -2.69 24.40 -47.16
N GLY D 266 -3.85 24.83 -46.69
CA GLY D 266 -5.10 24.48 -47.34
C GLY D 266 -6.22 24.35 -46.32
N ASP D 267 -7.40 24.01 -46.84
CA ASP D 267 -8.61 23.88 -46.04
C ASP D 267 -9.03 22.44 -45.83
N GLY D 268 -8.43 21.49 -46.55
CA GLY D 268 -8.82 20.11 -46.44
C GLY D 268 -8.59 19.55 -45.05
N PRO D 269 -9.16 18.39 -44.77
CA PRO D 269 -8.97 17.76 -43.46
C PRO D 269 -7.50 17.41 -43.23
N LEU D 270 -7.07 17.58 -41.99
CA LEU D 270 -5.67 17.38 -41.63
C LEU D 270 -5.45 15.90 -41.33
N ALA D 271 -4.49 15.30 -42.02
CA ALA D 271 -4.16 13.90 -41.86
C ALA D 271 -2.74 13.79 -41.33
N LEU D 272 -2.52 12.80 -40.47
CA LEU D 272 -1.20 12.42 -40.02
C LEU D 272 -0.97 10.97 -40.43
N VAL D 273 0.03 10.76 -41.28
CA VAL D 273 0.38 9.43 -41.76
C VAL D 273 1.66 9.00 -41.05
N LEU D 274 1.60 7.85 -40.39
CA LEU D 274 2.75 7.30 -39.67
C LEU D 274 3.28 6.12 -40.48
N SER D 275 4.44 6.32 -41.11
CA SER D 275 5.08 5.28 -41.92
C SER D 275 6.31 4.77 -41.19
N ILE D 276 6.07 3.88 -40.21
CA ILE D 276 7.11 3.36 -39.35
C ILE D 276 7.39 1.89 -39.68
N SER D 277 6.34 1.06 -39.72
CA SER D 277 6.48 -0.32 -40.15
C SER D 277 6.66 -0.45 -41.65
N ALA D 278 6.13 0.51 -42.40
CA ALA D 278 6.08 0.45 -43.86
C ALA D 278 5.72 1.84 -44.35
N GLN D 279 5.96 2.09 -45.64
CA GLN D 279 5.61 3.36 -46.25
C GLN D 279 4.17 3.31 -46.72
N VAL D 280 3.31 4.14 -46.12
CA VAL D 280 1.89 4.19 -46.47
C VAL D 280 1.74 4.99 -47.76
N PRO D 281 1.11 4.43 -48.80
CA PRO D 281 0.91 5.20 -50.04
C PRO D 281 -0.07 6.34 -49.82
N VAL D 282 0.34 7.56 -50.20
CA VAL D 282 -0.49 8.73 -49.95
C VAL D 282 -1.84 8.61 -50.65
N ARG D 283 -1.88 7.97 -51.82
CA ARG D 283 -3.15 7.83 -52.54
C ARG D 283 -4.17 7.03 -51.73
N ASP D 284 -3.72 6.04 -50.95
CA ASP D 284 -4.65 5.30 -50.11
C ASP D 284 -5.28 6.21 -49.06
N VAL D 285 -4.56 7.25 -48.65
CA VAL D 285 -5.07 8.19 -47.66
C VAL D 285 -6.09 9.14 -48.28
N THR D 286 -5.74 9.73 -49.42
CA THR D 286 -6.66 10.68 -50.07
C THR D 286 -7.89 9.97 -50.60
N ASP D 287 -7.78 8.69 -50.95
CA ASP D 287 -8.97 7.91 -51.31
C ASP D 287 -9.95 7.87 -50.14
N ALA D 288 -9.44 7.56 -48.94
CA ALA D 288 -10.30 7.45 -47.77
C ALA D 288 -10.75 8.81 -47.27
N LEU D 289 -9.96 9.85 -47.53
CA LEU D 289 -10.19 11.19 -46.96
C LEU D 289 -9.90 12.22 -48.04
N PRO D 290 -10.87 12.49 -48.91
CA PRO D 290 -10.60 13.38 -50.05
C PRO D 290 -10.18 14.78 -49.61
N GLY D 291 -9.19 15.33 -50.31
CA GLY D 291 -8.69 16.66 -50.02
C GLY D 291 -7.74 16.75 -48.85
N ALA D 292 -7.28 15.61 -48.33
CA ALA D 292 -6.50 15.60 -47.11
C ALA D 292 -5.23 16.44 -47.24
N ARG D 293 -4.93 17.20 -46.18
CA ARG D 293 -3.65 17.85 -46.01
C ARG D 293 -2.79 16.88 -45.22
N ILE D 294 -1.77 16.32 -45.85
CA ILE D 294 -1.05 15.18 -45.29
C ILE D 294 0.24 15.66 -44.65
N ALA D 295 0.32 15.44 -43.35
CA ALA D 295 1.56 15.45 -42.59
C ALA D 295 2.00 14.01 -42.39
N GLU D 296 3.31 13.80 -42.30
CA GLU D 296 3.83 12.45 -42.22
C GLU D 296 4.97 12.38 -41.22
N LEU D 297 5.05 11.26 -40.50
CA LEU D 297 6.17 10.94 -39.65
C LEU D 297 6.67 9.56 -40.06
N SER D 298 7.95 9.45 -40.41
CA SER D 298 8.49 8.20 -40.91
C SER D 298 9.88 8.00 -40.33
N ILE D 299 10.49 6.88 -40.69
CA ILE D 299 11.89 6.61 -40.36
C ILE D 299 12.62 6.33 -41.67
N PRO D 300 13.95 6.40 -41.66
CA PRO D 300 14.69 6.22 -42.92
C PRO D 300 14.41 4.89 -43.60
N GLU D 301 14.29 3.79 -42.85
CA GLU D 301 14.00 2.48 -43.42
C GLU D 301 12.82 1.87 -42.67
N PRO D 302 11.59 2.20 -43.06
CA PRO D 302 10.42 1.58 -42.42
C PRO D 302 10.53 0.07 -42.47
N SER D 303 10.20 -0.58 -41.34
CA SER D 303 10.39 -2.01 -41.22
C SER D 303 9.55 -2.57 -40.09
N TYR D 304 9.00 -3.76 -40.32
CA TYR D 304 8.31 -4.46 -39.24
C TYR D 304 9.23 -4.79 -38.08
N ALA D 305 10.55 -4.82 -38.31
CA ALA D 305 11.50 -5.26 -37.29
C ALA D 305 12.08 -4.13 -36.46
N MET D 306 11.55 -2.92 -36.56
CA MET D 306 12.28 -1.74 -36.09
C MET D 306 12.24 -1.56 -34.57
N VAL D 307 11.38 -2.26 -33.84
CA VAL D 307 11.36 -2.09 -32.39
C VAL D 307 12.51 -2.89 -31.79
N GLN D 308 13.72 -2.33 -31.86
CA GLN D 308 14.91 -3.05 -31.42
C GLN D 308 15.08 -3.11 -29.92
N ASN D 309 14.51 -2.13 -29.20
CA ASN D 309 14.59 -2.06 -27.74
C ASN D 309 13.54 -1.04 -27.29
N ARG D 310 13.35 -0.93 -25.97
CA ARG D 310 12.32 -0.05 -25.47
C ARG D 310 12.62 1.42 -25.74
N ARG D 311 13.90 1.78 -25.85
CA ARG D 311 14.25 3.17 -26.16
C ARG D 311 13.70 3.60 -27.51
N VAL D 312 13.54 2.66 -28.45
CA VAL D 312 12.91 2.99 -29.73
C VAL D 312 11.48 3.48 -29.51
N ILE D 313 10.77 2.87 -28.56
CA ILE D 313 9.40 3.27 -28.28
C ILE D 313 9.38 4.66 -27.66
N HIS D 314 10.25 4.89 -26.67
CA HIS D 314 10.34 6.22 -26.07
C HIS D 314 10.68 7.28 -27.12
N ALA D 315 11.61 6.97 -28.01
CA ALA D 315 12.02 7.94 -29.01
C ALA D 315 10.90 8.25 -29.99
N PHE D 316 10.13 7.23 -30.37
CA PHE D 316 8.94 7.45 -31.17
C PHE D 316 7.96 8.40 -30.49
N ARG D 317 7.68 8.16 -29.20
CA ARG D 317 6.78 9.05 -28.48
C ARG D 317 7.29 10.48 -28.48
N ASP D 318 8.59 10.67 -28.23
CA ASP D 318 9.12 12.03 -28.15
C ASP D 318 8.96 12.75 -29.47
N ALA D 319 9.33 12.09 -30.57
CA ALA D 319 9.22 12.69 -31.89
C ALA D 319 7.76 12.95 -32.24
N LEU D 320 6.90 11.96 -31.96
CA LEU D 320 5.48 12.10 -32.25
C LEU D 320 4.90 13.31 -31.54
N GLN D 321 5.16 13.44 -30.22
CA GLN D 321 4.52 14.51 -29.48
C GLN D 321 5.03 15.88 -29.91
N ILE D 322 6.31 15.99 -30.28
CA ILE D 322 6.82 17.24 -30.81
C ILE D 322 6.00 17.66 -32.02
N ARG D 323 5.65 16.71 -32.88
CA ARG D 323 4.89 17.05 -34.08
C ARG D 323 3.41 17.21 -33.79
N LEU D 324 2.86 16.39 -32.89
CA LEU D 324 1.45 16.57 -32.53
C LEU D 324 1.21 17.95 -31.93
N SER D 325 2.19 18.48 -31.19
CA SER D 325 2.07 19.83 -30.67
C SER D 325 1.91 20.84 -31.81
N GLN D 326 2.67 20.63 -32.89
CA GLN D 326 2.54 21.53 -34.04
C GLN D 326 1.21 21.34 -34.74
N LEU D 327 0.80 20.10 -34.97
CA LEU D 327 -0.42 19.84 -35.72
C LEU D 327 -1.65 20.28 -34.94
N GLU D 328 -1.69 19.99 -33.64
CA GLU D 328 -2.84 20.40 -32.84
C GLU D 328 -2.98 21.91 -32.81
N ALA D 329 -1.86 22.64 -32.80
CA ALA D 329 -1.91 24.09 -32.83
C ALA D 329 -2.35 24.62 -34.19
N LEU D 330 -2.18 23.83 -35.24
CA LEU D 330 -2.45 24.30 -36.60
C LEU D 330 -3.94 24.46 -36.86
N THR D 331 -4.78 23.66 -36.22
CA THR D 331 -6.20 23.64 -36.52
C THR D 331 -7.01 23.18 -35.32
N PRO D 332 -8.20 23.75 -35.12
CA PRO D 332 -9.11 23.21 -34.09
C PRO D 332 -9.76 21.90 -34.49
N ASP D 333 -9.67 21.52 -35.75
CA ASP D 333 -10.39 20.37 -36.27
C ASP D 333 -9.64 19.08 -35.98
N PRO D 334 -10.30 17.93 -36.16
CA PRO D 334 -9.65 16.66 -35.80
C PRO D 334 -8.44 16.36 -36.65
N ILE D 335 -7.54 15.59 -36.07
CA ILE D 335 -6.41 15.01 -36.78
C ILE D 335 -6.79 13.59 -37.15
N HIS D 336 -6.73 13.29 -38.44
CA HIS D 336 -7.09 11.98 -38.99
C HIS D 336 -5.83 11.16 -39.14
N VAL D 337 -5.78 10.01 -38.47
CA VAL D 337 -4.56 9.23 -38.30
C VAL D 337 -4.59 7.99 -39.17
N PHE D 338 -3.54 7.80 -39.95
CA PHE D 338 -3.32 6.64 -40.81
C PHE D 338 -1.96 6.07 -40.44
N ALA D 339 -1.95 4.92 -39.76
CA ALA D 339 -0.73 4.45 -39.09
C ALA D 339 -0.34 3.07 -39.55
N ALA D 340 0.87 2.96 -40.08
CA ALA D 340 1.54 1.69 -40.27
C ALA D 340 2.63 1.64 -39.20
N ILE D 341 2.29 1.14 -38.02
CA ILE D 341 3.21 1.19 -36.88
C ILE D 341 3.19 -0.15 -36.16
N PRO D 342 4.31 -0.52 -35.54
CA PRO D 342 4.33 -1.71 -34.70
C PRO D 342 3.39 -1.61 -33.50
N ALA D 343 3.04 -2.79 -32.98
CA ALA D 343 2.02 -2.87 -31.94
C ALA D 343 2.42 -2.09 -30.69
N ALA D 344 3.68 -2.20 -30.29
CA ALA D 344 4.13 -1.50 -29.08
C ALA D 344 4.02 0.02 -29.26
N LEU D 345 4.25 0.51 -30.48
N LEU D 345 4.25 0.51 -30.48
CA LEU D 345 4.14 1.94 -30.71
CA LEU D 345 4.14 1.94 -30.71
C LEU D 345 2.68 2.41 -30.70
C LEU D 345 2.70 2.42 -30.72
N ALA D 346 1.76 1.55 -31.11
CA ALA D 346 0.34 1.91 -31.04
C ALA D 346 -0.10 2.08 -29.60
N ILE D 347 0.41 1.24 -28.70
CA ILE D 347 0.09 1.39 -27.28
C ILE D 347 0.60 2.74 -26.78
N GLU D 348 1.85 3.06 -27.09
CA GLU D 348 2.42 4.29 -26.57
C GLU D 348 1.73 5.52 -27.17
N PHE D 349 1.34 5.43 -28.45
CA PHE D 349 0.51 6.48 -29.05
C PHE D 349 -0.73 6.74 -28.18
N GLY D 350 -1.45 5.66 -27.85
CA GLY D 350 -2.63 5.83 -27.03
C GLY D 350 -2.32 6.42 -25.66
N ALA D 351 -1.23 5.96 -25.04
CA ALA D 351 -0.90 6.43 -23.69
C ALA D 351 -0.47 7.89 -23.69
N LEU D 352 0.14 8.36 -24.77
CA LEU D 352 0.58 9.75 -24.85
C LEU D 352 -0.60 10.71 -24.74
N LEU D 353 -1.73 10.34 -25.34
CA LEU D 353 -2.90 11.21 -25.42
C LEU D 353 -3.82 11.04 -24.21
N THR D 354 -3.23 11.04 -23.00
CA THR D 354 -4.01 10.86 -21.78
C THR D 354 -3.82 12.01 -20.79
N THR D 355 -3.28 13.14 -21.24
CA THR D 355 -3.29 14.34 -20.44
C THR D 355 -4.72 14.84 -20.24
N GLN D 356 -4.87 15.80 -19.32
CA GLN D 356 -6.13 16.54 -19.21
C GLN D 356 -6.49 17.15 -20.55
N HIS D 357 -5.52 17.82 -21.20
CA HIS D 357 -5.72 18.36 -22.53
C HIS D 357 -6.05 17.25 -23.51
N GLN D 358 -7.08 17.49 -24.33
CA GLN D 358 -7.51 16.50 -25.33
C GLN D 358 -7.86 17.19 -26.64
N HIS D 359 -7.12 16.88 -27.70
CA HIS D 359 -7.47 17.21 -29.06
C HIS D 359 -8.18 16.01 -29.68
N THR D 360 -9.10 16.27 -30.61
CA THR D 360 -9.85 15.18 -31.23
C THR D 360 -8.98 14.48 -32.29
N TYR D 361 -8.87 13.17 -32.17
CA TYR D 361 -8.22 12.33 -33.18
C TYR D 361 -9.23 11.34 -33.74
N LEU D 362 -9.20 11.17 -35.06
CA LEU D 362 -10.02 10.18 -35.76
C LEU D 362 -9.07 9.15 -36.36
N ILE D 363 -9.13 7.92 -35.83
CA ILE D 363 -8.18 6.86 -36.19
C ILE D 363 -8.78 6.03 -37.30
N PHE D 364 -8.04 5.88 -38.40
CA PHE D 364 -8.40 4.99 -39.48
C PHE D 364 -7.59 3.71 -39.40
N ASP D 365 -8.12 2.65 -40.01
CA ASP D 365 -7.41 1.39 -40.11
C ASP D 365 -7.81 0.70 -41.41
N ARG D 366 -6.97 -0.21 -41.86
CA ARG D 366 -7.19 -0.89 -43.12
C ARG D 366 -8.20 -2.01 -42.97
N ASP D 367 -9.11 -2.10 -43.95
CA ASP D 367 -10.05 -3.21 -44.08
C ASP D 367 -9.50 -4.13 -45.15
N LYS D 368 -8.76 -5.16 -44.74
CA LYS D 368 -8.03 -5.99 -45.69
C LYS D 368 -8.96 -6.73 -46.64
N GLU D 369 -10.24 -6.85 -46.30
CA GLU D 369 -11.21 -7.49 -47.17
C GLU D 369 -12.06 -6.49 -47.95
N ASN D 370 -11.74 -5.20 -47.86
CA ASN D 370 -12.32 -4.19 -48.75
C ASN D 370 -11.18 -3.53 -49.52
N GLN D 371 -10.38 -4.35 -50.21
CA GLN D 371 -9.24 -3.86 -51.00
C GLN D 371 -8.33 -2.96 -50.16
N ASP D 372 -8.13 -3.34 -48.90
CA ASP D 372 -7.18 -2.69 -48.01
C ASP D 372 -7.49 -1.21 -47.82
N ARG D 373 -8.73 -0.80 -48.01
CA ARG D 373 -9.11 0.60 -47.93
C ARG D 373 -9.21 1.03 -46.46
N PHE D 374 -8.69 2.23 -46.18
CA PHE D 374 -8.77 2.77 -44.83
C PHE D 374 -10.22 3.11 -44.48
N THR D 375 -10.57 2.90 -43.22
CA THR D 375 -11.91 3.24 -42.74
C THR D 375 -11.78 3.76 -41.31
N GLN D 376 -12.59 4.75 -40.98
CA GLN D 376 -12.56 5.35 -39.65
C GLN D 376 -13.14 4.38 -38.60
N THR D 377 -12.43 4.20 -37.49
CA THR D 377 -12.83 3.18 -36.52
C THR D 377 -12.73 3.58 -35.06
N LEU D 378 -12.14 4.73 -34.72
CA LEU D 378 -11.97 5.11 -33.33
C LEU D 378 -11.80 6.62 -33.25
N GLN D 379 -12.48 7.23 -32.28
CA GLN D 379 -12.31 8.64 -31.99
C GLN D 379 -11.73 8.79 -30.59
N LEU D 380 -10.65 9.55 -30.48
CA LEU D 380 -10.08 9.95 -29.21
C LEU D 380 -10.35 11.44 -29.00
N GLY D 381 -10.50 11.84 -27.74
CA GLY D 381 -10.56 13.25 -27.42
C GLY D 381 -11.88 13.71 -26.85
N PRO D 382 -12.10 15.04 -26.85
CA PRO D 382 -13.34 15.61 -26.32
C PRO D 382 -14.52 15.32 -27.25
#